data_4UNI
#
_entry.id   4UNI
#
_cell.length_a   139.520
_cell.length_b   199.440
_cell.length_c   217.750
_cell.angle_alpha   90.00
_cell.angle_beta   90.00
_cell.angle_gamma   90.00
#
_symmetry.space_group_name_H-M   'C 2 2 21'
#
loop_
_entity.id
_entity.type
_entity.pdbx_description
1 polymer BETA-GALACTOSIDASE
2 non-polymer beta-D-galactopyranose
3 non-polymer 'TRIETHYLENE GLYCOL'
4 non-polymer DI(HYDROXYETHYL)ETHER
5 non-polymer GLYCEROL
6 non-polymer 'ZINC ION'
7 water water
#
_entity_poly.entity_id   1
_entity_poly.type   'polypeptide(L)'
_entity_poly.pdbx_seq_one_letter_code
;MSASTQHRAHRWPQPLPGNDRKIWFGADYNPDQWPEDVQDEDIRLMKQAGVNIVSLAIFSWANIETSDGNFEFDWLDRVI
DKLYKAGIAVDLASATASPPMWLTSAHPEVLRRDEQGHVIWPGARQHWRPTSPTFRTYALRLCREMAEHYKDNPAIVSWH
VGNEYGCHNYFDYSDDAVQAFREWCRDRYGTIDKVNAAWGTNFWSQRLNSFEEILPPRYVGGEGNFTNPGRLLDFKHFCS
DALKEFFCAERDVLSEVTPNIPLTTNFMVSASQNTLDYDDWAHEVDFVSNDHYFTPGSWHIDELAYSASLVDGISRKKPW
FLMEQSTSAVNWREINPRKEPGELIRDSMLHLAMGADAICYFQWRQSRSGAEKFHSAMLPLAGEHSQIYRDVCALGADLD
TLSDAGILRSKLSKARVAIVQDIQSEWATEHTATPTQHIREWTEPLDWFAAFANRGVTADVTPIHAQWDTYDAVVIPCVY
LFSEEMAERLRTFVRNGGKAFVTYYSALADEHDRLHTEGWPGLIGDVVGVRIEEHCPLGTLFPGMLDHLDVSNGTVVHDL
ADVIDAIADDTTVLATFEADPATGMDGRAAITVHPYHEGGVAYIAGKLGRDGISQSLPEICAALGFELDADPRAGDVLRV
VREQEDGAIFEFLFNRTRNTVTADRPAGDMLICSLATDSTDKVTLEPNGVLAFRR
;
_entity_poly.pdbx_strand_id   A,B,C
#
loop_
_chem_comp.id
_chem_comp.type
_chem_comp.name
_chem_comp.formula
GAL D-saccharide, beta linking beta-D-galactopyranose 'C6 H12 O6'
GOL non-polymer GLYCEROL 'C3 H8 O3'
PEG non-polymer DI(HYDROXYETHYL)ETHER 'C4 H10 O3'
PGE non-polymer 'TRIETHYLENE GLYCOL' 'C6 H14 O4'
ZN non-polymer 'ZINC ION' 'Zn 2'
#
# COMPACT_ATOMS: atom_id res chain seq x y z
N HIS A 7 -43.14 -9.92 15.25
CA HIS A 7 -42.88 -11.13 14.46
C HIS A 7 -42.16 -10.85 13.08
N ARG A 8 -42.68 -9.84 12.40
CA ARG A 8 -42.58 -9.67 10.92
C ARG A 8 -43.48 -10.59 10.03
N ALA A 9 -43.32 -11.92 10.12
CA ALA A 9 -44.24 -12.77 9.32
C ALA A 9 -43.76 -13.06 7.90
N HIS A 10 -43.50 -14.34 7.68
CA HIS A 10 -43.05 -14.83 6.40
C HIS A 10 -44.17 -14.69 5.33
N ARG A 11 -43.91 -13.79 4.37
CA ARG A 11 -44.72 -13.65 3.18
C ARG A 11 -43.88 -13.82 1.91
N TRP A 12 -43.95 -15.02 1.35
CA TRP A 12 -43.29 -15.39 0.11
C TRP A 12 -44.06 -14.91 -1.12
N PRO A 13 -43.35 -14.45 -2.18
CA PRO A 13 -43.98 -13.99 -3.42
C PRO A 13 -44.69 -15.12 -4.11
N GLN A 14 -45.86 -14.82 -4.67
CA GLN A 14 -46.75 -15.87 -5.16
C GLN A 14 -46.85 -15.86 -6.64
N PRO A 15 -47.33 -16.96 -7.21
CA PRO A 15 -47.46 -17.09 -8.67
C PRO A 15 -48.37 -16.02 -9.25
N LEU A 16 -48.22 -15.76 -10.54
CA LEU A 16 -49.13 -14.82 -11.11
C LEU A 16 -50.43 -15.61 -11.21
N PRO A 17 -51.56 -14.89 -11.17
CA PRO A 17 -52.92 -15.35 -11.40
C PRO A 17 -52.98 -16.58 -12.30
N GLY A 18 -53.35 -17.73 -11.75
CA GLY A 18 -53.61 -18.84 -12.63
C GLY A 18 -52.50 -19.84 -12.53
N ASN A 19 -51.29 -19.37 -12.24
CA ASN A 19 -50.16 -20.25 -12.20
C ASN A 19 -50.01 -21.02 -10.93
N ASP A 20 -49.25 -22.08 -11.04
CA ASP A 20 -49.00 -22.88 -9.87
C ASP A 20 -47.80 -22.33 -9.14
N ARG A 21 -47.43 -23.01 -8.08
CA ARG A 21 -46.28 -22.59 -7.35
C ARG A 21 -45.06 -23.34 -7.90
N LYS A 22 -44.05 -22.56 -8.26
CA LYS A 22 -42.78 -23.10 -8.71
C LYS A 22 -41.63 -22.46 -7.90
N ILE A 23 -40.51 -23.14 -7.79
CA ILE A 23 -39.26 -22.46 -7.46
C ILE A 23 -39.12 -21.30 -8.42
N TRP A 24 -38.92 -20.10 -7.89
CA TRP A 24 -38.65 -18.96 -8.77
C TRP A 24 -37.26 -19.10 -9.38
N PHE A 25 -37.12 -18.69 -10.63
CA PHE A 25 -35.87 -18.80 -11.32
C PHE A 25 -35.75 -17.59 -12.22
N GLY A 26 -34.82 -16.69 -11.92
CA GLY A 26 -34.73 -15.47 -12.69
C GLY A 26 -33.46 -14.67 -12.56
N ALA A 27 -33.56 -13.36 -12.72
CA ALA A 27 -32.40 -12.51 -12.78
C ALA A 27 -32.79 -11.06 -12.71
N ASP A 28 -31.81 -10.21 -12.37
CA ASP A 28 -31.94 -8.77 -12.61
C ASP A 28 -32.09 -8.66 -14.11
N TYR A 29 -32.87 -7.67 -14.54
CA TYR A 29 -33.20 -7.47 -15.94
C TYR A 29 -33.26 -5.98 -16.14
N ASN A 30 -32.47 -5.48 -17.08
CA ASN A 30 -32.33 -4.05 -17.27
C ASN A 30 -32.40 -3.78 -18.79
N PRO A 31 -33.61 -3.89 -19.36
CA PRO A 31 -33.93 -3.56 -20.75
C PRO A 31 -33.74 -2.09 -21.05
N ASP A 32 -33.80 -1.24 -20.02
CA ASP A 32 -33.62 0.19 -20.27
C ASP A 32 -32.19 0.54 -20.72
N GLN A 33 -31.33 -0.45 -20.92
CA GLN A 33 -30.00 -0.25 -21.49
C GLN A 33 -29.93 -0.80 -22.92
N TRP A 34 -31.06 -1.23 -23.47
CA TRP A 34 -31.09 -1.83 -24.79
C TRP A 34 -32.26 -1.32 -25.55
N PRO A 35 -32.19 -1.38 -26.89
CA PRO A 35 -33.32 -0.98 -27.76
C PRO A 35 -34.54 -1.81 -27.46
N GLU A 36 -35.72 -1.19 -27.46
CA GLU A 36 -36.94 -1.92 -27.10
C GLU A 36 -37.13 -3.17 -27.93
N ASP A 37 -36.59 -3.16 -29.14
CA ASP A 37 -36.79 -4.28 -30.05
C ASP A 37 -36.08 -5.59 -29.65
N VAL A 38 -35.26 -5.54 -28.60
CA VAL A 38 -34.58 -6.73 -28.11
C VAL A 38 -35.47 -7.54 -27.18
N GLN A 39 -36.49 -6.91 -26.62
CA GLN A 39 -37.31 -7.54 -25.58
C GLN A 39 -38.00 -8.86 -25.98
N ASP A 40 -38.45 -8.95 -27.22
CA ASP A 40 -39.15 -10.18 -27.63
C ASP A 40 -38.23 -11.36 -27.57
N GLU A 41 -36.97 -11.15 -27.97
CA GLU A 41 -35.94 -12.19 -27.86
C GLU A 41 -35.53 -12.47 -26.42
N ASP A 42 -35.40 -11.44 -25.59
CA ASP A 42 -35.15 -11.65 -24.19
C ASP A 42 -36.22 -12.62 -23.67
N ILE A 43 -37.47 -12.24 -23.88
CA ILE A 43 -38.60 -13.01 -23.34
C ILE A 43 -38.66 -14.43 -23.91
N ARG A 44 -38.32 -14.55 -25.18
CA ARG A 44 -38.32 -15.86 -25.83
C ARG A 44 -37.27 -16.75 -25.24
N LEU A 45 -36.09 -16.19 -25.03
CA LEU A 45 -34.97 -16.95 -24.51
C LEU A 45 -35.20 -17.25 -23.04
N MET A 46 -35.85 -16.31 -22.34
CA MET A 46 -36.18 -16.54 -20.93
C MET A 46 -37.06 -17.76 -20.83
N LYS A 47 -38.14 -17.79 -21.61
CA LYS A 47 -39.07 -18.91 -21.57
C LYS A 47 -38.31 -20.19 -21.86
N GLN A 48 -37.42 -20.16 -22.83
CA GLN A 48 -36.73 -21.36 -23.21
C GLN A 48 -35.86 -21.86 -22.03
N ALA A 49 -35.35 -20.92 -21.23
CA ALA A 49 -34.43 -21.22 -20.12
C ALA A 49 -35.19 -21.66 -18.85
N GLY A 50 -36.48 -21.35 -18.81
CA GLY A 50 -37.31 -21.72 -17.70
C GLY A 50 -37.47 -20.60 -16.68
N VAL A 51 -37.19 -19.39 -17.10
CA VAL A 51 -37.16 -18.26 -16.23
C VAL A 51 -38.57 -17.84 -15.99
N ASN A 52 -38.89 -17.54 -14.75
CA ASN A 52 -40.26 -17.21 -14.42
C ASN A 52 -40.48 -15.95 -13.62
N ILE A 53 -39.39 -15.26 -13.31
CA ILE A 53 -39.47 -13.98 -12.64
C ILE A 53 -38.28 -13.16 -13.05
N VAL A 54 -38.43 -11.86 -13.07
CA VAL A 54 -37.28 -11.02 -13.24
C VAL A 54 -37.39 -9.89 -12.22
N SER A 55 -36.27 -9.24 -11.91
CA SER A 55 -36.31 -8.07 -11.05
C SER A 55 -35.89 -6.86 -11.86
N LEU A 56 -36.77 -5.85 -12.02
CA LEU A 56 -36.41 -4.70 -12.84
C LEU A 56 -36.56 -3.34 -12.19
N ALA A 57 -35.93 -2.37 -12.84
CA ALA A 57 -35.96 -0.96 -12.45
C ALA A 57 -35.03 -0.67 -11.26
N ILE A 58 -34.24 -1.66 -10.86
CA ILE A 58 -33.37 -1.45 -9.69
C ILE A 58 -32.52 -0.15 -9.74
N PHE A 59 -31.93 0.18 -10.88
CA PHE A 59 -31.15 1.41 -10.96
C PHE A 59 -31.73 2.33 -12.02
N SER A 60 -33.05 2.28 -12.12
CA SER A 60 -33.71 2.93 -13.23
C SER A 60 -34.26 4.31 -12.84
N TRP A 61 -33.87 4.79 -11.66
CA TRP A 61 -34.31 6.11 -11.16
C TRP A 61 -34.27 7.23 -12.22
N ALA A 62 -33.12 7.42 -12.85
CA ALA A 62 -32.96 8.47 -13.85
C ALA A 62 -33.69 8.23 -15.19
N ASN A 63 -34.32 7.07 -15.37
CA ASN A 63 -35.11 6.81 -16.57
C ASN A 63 -36.59 6.73 -16.20
N ILE A 64 -36.90 7.09 -14.96
CA ILE A 64 -38.24 7.11 -14.46
C ILE A 64 -38.58 8.51 -13.99
N GLU A 65 -37.92 8.98 -12.94
CA GLU A 65 -37.99 10.40 -12.65
C GLU A 65 -36.95 11.15 -13.49
N THR A 66 -37.25 11.33 -14.77
CA THR A 66 -36.28 11.87 -15.73
C THR A 66 -35.81 13.29 -15.41
N SER A 67 -36.60 14.03 -14.62
CA SER A 67 -36.21 15.35 -14.09
C SER A 67 -36.93 15.64 -12.78
N ASP A 68 -36.54 16.69 -12.07
CA ASP A 68 -37.13 16.94 -10.75
C ASP A 68 -38.67 16.99 -10.86
N GLY A 69 -39.35 16.04 -10.21
CA GLY A 69 -40.78 15.99 -10.17
C GLY A 69 -41.43 15.42 -11.44
N ASN A 70 -40.63 15.03 -12.42
CA ASN A 70 -41.17 14.47 -13.64
C ASN A 70 -41.05 12.94 -13.72
N PHE A 71 -42.17 12.24 -13.55
CA PHE A 71 -42.19 10.77 -13.56
C PHE A 71 -42.79 10.17 -14.86
N GLU A 72 -42.06 9.21 -15.43
CA GLU A 72 -42.38 8.63 -16.73
C GLU A 72 -42.42 7.13 -16.65
N PHE A 73 -43.49 6.47 -17.09
CA PHE A 73 -43.59 5.03 -16.93
C PHE A 73 -43.80 4.20 -18.21
N ASP A 74 -43.86 4.86 -19.35
CA ASP A 74 -44.32 4.17 -20.55
C ASP A 74 -43.39 2.98 -20.89
N TRP A 75 -42.08 3.18 -20.87
CA TRP A 75 -41.16 2.08 -21.21
C TRP A 75 -41.29 0.91 -20.26
N LEU A 76 -41.55 1.21 -18.99
CA LEU A 76 -41.61 0.16 -17.99
C LEU A 76 -42.96 -0.54 -18.05
N ASP A 77 -44.04 0.20 -18.29
CA ASP A 77 -45.35 -0.45 -18.46
C ASP A 77 -45.28 -1.37 -19.67
N ARG A 78 -44.61 -0.94 -20.73
CA ARG A 78 -44.51 -1.79 -21.93
C ARG A 78 -43.76 -3.09 -21.65
N VAL A 79 -42.64 -2.99 -20.98
CA VAL A 79 -41.85 -4.18 -20.78
C VAL A 79 -42.56 -5.12 -19.81
N ILE A 80 -43.17 -4.57 -18.75
CA ILE A 80 -43.91 -5.39 -17.78
C ILE A 80 -45.05 -6.11 -18.50
N ASP A 81 -45.66 -5.44 -19.47
CA ASP A 81 -46.70 -6.06 -20.29
C ASP A 81 -46.22 -7.25 -21.13
N LYS A 82 -45.12 -7.09 -21.87
CA LYS A 82 -44.62 -8.24 -22.61
C LYS A 82 -44.26 -9.39 -21.65
N LEU A 83 -43.60 -9.05 -20.53
CA LEU A 83 -43.25 -10.04 -19.49
C LEU A 83 -44.47 -10.79 -18.90
N TYR A 84 -45.53 -10.03 -18.60
CA TYR A 84 -46.76 -10.56 -18.04
C TYR A 84 -47.48 -11.50 -19.00
N LYS A 85 -47.70 -11.01 -20.21
CA LYS A 85 -48.31 -11.80 -21.28
C LYS A 85 -47.52 -13.10 -21.46
N ALA A 86 -46.25 -13.09 -21.09
CA ALA A 86 -45.39 -14.24 -21.30
C ALA A 86 -45.43 -15.23 -20.14
N GLY A 87 -46.11 -14.88 -19.05
CA GLY A 87 -46.14 -15.76 -17.91
C GLY A 87 -44.99 -15.60 -16.94
N ILE A 88 -44.36 -14.42 -16.95
CA ILE A 88 -43.18 -14.13 -16.15
C ILE A 88 -43.52 -13.08 -15.06
N ALA A 89 -43.30 -13.41 -13.79
CA ALA A 89 -43.62 -12.46 -12.72
C ALA A 89 -42.59 -11.35 -12.67
N VAL A 90 -42.95 -10.21 -12.09
CA VAL A 90 -42.04 -9.06 -11.94
C VAL A 90 -41.78 -8.78 -10.44
N ASP A 91 -40.52 -8.82 -10.04
CA ASP A 91 -40.10 -8.37 -8.71
C ASP A 91 -39.65 -6.94 -8.93
N LEU A 92 -40.46 -5.98 -8.50
CA LEU A 92 -40.29 -4.59 -8.90
C LEU A 92 -39.42 -3.84 -7.90
N ALA A 93 -38.45 -3.09 -8.42
CA ALA A 93 -37.62 -2.26 -7.58
C ALA A 93 -38.33 -0.97 -7.23
N SER A 94 -37.88 -0.33 -6.15
CA SER A 94 -38.27 1.05 -5.83
C SER A 94 -37.54 2.02 -6.75
N ALA A 95 -36.47 1.53 -7.40
CA ALA A 95 -35.59 2.36 -8.25
C ALA A 95 -34.89 3.48 -7.47
N THR A 96 -34.66 3.26 -6.18
CA THR A 96 -34.15 4.32 -5.36
C THR A 96 -32.76 4.02 -4.93
N ALA A 97 -32.19 2.98 -5.52
CA ALA A 97 -30.87 2.50 -5.15
C ALA A 97 -29.79 3.57 -5.33
N SER A 98 -29.87 4.36 -6.40
CA SER A 98 -28.85 5.36 -6.72
C SER A 98 -29.52 6.52 -7.49
N PRO A 99 -29.26 7.78 -7.11
CA PRO A 99 -29.99 8.93 -7.63
C PRO A 99 -29.54 9.41 -8.99
N PRO A 100 -30.43 10.10 -9.71
CA PRO A 100 -30.11 10.60 -11.05
C PRO A 100 -29.04 11.66 -10.97
N MET A 101 -28.37 11.98 -12.09
CA MET A 101 -27.38 13.07 -12.16
C MET A 101 -27.98 14.44 -11.95
N TRP A 102 -29.25 14.61 -12.30
CA TRP A 102 -29.88 15.91 -12.13
C TRP A 102 -30.05 16.19 -10.65
N LEU A 103 -30.22 15.14 -9.86
CA LEU A 103 -30.53 15.27 -8.45
C LEU A 103 -29.31 15.67 -7.64
N THR A 104 -28.18 15.03 -7.90
CA THR A 104 -26.90 15.39 -7.25
C THR A 104 -26.37 16.75 -7.72
N SER A 105 -26.66 17.12 -8.96
CA SER A 105 -26.26 18.42 -9.47
C SER A 105 -27.04 19.55 -8.77
N ALA A 106 -28.35 19.37 -8.58
CA ALA A 106 -29.11 20.36 -7.77
C ALA A 106 -28.81 20.31 -6.28
N HIS A 107 -28.55 19.13 -5.71
CA HIS A 107 -28.31 19.04 -4.28
C HIS A 107 -27.05 18.30 -3.93
N PRO A 108 -25.90 18.91 -4.16
CA PRO A 108 -24.67 18.22 -3.85
C PRO A 108 -24.56 17.87 -2.39
N GLU A 109 -25.52 18.34 -1.59
CA GLU A 109 -25.54 18.08 -0.16
C GLU A 109 -25.99 16.66 0.18
N VAL A 110 -26.41 15.89 -0.82
CA VAL A 110 -26.74 14.50 -0.57
C VAL A 110 -25.50 13.61 -0.68
N LEU A 111 -24.37 14.15 -1.14
CA LEU A 111 -23.20 13.31 -1.40
C LEU A 111 -22.44 12.88 -0.14
N ARG A 112 -22.18 11.58 -0.01
CA ARG A 112 -21.51 11.04 1.17
C ARG A 112 -20.13 11.66 1.39
N ARG A 113 -19.62 11.52 2.61
CA ARG A 113 -18.26 11.92 2.92
C ARG A 113 -17.49 10.86 3.69
N ASP A 114 -16.27 10.55 3.24
CA ASP A 114 -15.45 9.49 3.83
C ASP A 114 -14.80 9.99 5.12
N GLU A 115 -13.96 9.18 5.78
CA GLU A 115 -13.44 9.59 7.10
C GLU A 115 -12.49 10.80 7.07
N GLN A 116 -11.95 11.12 5.90
CA GLN A 116 -11.12 12.30 5.75
C GLN A 116 -11.87 13.46 5.11
N GLY A 117 -13.18 13.34 4.99
CA GLY A 117 -14.02 14.43 4.55
C GLY A 117 -14.09 14.59 3.06
N HIS A 118 -13.45 13.67 2.34
CA HIS A 118 -13.53 13.59 0.89
C HIS A 118 -14.94 13.46 0.42
N VAL A 119 -15.31 14.30 -0.54
CA VAL A 119 -16.60 14.20 -1.18
C VAL A 119 -16.61 12.97 -2.06
N ILE A 120 -17.72 12.23 -2.00
CA ILE A 120 -17.96 11.10 -2.90
C ILE A 120 -18.91 11.47 -4.05
N TRP A 121 -18.32 11.52 -5.24
CA TRP A 121 -19.03 12.05 -6.39
C TRP A 121 -19.89 11.01 -7.07
N PRO A 122 -20.74 11.45 -7.99
CA PRO A 122 -21.41 10.49 -8.86
C PRO A 122 -20.41 9.91 -9.90
N GLY A 123 -20.75 8.82 -10.58
CA GLY A 123 -19.88 8.23 -11.59
C GLY A 123 -19.81 6.71 -11.44
N ALA A 124 -20.23 6.27 -10.25
CA ALA A 124 -20.38 4.88 -9.90
C ALA A 124 -21.77 4.81 -9.34
N ARG A 125 -21.93 4.31 -8.10
CA ARG A 125 -23.27 4.26 -7.50
C ARG A 125 -23.30 4.36 -5.98
N GLN A 126 -24.46 4.73 -5.47
CA GLN A 126 -24.69 4.76 -4.03
C GLN A 126 -23.76 5.77 -3.34
N HIS A 127 -23.68 6.95 -3.96
CA HIS A 127 -22.83 8.04 -3.49
C HIS A 127 -23.60 8.91 -2.48
N TRP A 128 -24.70 8.39 -1.93
CA TRP A 128 -25.56 9.23 -1.06
C TRP A 128 -25.35 9.00 0.44
N ARG A 129 -25.50 10.06 1.24
CA ARG A 129 -25.45 9.96 2.71
C ARG A 129 -26.66 9.19 3.23
N PRO A 130 -26.45 8.11 4.00
CA PRO A 130 -27.60 7.36 4.49
C PRO A 130 -28.62 8.21 5.25
N THR A 131 -28.15 9.22 5.97
CA THR A 131 -29.02 10.08 6.77
C THR A 131 -29.30 11.47 6.15
N SER A 132 -29.18 11.62 4.84
CA SER A 132 -29.54 12.89 4.23
C SER A 132 -31.06 13.11 4.17
N PRO A 133 -31.55 14.11 4.88
CA PRO A 133 -32.98 14.40 4.86
C PRO A 133 -33.46 14.77 3.46
N THR A 134 -32.67 15.55 2.74
CA THR A 134 -32.97 15.87 1.36
C THR A 134 -33.04 14.64 0.46
N PHE A 135 -32.07 13.74 0.57
CA PHE A 135 -32.10 12.53 -0.22
C PHE A 135 -33.26 11.66 0.19
N ARG A 136 -33.60 11.64 1.48
CA ARG A 136 -34.72 10.81 1.90
C ARG A 136 -36.00 11.31 1.24
N THR A 137 -36.17 12.62 1.24
CA THR A 137 -37.37 13.22 0.66
C THR A 137 -37.57 12.74 -0.78
N TYR A 138 -36.53 12.86 -1.61
CA TYR A 138 -36.66 12.41 -3.00
C TYR A 138 -36.98 10.93 -3.10
N ALA A 139 -36.37 10.14 -2.23
CA ALA A 139 -36.49 8.70 -2.36
C ALA A 139 -37.92 8.27 -1.98
N LEU A 140 -38.50 8.89 -0.96
CA LEU A 140 -39.81 8.46 -0.51
C LEU A 140 -40.85 8.86 -1.53
N ARG A 141 -40.65 10.00 -2.18
CA ARG A 141 -41.54 10.46 -3.25
C ARG A 141 -41.56 9.47 -4.40
N LEU A 142 -40.39 9.02 -4.83
CA LEU A 142 -40.28 8.05 -5.92
C LEU A 142 -40.92 6.75 -5.48
N CYS A 143 -40.75 6.41 -4.21
CA CYS A 143 -41.35 5.21 -3.70
C CYS A 143 -42.86 5.29 -3.91
N ARG A 144 -43.46 6.42 -3.54
CA ARG A 144 -44.91 6.55 -3.61
C ARG A 144 -45.39 6.49 -5.05
N GLU A 145 -44.74 7.27 -5.90
CA GLU A 145 -45.06 7.30 -7.30
C GLU A 145 -45.07 5.92 -7.95
N MET A 146 -44.08 5.11 -7.59
CA MET A 146 -43.98 3.76 -8.11
C MET A 146 -45.12 2.91 -7.56
N ALA A 147 -45.28 2.89 -6.25
CA ALA A 147 -46.33 2.09 -5.68
C ALA A 147 -47.70 2.50 -6.22
N GLU A 148 -47.98 3.79 -6.34
CA GLU A 148 -49.26 4.28 -6.89
C GLU A 148 -49.43 3.70 -8.28
N HIS A 149 -48.43 3.95 -9.09
CA HIS A 149 -48.49 3.61 -10.47
C HIS A 149 -48.63 2.12 -10.71
N TYR A 150 -48.33 1.27 -9.74
CA TYR A 150 -48.46 -0.17 -9.95
C TYR A 150 -49.35 -0.83 -8.94
N LYS A 151 -50.07 0.00 -8.20
CA LYS A 151 -51.16 -0.41 -7.32
C LYS A 151 -52.03 -1.51 -7.92
N ASP A 152 -52.19 -2.62 -7.22
CA ASP A 152 -53.07 -3.68 -7.73
C ASP A 152 -52.85 -4.08 -9.19
N ASN A 153 -51.67 -3.85 -9.75
CA ASN A 153 -51.31 -4.49 -11.02
C ASN A 153 -50.74 -5.89 -10.75
N PRO A 154 -51.24 -6.92 -11.46
CA PRO A 154 -50.99 -8.31 -11.06
C PRO A 154 -49.68 -8.96 -11.52
N ALA A 155 -48.92 -8.29 -12.40
CA ALA A 155 -47.60 -8.79 -12.82
C ALA A 155 -46.60 -8.66 -11.65
N ILE A 156 -46.80 -7.65 -10.80
CA ILE A 156 -45.92 -7.37 -9.68
C ILE A 156 -46.17 -8.31 -8.52
N VAL A 157 -45.27 -9.26 -8.29
CA VAL A 157 -45.48 -10.25 -7.25
C VAL A 157 -44.70 -9.99 -5.94
N SER A 158 -43.90 -8.92 -5.94
CA SER A 158 -43.03 -8.59 -4.81
C SER A 158 -42.27 -7.30 -5.07
N TRP A 159 -41.78 -6.66 -4.00
CA TRP A 159 -40.97 -5.43 -4.08
C TRP A 159 -39.50 -5.66 -3.67
N HIS A 160 -38.58 -5.06 -4.42
CA HIS A 160 -37.11 -5.11 -4.22
C HIS A 160 -36.73 -3.72 -3.74
N VAL A 161 -36.73 -3.50 -2.42
CA VAL A 161 -36.61 -2.13 -1.92
C VAL A 161 -35.16 -1.74 -1.97
N GLY A 162 -34.86 -0.68 -2.72
CA GLY A 162 -33.49 -0.20 -2.87
C GLY A 162 -32.55 -1.27 -3.44
N ASN A 163 -31.31 -1.30 -2.97
CA ASN A 163 -30.39 -2.36 -3.33
C ASN A 163 -29.08 -2.40 -2.57
N GLU A 164 -28.77 -3.57 -2.02
CA GLU A 164 -27.60 -3.76 -1.16
C GLU A 164 -27.27 -2.50 -0.35
N TYR A 165 -28.13 -2.11 0.59
CA TYR A 165 -27.86 -0.93 1.39
C TYR A 165 -26.47 -1.05 2.02
N GLY A 166 -25.68 0.03 1.93
CA GLY A 166 -24.42 0.12 2.64
C GLY A 166 -23.25 -0.59 1.97
N CYS A 167 -23.50 -1.18 0.80
CA CYS A 167 -22.43 -1.81 0.07
C CYS A 167 -21.29 -0.81 -0.15
N HIS A 168 -21.61 0.46 -0.49
CA HIS A 168 -20.57 1.49 -0.69
C HIS A 168 -20.70 2.57 0.36
N ASN A 169 -21.92 2.78 0.86
CA ASN A 169 -22.18 3.95 1.67
C ASN A 169 -22.41 3.66 3.16
N TYR A 170 -21.87 2.56 3.63
CA TYR A 170 -21.93 2.28 5.06
C TYR A 170 -21.37 3.42 5.94
N PHE A 171 -20.12 3.82 5.71
CA PHE A 171 -19.49 4.82 6.59
C PHE A 171 -19.60 6.21 6.02
N ASP A 172 -20.58 6.99 6.47
CA ASP A 172 -20.67 8.41 6.14
C ASP A 172 -20.17 9.20 7.36
N TYR A 173 -19.52 10.31 7.10
CA TYR A 173 -18.96 11.11 8.17
C TYR A 173 -19.39 12.56 7.94
N SER A 174 -20.41 12.73 7.11
CA SER A 174 -20.94 14.04 6.79
C SER A 174 -21.59 14.61 8.03
N ASP A 175 -22.00 15.87 7.92
CA ASP A 175 -22.62 16.59 9.02
C ASP A 175 -23.92 15.96 9.42
N ASP A 176 -24.59 15.28 8.47
CA ASP A 176 -25.81 14.52 8.76
C ASP A 176 -25.49 13.27 9.58
N ALA A 177 -24.36 12.64 9.32
CA ALA A 177 -23.92 11.49 10.08
C ALA A 177 -23.61 11.97 11.51
N VAL A 178 -23.00 13.15 11.55
CA VAL A 178 -22.64 13.72 12.83
C VAL A 178 -23.91 13.93 13.64
N GLN A 179 -24.90 14.57 13.05
CA GLN A 179 -26.15 14.91 13.75
C GLN A 179 -26.90 13.67 14.20
N ALA A 180 -26.95 12.68 13.30
CA ALA A 180 -27.63 11.43 13.55
C ALA A 180 -26.93 10.55 14.59
N PHE A 181 -25.62 10.49 14.55
CA PHE A 181 -24.90 9.65 15.50
C PHE A 181 -25.10 10.09 16.95
N ARG A 182 -25.21 11.41 17.14
CA ARG A 182 -25.56 12.00 18.43
C ARG A 182 -26.87 11.47 18.95
N GLU A 183 -27.89 11.63 18.13
CA GLU A 183 -29.20 11.22 18.50
C GLU A 183 -29.27 9.70 18.70
N TRP A 184 -28.49 8.97 17.93
CA TRP A 184 -28.44 7.54 18.09
C TRP A 184 -27.87 7.28 19.47
N CYS A 185 -26.85 8.04 19.86
CA CYS A 185 -26.15 7.82 21.12
C CYS A 185 -27.01 8.25 22.29
N ARG A 186 -27.60 9.43 22.19
CA ARG A 186 -28.59 9.89 23.16
C ARG A 186 -29.65 8.86 23.38
N ASP A 187 -30.13 8.28 22.30
CA ASP A 187 -31.22 7.35 22.42
C ASP A 187 -30.73 6.10 23.12
N ARG A 188 -29.52 5.68 22.81
CA ARG A 188 -29.06 4.43 23.32
C ARG A 188 -28.58 4.58 24.74
N TYR A 189 -28.14 5.76 25.14
CA TYR A 189 -27.48 5.90 26.43
C TYR A 189 -28.22 6.77 27.49
N GLY A 190 -29.10 7.66 27.08
CA GLY A 190 -29.84 8.46 28.02
C GLY A 190 -29.11 9.70 28.54
N THR A 191 -27.93 9.51 29.11
CA THR A 191 -27.19 10.59 29.74
C THR A 191 -25.76 10.49 29.29
N ILE A 192 -25.07 11.63 29.24
CA ILE A 192 -23.73 11.65 28.71
C ILE A 192 -22.83 10.77 29.57
N ASP A 193 -23.18 10.53 30.83
CA ASP A 193 -22.29 9.72 31.68
C ASP A 193 -22.25 8.30 31.26
N LYS A 194 -23.41 7.80 30.80
CA LYS A 194 -23.52 6.38 30.43
C LYS A 194 -22.71 6.14 29.18
N VAL A 195 -22.76 7.12 28.27
CA VAL A 195 -21.84 7.20 27.13
C VAL A 195 -20.37 7.20 27.61
N ASN A 196 -19.97 8.13 28.49
CA ASN A 196 -18.59 8.13 29.04
C ASN A 196 -18.20 6.76 29.62
N ALA A 197 -19.15 6.07 30.24
CA ALA A 197 -18.88 4.79 30.89
C ALA A 197 -18.71 3.64 29.90
N ALA A 198 -19.37 3.70 28.76
CA ALA A 198 -19.23 2.63 27.80
C ALA A 198 -17.94 2.80 26.98
N TRP A 199 -17.60 4.04 26.66
CA TRP A 199 -16.45 4.29 25.77
C TRP A 199 -15.12 4.46 26.53
N GLY A 200 -15.20 4.57 27.85
CA GLY A 200 -14.00 4.77 28.67
C GLY A 200 -13.28 6.05 28.35
N THR A 201 -14.02 7.15 28.32
CA THR A 201 -13.46 8.38 27.82
C THR A 201 -12.50 9.11 28.80
N ASN A 202 -12.26 8.53 29.97
CA ASN A 202 -11.37 9.14 30.94
C ASN A 202 -9.97 8.93 30.50
N PHE A 203 -9.86 7.92 29.64
CA PHE A 203 -8.62 7.64 28.96
C PHE A 203 -8.39 8.70 27.88
N TRP A 204 -7.21 9.34 27.93
CA TRP A 204 -6.81 10.34 26.93
C TRP A 204 -7.70 11.59 26.86
N SER A 205 -8.21 12.00 28.01
CA SER A 205 -8.96 13.26 28.14
C SER A 205 -10.05 13.40 27.10
N GLN A 206 -10.78 12.31 26.90
CA GLN A 206 -11.84 12.26 25.92
C GLN A 206 -13.17 12.45 26.58
N ARG A 207 -13.17 12.74 27.88
CA ARG A 207 -14.43 12.74 28.61
C ARG A 207 -15.44 13.78 28.07
N LEU A 208 -16.68 13.34 27.81
CA LEU A 208 -17.70 14.19 27.25
C LEU A 208 -18.46 14.93 28.33
N ASN A 209 -18.60 16.24 28.16
CA ASN A 209 -19.50 17.04 28.98
C ASN A 209 -20.95 16.93 28.49
N SER A 210 -21.19 16.56 27.23
CA SER A 210 -22.54 16.53 26.71
C SER A 210 -22.61 15.82 25.40
N PHE A 211 -23.84 15.50 25.02
CA PHE A 211 -24.08 14.79 23.78
C PHE A 211 -23.64 15.59 22.59
N GLU A 212 -23.69 16.91 22.73
CA GLU A 212 -23.38 17.83 21.65
C GLU A 212 -21.89 17.84 21.37
N GLU A 213 -21.10 17.18 22.22
CA GLU A 213 -19.65 17.08 22.05
C GLU A 213 -19.27 15.82 21.24
N ILE A 214 -20.21 14.89 21.12
CA ILE A 214 -19.96 13.62 20.43
C ILE A 214 -19.73 13.79 18.93
N LEU A 215 -18.70 13.13 18.43
CA LEU A 215 -18.32 13.13 17.01
C LEU A 215 -18.25 11.72 16.40
N PRO A 216 -18.44 11.62 15.08
CA PRO A 216 -18.18 10.34 14.44
C PRO A 216 -16.68 10.06 14.46
N PRO A 217 -16.27 8.78 14.34
CA PRO A 217 -14.83 8.50 14.30
C PRO A 217 -14.19 8.86 12.96
N ARG A 218 -14.20 10.16 12.67
CA ARG A 218 -13.38 10.74 11.60
C ARG A 218 -11.88 10.59 11.82
N TYR A 219 -11.15 10.91 10.76
CA TYR A 219 -9.72 10.75 10.68
C TYR A 219 -8.99 11.28 11.89
N VAL A 220 -8.14 10.45 12.50
CA VAL A 220 -7.30 10.89 13.63
C VAL A 220 -5.81 10.69 13.30
N GLY A 221 -5.49 10.71 12.01
CA GLY A 221 -4.12 10.82 11.55
C GLY A 221 -3.40 9.55 11.08
N GLY A 222 -4.11 8.45 10.86
CA GLY A 222 -3.48 7.26 10.27
C GLY A 222 -2.66 6.40 11.21
N GLU A 223 -1.69 5.68 10.65
CA GLU A 223 -0.82 4.75 11.37
C GLU A 223 -0.23 5.38 12.61
N GLY A 224 -0.18 4.61 13.69
CA GLY A 224 0.35 5.10 14.94
C GLY A 224 -0.67 5.89 15.72
N ASN A 225 -1.88 6.03 15.20
CA ASN A 225 -2.94 6.69 15.92
C ASN A 225 -4.06 5.70 16.20
N PHE A 226 -4.63 5.75 17.40
CA PHE A 226 -5.65 4.76 17.76
C PHE A 226 -6.88 5.36 18.31
N THR A 227 -7.89 5.42 17.46
CA THR A 227 -9.21 5.96 17.82
C THR A 227 -9.87 5.11 18.94
N ASN A 228 -10.82 5.71 19.61
CA ASN A 228 -11.48 5.04 20.70
C ASN A 228 -12.23 3.76 20.25
N PRO A 229 -11.87 2.59 20.83
CA PRO A 229 -12.41 1.31 20.35
C PRO A 229 -13.89 1.09 20.59
N GLY A 230 -14.37 1.53 21.74
CA GLY A 230 -15.77 1.46 22.09
C GLY A 230 -16.61 2.45 21.29
N ARG A 231 -16.05 3.61 20.94
CA ARG A 231 -16.82 4.57 20.15
C ARG A 231 -16.92 4.00 18.74
N LEU A 232 -15.86 3.32 18.32
CA LEU A 232 -15.81 2.77 16.99
C LEU A 232 -16.81 1.62 16.84
N LEU A 233 -16.83 0.71 17.81
CA LEU A 233 -17.82 -0.35 17.87
C LEU A 233 -19.27 0.17 17.71
N ASP A 234 -19.61 1.21 18.45
CA ASP A 234 -20.95 1.78 18.37
C ASP A 234 -21.17 2.52 17.08
N PHE A 235 -20.11 3.05 16.48
CA PHE A 235 -20.32 3.78 15.24
C PHE A 235 -20.67 2.78 14.14
N LYS A 236 -20.03 1.61 14.18
CA LYS A 236 -20.30 0.53 13.25
C LYS A 236 -21.73 0.03 13.48
N HIS A 237 -22.15 -0.07 14.74
CA HIS A 237 -23.51 -0.43 15.10
C HIS A 237 -24.52 0.58 14.53
N PHE A 238 -24.19 1.86 14.70
CA PHE A 238 -25.00 2.98 14.22
C PHE A 238 -25.25 2.97 12.70
N CYS A 239 -24.18 2.78 11.94
CA CYS A 239 -24.21 2.82 10.49
C CYS A 239 -25.21 1.78 10.03
N SER A 240 -25.18 0.61 10.67
CA SER A 240 -26.10 -0.44 10.28
C SER A 240 -27.50 0.04 10.54
N ASP A 241 -27.68 0.62 11.72
CA ASP A 241 -28.99 1.05 12.15
C ASP A 241 -29.50 2.21 11.30
N ALA A 242 -28.62 3.08 10.81
CA ALA A 242 -29.08 4.26 10.05
C ALA A 242 -29.66 3.86 8.70
N LEU A 243 -28.95 2.99 8.03
CA LEU A 243 -29.38 2.44 6.77
C LEU A 243 -30.66 1.68 6.95
N LYS A 244 -30.75 0.96 8.06
CA LYS A 244 -31.90 0.12 8.33
C LYS A 244 -33.13 0.98 8.49
N GLU A 245 -32.96 2.10 9.18
CA GLU A 245 -34.04 3.06 9.37
C GLU A 245 -34.48 3.65 8.02
N PHE A 246 -33.54 3.96 7.13
CA PHE A 246 -33.91 4.42 5.79
C PHE A 246 -34.64 3.32 5.01
N PHE A 247 -34.10 2.11 5.01
CA PHE A 247 -34.80 1.02 4.35
C PHE A 247 -36.26 0.95 4.82
N CYS A 248 -36.49 0.96 6.13
CA CYS A 248 -37.86 0.86 6.66
C CYS A 248 -38.77 1.96 6.17
N ALA A 249 -38.27 3.18 6.10
CA ALA A 249 -39.12 4.26 5.63
C ALA A 249 -39.64 3.97 4.25
N GLU A 250 -38.73 3.48 3.42
CA GLU A 250 -39.01 3.19 2.03
C GLU A 250 -40.01 2.06 1.89
N ARG A 251 -39.82 0.97 2.62
CA ARG A 251 -40.78 -0.12 2.56
C ARG A 251 -42.16 0.29 3.10
N ASP A 252 -42.17 1.07 4.17
CA ASP A 252 -43.44 1.46 4.81
C ASP A 252 -44.30 2.25 3.84
N VAL A 253 -43.65 3.11 3.06
CA VAL A 253 -44.30 3.89 2.01
C VAL A 253 -44.85 3.01 0.87
N LEU A 254 -44.08 2.03 0.45
CA LEU A 254 -44.48 1.17 -0.64
C LEU A 254 -45.62 0.27 -0.25
N SER A 255 -45.60 -0.23 0.98
CA SER A 255 -46.58 -1.24 1.38
C SER A 255 -47.91 -0.64 1.84
N GLU A 256 -47.88 0.63 2.22
CA GLU A 256 -49.08 1.35 2.53
C GLU A 256 -50.02 1.44 1.31
N VAL A 257 -49.43 1.61 0.14
CA VAL A 257 -50.16 1.75 -1.11
C VAL A 257 -50.50 0.40 -1.75
N THR A 258 -49.69 -0.60 -1.48
CA THR A 258 -49.86 -1.90 -2.07
C THR A 258 -49.57 -2.93 -1.01
N PRO A 259 -50.49 -3.08 -0.06
CA PRO A 259 -50.22 -3.93 1.10
C PRO A 259 -50.24 -5.41 0.77
N ASN A 260 -50.67 -5.80 -0.42
CA ASN A 260 -50.76 -7.21 -0.75
C ASN A 260 -49.46 -7.80 -1.19
N ILE A 261 -48.55 -6.92 -1.56
CA ILE A 261 -47.28 -7.30 -2.15
C ILE A 261 -46.15 -7.31 -1.12
N PRO A 262 -45.49 -8.48 -0.93
CA PRO A 262 -44.39 -8.63 0.05
C PRO A 262 -43.15 -7.85 -0.37
N LEU A 263 -42.41 -7.36 0.62
CA LEU A 263 -41.21 -6.60 0.34
C LEU A 263 -39.98 -7.31 0.88
N THR A 264 -38.87 -7.17 0.15
CA THR A 264 -37.61 -7.71 0.59
C THR A 264 -36.58 -6.68 0.21
N THR A 265 -35.35 -6.84 0.67
CA THR A 265 -34.21 -6.13 0.14
C THR A 265 -33.02 -7.11 0.18
N ASN A 266 -32.00 -6.89 -0.65
CA ASN A 266 -30.95 -7.88 -0.84
C ASN A 266 -29.71 -7.68 0.07
N PHE A 267 -29.41 -8.72 0.85
CA PHE A 267 -28.31 -8.68 1.78
C PHE A 267 -27.06 -9.18 1.03
N MET A 268 -25.88 -9.04 1.65
CA MET A 268 -24.63 -9.51 1.09
C MET A 268 -23.93 -10.46 2.06
N VAL A 269 -24.62 -11.54 2.44
CA VAL A 269 -24.04 -12.46 3.37
C VAL A 269 -23.01 -13.34 2.73
N SER A 270 -21.80 -13.30 3.26
CA SER A 270 -20.71 -14.22 2.89
C SER A 270 -19.75 -14.41 4.09
N ALA A 271 -18.82 -15.34 3.98
CA ALA A 271 -17.94 -15.62 5.11
C ALA A 271 -17.34 -14.33 5.69
N SER A 272 -17.03 -13.38 4.83
CA SER A 272 -16.15 -12.29 5.25
C SER A 272 -16.82 -10.95 5.31
N GLN A 273 -18.15 -10.90 5.14
CA GLN A 273 -18.84 -9.61 5.21
C GLN A 273 -18.79 -9.05 6.64
N ASN A 274 -18.66 -7.74 6.75
CA ASN A 274 -18.38 -7.19 8.06
C ASN A 274 -18.90 -5.80 8.31
N THR A 275 -20.03 -5.47 7.69
CA THR A 275 -20.65 -4.17 7.85
C THR A 275 -22.10 -4.33 8.38
N LEU A 276 -23.08 -4.40 7.51
CA LEU A 276 -24.45 -4.53 7.96
C LEU A 276 -24.68 -5.70 8.92
N ASP A 277 -25.44 -5.46 9.98
CA ASP A 277 -25.88 -6.55 10.84
C ASP A 277 -27.16 -7.19 10.30
N TYR A 278 -27.00 -8.20 9.44
CA TYR A 278 -28.11 -8.74 8.69
C TYR A 278 -29.10 -9.55 9.54
N ASP A 279 -28.64 -10.27 10.57
CA ASP A 279 -29.57 -10.92 11.49
C ASP A 279 -30.56 -9.95 12.13
N ASP A 280 -30.12 -8.72 12.34
CA ASP A 280 -30.96 -7.67 12.92
C ASP A 280 -31.84 -7.05 11.85
N TRP A 281 -31.31 -6.92 10.63
CA TRP A 281 -32.11 -6.49 9.47
C TRP A 281 -33.15 -7.54 9.09
N ALA A 282 -32.89 -8.80 9.35
CA ALA A 282 -33.80 -9.85 8.90
C ALA A 282 -35.18 -9.69 9.55
N HIS A 283 -35.23 -9.04 10.71
CA HIS A 283 -36.50 -8.80 11.41
C HIS A 283 -37.38 -7.79 10.67
N GLU A 284 -36.87 -7.15 9.61
CA GLU A 284 -37.67 -6.11 8.96
C GLU A 284 -37.98 -6.41 7.52
N VAL A 285 -37.93 -7.68 7.13
CA VAL A 285 -38.21 -8.06 5.76
C VAL A 285 -39.26 -9.16 5.73
N ASP A 286 -40.06 -9.21 4.66
CA ASP A 286 -41.13 -10.21 4.55
C ASP A 286 -40.57 -11.58 4.19
N PHE A 287 -39.45 -11.58 3.51
CA PHE A 287 -38.65 -12.79 3.33
C PHE A 287 -37.19 -12.35 3.17
N VAL A 288 -36.28 -13.20 3.60
CA VAL A 288 -34.88 -12.90 3.54
C VAL A 288 -34.40 -13.25 2.14
N SER A 289 -33.68 -12.33 1.53
CA SER A 289 -33.05 -12.65 0.26
C SER A 289 -31.56 -12.23 0.26
N ASN A 290 -30.72 -13.01 -0.42
CA ASN A 290 -29.27 -12.81 -0.37
C ASN A 290 -28.57 -12.70 -1.72
N ASP A 291 -27.50 -11.92 -1.76
CA ASP A 291 -26.61 -11.94 -2.91
C ASP A 291 -25.34 -12.66 -2.50
N HIS A 292 -24.90 -13.66 -3.28
CA HIS A 292 -23.65 -14.31 -2.99
C HIS A 292 -22.86 -14.66 -4.24
N TYR A 293 -21.59 -14.30 -4.24
CA TYR A 293 -20.72 -14.61 -5.38
C TYR A 293 -19.61 -15.51 -4.94
N PHE A 294 -19.31 -16.54 -5.72
CA PHE A 294 -18.36 -17.55 -5.25
C PHE A 294 -16.97 -17.02 -4.82
N THR A 295 -16.36 -17.68 -3.85
CA THR A 295 -14.97 -17.44 -3.58
C THR A 295 -14.10 -18.33 -4.50
N PRO A 296 -13.26 -17.72 -5.33
CA PRO A 296 -12.50 -18.59 -6.26
C PRO A 296 -11.45 -19.45 -5.55
N GLY A 297 -11.18 -20.63 -6.09
CA GLY A 297 -10.20 -21.54 -5.54
C GLY A 297 -10.76 -22.61 -4.64
N SER A 298 -9.87 -23.26 -3.90
CA SER A 298 -10.23 -24.20 -2.85
C SER A 298 -11.44 -23.86 -2.02
N TRP A 299 -11.57 -22.60 -1.63
CA TRP A 299 -12.65 -22.23 -0.74
C TRP A 299 -13.99 -22.15 -1.42
N HIS A 300 -14.02 -22.33 -2.74
CA HIS A 300 -15.22 -22.14 -3.53
C HIS A 300 -16.44 -22.84 -2.94
N ILE A 301 -16.39 -24.16 -2.76
CA ILE A 301 -17.54 -24.90 -2.22
C ILE A 301 -17.82 -24.61 -0.73
N ASP A 302 -16.87 -24.86 0.15
CA ASP A 302 -17.18 -24.73 1.57
C ASP A 302 -17.66 -23.33 1.93
N GLU A 303 -17.13 -22.30 1.28
CA GLU A 303 -17.47 -20.93 1.65
C GLU A 303 -18.87 -20.57 1.12
N LEU A 304 -19.30 -21.16 0.04
CA LEU A 304 -20.66 -20.91 -0.43
C LEU A 304 -21.65 -21.63 0.47
N ALA A 305 -21.35 -22.90 0.74
CA ALA A 305 -22.13 -23.71 1.62
C ALA A 305 -22.34 -23.01 2.94
N TYR A 306 -21.25 -22.46 3.46
CA TYR A 306 -21.25 -21.73 4.72
C TYR A 306 -22.15 -20.54 4.62
N SER A 307 -22.02 -19.80 3.54
CA SER A 307 -22.75 -18.55 3.46
C SER A 307 -24.22 -18.86 3.35
N ALA A 308 -24.59 -19.88 2.59
CA ALA A 308 -25.99 -20.20 2.39
C ALA A 308 -26.58 -20.77 3.69
N SER A 309 -25.79 -21.57 4.42
CA SER A 309 -26.18 -22.05 5.75
C SER A 309 -26.46 -20.85 6.65
N LEU A 310 -25.58 -19.88 6.61
CA LEU A 310 -25.74 -18.72 7.46
C LEU A 310 -27.00 -17.94 7.08
N VAL A 311 -27.34 -17.84 5.81
CA VAL A 311 -28.55 -17.13 5.44
C VAL A 311 -29.76 -17.90 5.98
N ASP A 312 -29.77 -19.23 5.84
CA ASP A 312 -30.86 -20.00 6.44
C ASP A 312 -30.92 -19.69 7.94
N GLY A 313 -29.81 -19.85 8.66
CA GLY A 313 -29.74 -19.45 10.05
C GLY A 313 -30.42 -18.11 10.37
N ILE A 314 -30.15 -17.08 9.60
CA ILE A 314 -30.78 -15.78 9.81
C ILE A 314 -32.28 -15.82 9.54
N SER A 315 -32.65 -16.66 8.59
CA SER A 315 -34.02 -16.90 8.19
C SER A 315 -34.79 -17.74 9.20
N ARG A 316 -34.06 -18.24 10.18
CA ARG A 316 -34.56 -19.13 11.23
C ARG A 316 -35.23 -20.32 10.60
N LYS A 317 -34.52 -20.82 9.58
CA LYS A 317 -34.87 -22.00 8.80
C LYS A 317 -36.08 -21.88 7.90
N LYS A 318 -36.64 -20.67 7.79
CA LYS A 318 -37.68 -20.43 6.81
C LYS A 318 -37.11 -20.32 5.39
N PRO A 319 -37.91 -20.61 4.36
CA PRO A 319 -37.35 -20.44 3.01
C PRO A 319 -36.81 -19.04 2.73
N TRP A 320 -35.74 -18.97 1.96
CA TRP A 320 -35.13 -17.71 1.61
C TRP A 320 -34.88 -17.68 0.10
N PHE A 321 -34.53 -16.50 -0.40
CA PHE A 321 -34.48 -16.17 -1.81
C PHE A 321 -33.03 -15.78 -2.23
N LEU A 322 -32.36 -16.60 -3.04
CA LEU A 322 -31.08 -16.22 -3.64
C LEU A 322 -31.42 -15.21 -4.71
N MET A 323 -31.23 -13.93 -4.40
CA MET A 323 -31.61 -12.82 -5.28
C MET A 323 -30.59 -12.60 -6.36
N GLU A 324 -29.33 -12.79 -5.99
CA GLU A 324 -28.25 -12.61 -6.91
C GLU A 324 -27.16 -13.67 -6.71
N GLN A 325 -26.46 -13.98 -7.81
CA GLN A 325 -25.20 -14.73 -7.81
C GLN A 325 -24.72 -14.64 -9.25
N SER A 326 -23.65 -15.32 -9.61
CA SER A 326 -23.18 -15.19 -10.98
C SER A 326 -23.02 -16.52 -11.75
N THR A 327 -23.18 -16.46 -13.06
CA THR A 327 -23.09 -17.63 -13.91
C THR A 327 -21.63 -18.01 -14.12
N SER A 328 -20.79 -17.00 -14.21
CA SER A 328 -19.38 -17.22 -14.30
C SER A 328 -18.64 -16.07 -13.58
N ALA A 329 -17.71 -15.39 -14.23
CA ALA A 329 -16.92 -14.39 -13.53
C ALA A 329 -17.75 -13.21 -13.14
N VAL A 330 -17.43 -12.60 -12.00
CA VAL A 330 -17.82 -11.20 -11.66
C VAL A 330 -16.84 -10.15 -12.23
N ASN A 331 -17.12 -8.89 -11.95
CA ASN A 331 -16.26 -7.82 -12.51
C ASN A 331 -15.34 -7.17 -11.48
N TRP A 332 -15.64 -7.43 -10.21
CA TRP A 332 -15.24 -6.48 -9.22
C TRP A 332 -13.98 -6.82 -8.39
N ARG A 333 -13.38 -7.98 -8.64
CA ARG A 333 -12.11 -8.32 -8.01
C ARG A 333 -10.88 -7.84 -8.80
N GLU A 334 -9.70 -7.95 -8.19
CA GLU A 334 -8.49 -7.56 -8.89
C GLU A 334 -8.11 -8.66 -9.91
N ILE A 335 -8.55 -9.90 -9.69
CA ILE A 335 -8.58 -10.96 -10.72
C ILE A 335 -9.97 -11.60 -10.71
N ASN A 336 -10.59 -11.86 -11.87
CA ASN A 336 -11.96 -12.43 -11.93
C ASN A 336 -12.04 -13.79 -12.70
N PRO A 337 -11.77 -14.92 -12.01
CA PRO A 337 -11.81 -16.21 -12.68
C PRO A 337 -13.19 -16.62 -13.09
N ARG A 338 -13.25 -17.44 -14.12
CA ARG A 338 -14.51 -17.96 -14.62
C ARG A 338 -14.87 -19.20 -13.83
N LYS A 339 -16.15 -19.56 -13.83
CA LYS A 339 -16.58 -20.80 -13.24
C LYS A 339 -16.16 -21.96 -14.13
N GLU A 340 -15.89 -23.09 -13.52
CA GLU A 340 -15.51 -24.29 -14.23
C GLU A 340 -16.77 -24.99 -14.69
N PRO A 341 -16.62 -26.00 -15.57
CA PRO A 341 -17.76 -26.78 -16.04
C PRO A 341 -18.48 -27.34 -14.85
N GLY A 342 -19.79 -27.09 -14.77
CA GLY A 342 -20.64 -27.71 -13.77
C GLY A 342 -20.93 -26.84 -12.59
N GLU A 343 -20.12 -25.80 -12.39
CA GLU A 343 -20.20 -25.05 -11.16
C GLU A 343 -21.42 -24.16 -11.21
N LEU A 344 -21.82 -23.68 -12.37
CA LEU A 344 -23.09 -22.92 -12.45
C LEU A 344 -24.25 -23.70 -11.84
N ILE A 345 -24.46 -24.95 -12.26
CA ILE A 345 -25.55 -25.76 -11.75
C ILE A 345 -25.35 -26.23 -10.32
N ARG A 346 -24.17 -26.74 -10.01
CA ARG A 346 -23.96 -27.22 -8.65
C ARG A 346 -24.11 -26.11 -7.62
N ASP A 347 -23.65 -24.90 -7.94
CA ASP A 347 -23.74 -23.80 -6.98
C ASP A 347 -25.18 -23.44 -6.70
N SER A 348 -26.00 -23.45 -7.72
CA SER A 348 -27.38 -23.06 -7.51
C SER A 348 -28.01 -24.17 -6.66
N MET A 349 -27.65 -25.43 -6.90
CA MET A 349 -28.20 -26.55 -6.13
C MET A 349 -27.77 -26.46 -4.67
N LEU A 350 -26.58 -25.92 -4.43
CA LEU A 350 -26.06 -25.72 -3.08
C LEU A 350 -26.89 -24.67 -2.34
N HIS A 351 -27.16 -23.52 -2.96
CA HIS A 351 -28.01 -22.53 -2.31
C HIS A 351 -29.38 -23.16 -2.02
N LEU A 352 -29.90 -23.90 -3.00
CA LEU A 352 -31.19 -24.58 -2.92
C LEU A 352 -31.22 -25.53 -1.74
N ALA A 353 -30.24 -26.43 -1.67
CA ALA A 353 -30.25 -27.44 -0.61
C ALA A 353 -30.19 -26.78 0.76
N MET A 354 -29.53 -25.62 0.86
CA MET A 354 -29.45 -24.91 2.12
C MET A 354 -30.72 -24.06 2.37
N GLY A 355 -31.81 -24.32 1.62
CA GLY A 355 -33.12 -23.77 1.92
C GLY A 355 -33.71 -22.67 1.03
N ALA A 356 -32.99 -22.22 0.01
CA ALA A 356 -33.58 -21.20 -0.88
C ALA A 356 -34.72 -21.84 -1.70
N ASP A 357 -35.81 -21.10 -1.88
CA ASP A 357 -36.92 -21.51 -2.76
C ASP A 357 -36.97 -20.65 -4.05
N ALA A 358 -35.98 -19.77 -4.21
CA ALA A 358 -35.82 -18.97 -5.42
C ALA A 358 -34.33 -19.00 -5.81
N ILE A 359 -34.03 -18.91 -7.09
CA ILE A 359 -32.65 -18.94 -7.56
C ILE A 359 -32.53 -17.91 -8.68
N CYS A 360 -31.80 -16.83 -8.42
CA CYS A 360 -31.66 -15.73 -9.38
C CYS A 360 -30.22 -15.22 -9.52
N TYR A 361 -29.98 -14.65 -10.70
CA TYR A 361 -28.66 -14.21 -11.07
C TYR A 361 -28.63 -12.72 -11.23
N PHE A 362 -27.45 -12.15 -11.08
CA PHE A 362 -27.13 -10.91 -11.76
C PHE A 362 -26.25 -11.29 -12.94
N GLN A 363 -26.63 -10.94 -14.17
CA GLN A 363 -27.94 -10.41 -14.54
C GLN A 363 -28.44 -11.20 -15.76
N TRP A 364 -29.55 -10.79 -16.38
CA TRP A 364 -30.11 -11.53 -17.51
C TRP A 364 -29.25 -11.41 -18.76
N ARG A 365 -28.93 -10.19 -19.17
CA ARG A 365 -28.12 -9.97 -20.37
C ARG A 365 -26.87 -9.21 -20.00
N GLN A 366 -25.74 -9.75 -20.41
CA GLN A 366 -24.48 -9.09 -20.17
C GLN A 366 -24.55 -7.74 -20.84
N SER A 367 -24.14 -6.72 -20.10
CA SER A 367 -24.14 -5.37 -20.62
C SER A 367 -22.96 -5.15 -21.51
N ARG A 368 -23.14 -4.34 -22.56
CA ARG A 368 -22.09 -4.05 -23.53
C ARG A 368 -21.16 -2.95 -22.97
N SER A 369 -21.71 -2.10 -22.13
CA SER A 369 -20.99 -0.96 -21.64
C SER A 369 -21.43 -0.66 -20.23
N GLY A 370 -20.76 0.30 -19.61
CA GLY A 370 -20.90 0.55 -18.19
C GLY A 370 -19.88 -0.26 -17.39
N ALA A 371 -19.86 0.00 -16.10
CA ALA A 371 -18.80 -0.55 -15.26
C ALA A 371 -18.92 -2.04 -15.06
N GLU A 372 -20.07 -2.64 -15.33
CA GLU A 372 -20.19 -4.06 -15.10
C GLU A 372 -20.16 -4.85 -16.41
N LYS A 373 -19.67 -4.21 -17.47
CA LYS A 373 -19.73 -4.83 -18.80
C LYS A 373 -19.03 -6.19 -18.85
N PHE A 374 -18.07 -6.41 -17.94
CA PHE A 374 -17.35 -7.68 -17.90
C PHE A 374 -17.96 -8.65 -16.86
N HIS A 375 -19.09 -8.30 -16.28
CA HIS A 375 -19.76 -9.23 -15.39
C HIS A 375 -20.54 -10.21 -16.27
N SER A 376 -20.37 -11.50 -16.01
CA SER A 376 -21.05 -12.59 -16.71
C SER A 376 -22.59 -12.49 -16.55
N ALA A 377 -23.37 -12.99 -17.54
CA ALA A 377 -24.83 -13.01 -17.38
C ALA A 377 -25.44 -14.36 -17.79
N MET A 378 -26.76 -14.49 -17.80
CA MET A 378 -27.39 -15.77 -18.21
C MET A 378 -27.37 -15.79 -19.73
N LEU A 379 -27.55 -14.62 -20.33
CA LEU A 379 -27.33 -14.48 -21.77
C LEU A 379 -26.03 -13.68 -22.01
N PRO A 380 -24.91 -14.38 -22.18
CA PRO A 380 -23.62 -13.71 -22.42
C PRO A 380 -23.64 -12.88 -23.70
N LEU A 381 -22.72 -11.93 -23.81
CA LEU A 381 -22.57 -11.14 -25.00
C LEU A 381 -22.34 -12.00 -26.23
N ALA A 382 -21.81 -13.21 -26.02
CA ALA A 382 -21.64 -14.18 -27.11
C ALA A 382 -22.99 -14.65 -27.66
N GLY A 383 -24.02 -14.55 -26.86
CA GLY A 383 -25.34 -14.87 -27.30
C GLY A 383 -25.84 -16.24 -26.91
N GLU A 384 -26.94 -16.62 -27.55
CA GLU A 384 -27.68 -17.82 -27.19
C GLU A 384 -26.88 -19.06 -27.52
N HIS A 385 -25.91 -18.95 -28.41
CA HIS A 385 -25.08 -20.12 -28.68
C HIS A 385 -23.83 -19.99 -27.82
N SER A 386 -24.04 -20.19 -26.53
CA SER A 386 -22.96 -20.11 -25.58
C SER A 386 -23.16 -21.21 -24.58
N GLN A 387 -22.06 -21.70 -24.02
CA GLN A 387 -22.12 -22.74 -23.00
C GLN A 387 -22.89 -22.24 -21.79
N ILE A 388 -22.72 -20.97 -21.44
CA ILE A 388 -23.40 -20.47 -20.27
C ILE A 388 -24.92 -20.56 -20.45
N TYR A 389 -25.44 -20.06 -21.57
CA TYR A 389 -26.85 -20.10 -21.81
C TYR A 389 -27.41 -21.53 -21.87
N ARG A 390 -26.63 -22.43 -22.44
CA ARG A 390 -27.00 -23.84 -22.43
C ARG A 390 -27.16 -24.39 -21.01
N ASP A 391 -26.19 -24.16 -20.13
CA ASP A 391 -26.32 -24.58 -18.71
C ASP A 391 -27.50 -23.89 -17.99
N VAL A 392 -27.60 -22.60 -18.21
CA VAL A 392 -28.70 -21.85 -17.69
C VAL A 392 -30.04 -22.50 -18.09
N CYS A 393 -30.15 -22.99 -19.31
CA CYS A 393 -31.44 -23.58 -19.71
C CYS A 393 -31.62 -24.85 -18.96
N ALA A 394 -30.55 -25.62 -18.87
CA ALA A 394 -30.56 -26.87 -18.14
C ALA A 394 -30.93 -26.71 -16.65
N LEU A 395 -30.40 -25.68 -16.00
CA LEU A 395 -30.74 -25.44 -14.61
C LEU A 395 -32.25 -25.16 -14.48
N GLY A 396 -32.80 -24.30 -15.34
CA GLY A 396 -34.21 -23.94 -15.25
C GLY A 396 -35.04 -25.20 -15.30
N ALA A 397 -34.63 -26.08 -16.17
CA ALA A 397 -35.25 -27.36 -16.35
C ALA A 397 -35.13 -28.23 -15.10
N ASP A 398 -33.94 -28.28 -14.51
CA ASP A 398 -33.77 -29.02 -13.25
C ASP A 398 -34.68 -28.48 -12.14
N LEU A 399 -34.82 -27.17 -12.09
CA LEU A 399 -35.59 -26.55 -11.03
C LEU A 399 -37.06 -26.80 -11.23
N ASP A 400 -37.45 -26.98 -12.46
CA ASP A 400 -38.84 -27.28 -12.70
C ASP A 400 -39.15 -28.70 -12.24
N THR A 401 -38.26 -29.63 -12.57
CA THR A 401 -38.31 -30.96 -12.01
C THR A 401 -38.46 -30.86 -10.48
N LEU A 402 -37.64 -30.04 -9.85
CA LEU A 402 -37.59 -30.03 -8.38
C LEU A 402 -38.87 -29.39 -7.83
N SER A 403 -39.42 -28.39 -8.54
CA SER A 403 -40.66 -27.77 -8.15
C SER A 403 -41.74 -28.83 -8.08
N ASP A 404 -41.80 -29.63 -9.15
CA ASP A 404 -42.81 -30.69 -9.32
C ASP A 404 -42.63 -31.77 -8.29
N ALA A 405 -41.40 -31.97 -7.81
CA ALA A 405 -41.18 -32.97 -6.75
C ALA A 405 -41.64 -32.53 -5.37
N GLY A 406 -42.15 -31.31 -5.24
CA GLY A 406 -42.72 -30.88 -3.99
C GLY A 406 -41.69 -30.48 -2.95
N ILE A 407 -40.66 -29.77 -3.38
CA ILE A 407 -39.57 -29.39 -2.50
C ILE A 407 -39.83 -28.06 -1.84
N LEU A 408 -40.73 -27.28 -2.42
CA LEU A 408 -41.06 -25.98 -1.88
C LEU A 408 -41.41 -26.05 -0.42
N ARG A 409 -40.91 -25.08 0.33
CA ARG A 409 -41.29 -24.85 1.72
C ARG A 409 -40.78 -25.93 2.70
N SER A 410 -40.12 -26.98 2.22
CA SER A 410 -39.29 -27.85 3.08
C SER A 410 -38.12 -27.07 3.71
N LYS A 411 -37.75 -27.45 4.94
CA LYS A 411 -36.74 -26.70 5.71
C LYS A 411 -35.44 -27.42 5.75
N LEU A 412 -34.36 -26.65 5.85
CA LEU A 412 -33.05 -27.26 6.04
C LEU A 412 -33.06 -27.97 7.39
N SER A 413 -32.67 -29.24 7.43
CA SER A 413 -32.74 -29.98 8.68
C SER A 413 -31.84 -29.43 9.79
N LYS A 414 -32.17 -29.84 11.01
CA LYS A 414 -31.49 -29.38 12.20
C LYS A 414 -30.23 -30.15 12.23
N ALA A 415 -29.10 -29.46 12.24
CA ALA A 415 -27.83 -30.13 12.28
C ALA A 415 -27.50 -30.63 13.74
N ARG A 416 -26.48 -31.49 13.88
CA ARG A 416 -26.00 -31.93 15.20
C ARG A 416 -25.23 -30.80 15.89
N VAL A 417 -24.69 -29.88 15.10
CA VAL A 417 -23.82 -28.88 15.66
C VAL A 417 -24.06 -27.54 15.00
N ALA A 418 -24.09 -26.52 15.86
CA ALA A 418 -24.34 -25.15 15.45
C ALA A 418 -23.01 -24.41 15.53
N ILE A 419 -22.69 -23.63 14.49
CA ILE A 419 -21.49 -22.83 14.51
C ILE A 419 -21.92 -21.36 14.65
N VAL A 420 -21.46 -20.71 15.72
CA VAL A 420 -21.91 -19.35 16.02
C VAL A 420 -21.14 -18.28 15.23
N GLN A 421 -21.87 -17.41 14.53
CA GLN A 421 -21.30 -16.29 13.81
C GLN A 421 -21.83 -15.02 14.49
N ASP A 422 -21.04 -13.97 14.53
CA ASP A 422 -21.44 -12.81 15.29
C ASP A 422 -20.77 -11.57 14.77
N ILE A 423 -21.56 -10.81 14.02
CA ILE A 423 -21.07 -9.61 13.34
C ILE A 423 -20.49 -8.64 14.35
N GLN A 424 -21.08 -8.52 15.54
CA GLN A 424 -20.57 -7.51 16.47
C GLN A 424 -19.22 -7.90 17.03
N SER A 425 -19.02 -9.19 17.28
CA SER A 425 -17.67 -9.63 17.65
C SER A 425 -16.70 -9.36 16.50
N GLU A 426 -17.13 -9.60 15.27
CA GLU A 426 -16.30 -9.24 14.12
C GLU A 426 -15.89 -7.76 14.19
N TRP A 427 -16.86 -6.86 14.41
CA TRP A 427 -16.54 -5.41 14.53
C TRP A 427 -15.49 -5.13 15.59
N ALA A 428 -15.62 -5.79 16.74
CA ALA A 428 -14.77 -5.53 17.88
C ALA A 428 -13.37 -5.96 17.57
N THR A 429 -13.23 -7.13 16.95
CA THR A 429 -11.92 -7.68 16.54
C THR A 429 -11.16 -6.88 15.44
N GLU A 430 -11.78 -5.86 14.88
CA GLU A 430 -11.23 -5.07 13.79
C GLU A 430 -10.40 -3.87 14.22
N HIS A 431 -10.38 -3.61 15.51
CA HIS A 431 -9.71 -2.42 16.02
C HIS A 431 -8.20 -2.51 15.83
N THR A 432 -7.54 -1.37 15.62
CA THR A 432 -6.11 -1.42 15.26
C THR A 432 -5.10 -1.62 16.40
N ALA A 433 -5.58 -1.67 17.65
CA ALA A 433 -4.75 -1.89 18.85
C ALA A 433 -5.06 -3.17 19.63
N THR A 434 -5.46 -4.22 18.91
CA THR A 434 -5.65 -5.56 19.48
C THR A 434 -4.33 -6.34 19.57
N PRO A 435 -4.39 -7.56 20.12
CA PRO A 435 -3.08 -8.22 20.22
C PRO A 435 -2.45 -8.47 18.89
N THR A 436 -3.25 -8.70 17.85
CA THR A 436 -2.75 -8.87 16.48
C THR A 436 -3.85 -8.64 15.45
N GLN A 437 -3.51 -7.90 14.40
CA GLN A 437 -4.44 -7.67 13.30
C GLN A 437 -4.63 -8.93 12.45
N HIS A 438 -3.84 -9.97 12.70
CA HIS A 438 -3.95 -11.18 11.90
C HIS A 438 -5.05 -12.11 12.33
N ILE A 439 -5.88 -11.62 13.25
CA ILE A 439 -7.00 -12.35 13.85
C ILE A 439 -8.27 -11.54 13.81
N ARG A 440 -9.27 -12.02 13.09
CA ARG A 440 -10.56 -11.40 13.08
C ARG A 440 -11.52 -12.50 13.43
N GLU A 441 -12.70 -12.13 13.88
CA GLU A 441 -13.71 -13.14 14.20
C GLU A 441 -14.18 -13.97 12.98
N TRP A 442 -14.31 -13.35 11.80
CA TRP A 442 -15.07 -13.98 10.72
C TRP A 442 -14.49 -15.31 10.20
N THR A 443 -13.16 -15.47 10.30
CA THR A 443 -12.51 -16.61 9.70
C THR A 443 -12.68 -17.88 10.46
N GLU A 444 -12.69 -17.81 11.78
CA GLU A 444 -12.73 -19.00 12.63
C GLU A 444 -14.04 -19.86 12.47
N PRO A 445 -15.24 -19.24 12.47
CA PRO A 445 -16.44 -20.06 12.14
C PRO A 445 -16.35 -20.75 10.76
N LEU A 446 -15.78 -20.04 9.80
CA LEU A 446 -15.59 -20.61 8.48
C LEU A 446 -14.60 -21.79 8.56
N ASP A 447 -13.57 -21.69 9.37
CA ASP A 447 -12.68 -22.84 9.52
C ASP A 447 -13.44 -24.03 10.17
N TRP A 448 -14.23 -23.77 11.20
CA TRP A 448 -14.91 -24.86 11.87
C TRP A 448 -16.00 -25.48 10.98
N PHE A 449 -16.66 -24.68 10.16
CA PHE A 449 -17.61 -25.25 9.20
C PHE A 449 -16.89 -26.15 8.21
N ALA A 450 -15.83 -25.64 7.61
CA ALA A 450 -15.09 -26.49 6.71
C ALA A 450 -14.57 -27.77 7.41
N ALA A 451 -14.00 -27.63 8.62
CA ALA A 451 -13.45 -28.79 9.34
C ALA A 451 -14.49 -29.88 9.56
N PHE A 452 -15.67 -29.52 10.06
CA PHE A 452 -16.74 -30.48 10.16
C PHE A 452 -17.16 -31.12 8.82
N ALA A 453 -17.27 -30.32 7.76
CA ALA A 453 -17.43 -30.90 6.42
C ALA A 453 -16.34 -31.93 6.07
N ASN A 454 -15.08 -31.65 6.43
CA ASN A 454 -14.06 -32.67 6.28
C ASN A 454 -14.38 -33.99 7.03
N ARG A 455 -15.24 -33.95 8.06
CA ARG A 455 -15.57 -35.17 8.81
C ARG A 455 -16.97 -35.71 8.53
N GLY A 456 -17.55 -35.25 7.44
CA GLY A 456 -18.88 -35.67 7.04
C GLY A 456 -19.97 -35.17 7.96
N VAL A 457 -19.77 -33.99 8.54
CA VAL A 457 -20.80 -33.38 9.36
C VAL A 457 -21.12 -32.04 8.78
N THR A 458 -22.41 -31.82 8.53
CA THR A 458 -22.86 -30.57 7.99
C THR A 458 -23.49 -29.78 9.13
N ALA A 459 -22.84 -28.70 9.49
CA ALA A 459 -23.23 -27.90 10.62
C ALA A 459 -24.15 -26.82 10.18
N ASP A 460 -24.92 -26.30 11.12
CA ASP A 460 -25.72 -25.13 10.88
C ASP A 460 -24.93 -23.93 11.39
N VAL A 461 -24.61 -23.01 10.49
CA VAL A 461 -24.05 -21.74 10.89
C VAL A 461 -25.23 -20.93 11.39
N THR A 462 -25.11 -20.39 12.61
CA THR A 462 -26.19 -19.66 13.25
C THR A 462 -25.71 -18.34 13.84
N PRO A 463 -26.51 -17.29 13.67
CA PRO A 463 -26.22 -16.03 14.38
C PRO A 463 -26.30 -16.18 15.91
N ILE A 464 -25.77 -15.23 16.66
CA ILE A 464 -25.53 -15.46 18.08
C ILE A 464 -26.87 -15.44 18.79
N HIS A 465 -27.79 -14.64 18.27
CA HIS A 465 -29.12 -14.57 18.83
C HIS A 465 -30.08 -15.64 18.35
N ALA A 466 -29.63 -16.61 17.57
CA ALA A 466 -30.54 -17.67 17.16
C ALA A 466 -30.38 -18.79 18.18
N GLN A 467 -31.13 -19.89 18.00
CA GLN A 467 -31.31 -20.89 19.05
C GLN A 467 -30.27 -21.99 18.98
N TRP A 468 -29.01 -21.59 18.87
CA TRP A 468 -27.89 -22.53 18.80
C TRP A 468 -27.89 -23.35 20.05
N ASP A 469 -28.47 -22.78 21.11
CA ASP A 469 -28.47 -23.46 22.43
C ASP A 469 -29.56 -24.55 22.55
N THR A 470 -30.15 -24.94 21.42
CA THR A 470 -30.96 -26.15 21.38
C THR A 470 -30.28 -27.28 20.57
N TYR A 471 -28.98 -27.25 20.36
CA TYR A 471 -28.36 -28.27 19.52
C TYR A 471 -27.59 -29.21 20.42
N ASP A 472 -27.22 -30.39 19.92
CA ASP A 472 -26.43 -31.31 20.73
C ASP A 472 -25.07 -30.66 21.07
N ALA A 473 -24.57 -29.83 20.15
CA ALA A 473 -23.26 -29.20 20.24
C ALA A 473 -23.23 -27.82 19.59
N VAL A 474 -22.40 -26.93 20.15
CA VAL A 474 -22.18 -25.59 19.59
C VAL A 474 -20.70 -25.23 19.50
N VAL A 475 -20.36 -24.41 18.51
CA VAL A 475 -19.00 -23.91 18.36
C VAL A 475 -18.99 -22.45 18.66
N ILE A 476 -18.07 -22.06 19.55
CA ILE A 476 -17.87 -20.66 19.95
C ILE A 476 -16.52 -20.24 19.42
N PRO A 477 -16.51 -19.65 18.21
CA PRO A 477 -15.25 -19.38 17.52
C PRO A 477 -15.01 -17.90 17.48
N CYS A 478 -14.04 -17.49 18.28
CA CYS A 478 -13.64 -16.11 18.37
C CYS A 478 -14.81 -15.23 18.68
N VAL A 479 -15.68 -15.63 19.59
CA VAL A 479 -16.81 -14.77 19.97
C VAL A 479 -16.33 -13.84 21.07
N TYR A 480 -15.70 -12.77 20.63
CA TYR A 480 -14.88 -11.91 21.47
C TYR A 480 -15.75 -11.18 22.50
N LEU A 481 -16.97 -10.80 22.12
CA LEU A 481 -17.91 -10.14 23.01
C LEU A 481 -18.76 -11.20 23.72
N PHE A 482 -18.76 -11.15 25.04
CA PHE A 482 -19.65 -11.98 25.89
C PHE A 482 -20.34 -11.06 26.85
N SER A 483 -21.65 -10.91 26.71
CA SER A 483 -22.45 -10.22 27.71
C SER A 483 -22.70 -11.22 28.77
N GLU A 484 -23.21 -10.73 29.90
CA GLU A 484 -23.60 -11.56 31.01
C GLU A 484 -24.67 -12.56 30.56
N GLU A 485 -25.62 -12.10 29.74
CA GLU A 485 -26.70 -12.96 29.26
C GLU A 485 -26.14 -14.03 28.32
N MET A 486 -25.28 -13.61 27.40
CA MET A 486 -24.59 -14.59 26.55
C MET A 486 -23.82 -15.60 27.44
N ALA A 487 -23.24 -15.11 28.52
CA ALA A 487 -22.51 -16.01 29.39
C ALA A 487 -23.45 -16.98 30.09
N GLU A 488 -24.65 -16.52 30.47
CA GLU A 488 -25.57 -17.43 31.15
C GLU A 488 -26.08 -18.49 30.20
N ARG A 489 -26.38 -18.10 28.95
CA ARG A 489 -26.95 -19.03 27.97
C ARG A 489 -26.06 -20.21 27.78
N LEU A 490 -24.76 -19.94 27.67
CA LEU A 490 -23.78 -20.99 27.46
C LEU A 490 -23.61 -21.84 28.67
N ARG A 491 -23.62 -21.19 29.84
CA ARG A 491 -23.41 -21.94 31.09
C ARG A 491 -24.51 -22.97 31.25
N THR A 492 -25.74 -22.54 30.98
CA THR A 492 -26.92 -23.42 31.00
C THR A 492 -26.87 -24.47 29.91
N PHE A 493 -26.53 -24.04 28.71
CA PHE A 493 -26.49 -24.97 27.60
C PHE A 493 -25.56 -26.12 27.99
N VAL A 494 -24.45 -25.82 28.64
CA VAL A 494 -23.54 -26.88 29.06
C VAL A 494 -24.03 -27.63 30.32
N ARG A 495 -24.58 -26.92 31.31
CA ARG A 495 -25.07 -27.61 32.51
C ARG A 495 -25.97 -28.76 32.15
N ASN A 496 -26.90 -28.48 31.24
CA ASN A 496 -27.91 -29.43 30.82
C ASN A 496 -27.51 -30.41 29.75
N GLY A 497 -26.21 -30.61 29.54
CA GLY A 497 -25.74 -31.67 28.66
C GLY A 497 -25.21 -31.24 27.28
N GLY A 498 -25.28 -29.94 26.99
CA GLY A 498 -24.68 -29.39 25.79
C GLY A 498 -23.21 -29.63 25.71
N LYS A 499 -22.70 -29.89 24.50
CA LYS A 499 -21.27 -30.03 24.27
C LYS A 499 -20.79 -28.81 23.48
N ALA A 500 -19.76 -28.12 23.96
CA ALA A 500 -19.32 -26.83 23.38
C ALA A 500 -17.84 -26.81 23.07
N PHE A 501 -17.53 -26.30 21.89
CA PHE A 501 -16.16 -26.12 21.44
C PHE A 501 -15.90 -24.64 21.54
N VAL A 502 -14.99 -24.25 22.43
CA VAL A 502 -14.71 -22.82 22.64
C VAL A 502 -13.28 -22.47 22.21
N THR A 503 -13.13 -21.34 21.52
CA THR A 503 -11.80 -20.99 21.01
C THR A 503 -11.22 -19.74 21.60
N TYR A 504 -9.90 -19.66 21.47
CA TYR A 504 -9.18 -18.42 21.63
C TYR A 504 -9.98 -17.26 21.05
N TYR A 505 -9.85 -16.11 21.72
CA TYR A 505 -10.46 -14.80 21.35
C TYR A 505 -11.96 -14.78 21.60
N SER A 506 -12.42 -15.71 22.45
CA SER A 506 -13.80 -15.69 22.93
C SER A 506 -13.89 -15.11 24.35
N ALA A 507 -14.92 -14.31 24.60
CA ALA A 507 -15.22 -13.88 25.94
C ALA A 507 -14.08 -13.03 26.50
N LEU A 508 -13.64 -12.05 25.72
CA LEU A 508 -12.60 -11.11 26.16
C LEU A 508 -13.23 -9.89 26.76
N ALA A 509 -14.37 -9.48 26.22
CA ALA A 509 -14.95 -8.22 26.68
C ALA A 509 -16.46 -8.29 26.77
N ASP A 510 -17.01 -7.46 27.64
CA ASP A 510 -18.45 -7.22 27.64
C ASP A 510 -18.84 -6.57 26.31
N GLU A 511 -20.06 -6.08 26.18
CA GLU A 511 -20.58 -5.61 24.90
C GLU A 511 -20.19 -4.19 24.52
N HIS A 512 -19.53 -3.47 25.41
CA HIS A 512 -19.06 -2.12 25.09
C HIS A 512 -17.56 -2.16 24.79
N ASP A 513 -17.04 -3.37 24.64
CA ASP A 513 -15.63 -3.62 24.43
C ASP A 513 -14.76 -3.31 25.65
N ARG A 514 -15.34 -3.56 26.83
CA ARG A 514 -14.62 -3.39 28.09
C ARG A 514 -14.25 -4.77 28.49
N LEU A 515 -12.93 -4.98 28.54
CA LEU A 515 -12.32 -6.27 28.80
C LEU A 515 -12.74 -6.86 30.15
N HIS A 516 -12.93 -8.16 30.18
CA HIS A 516 -13.22 -8.86 31.41
C HIS A 516 -11.99 -8.95 32.32
N THR A 517 -12.20 -8.94 33.62
CA THR A 517 -11.08 -9.07 34.56
C THR A 517 -10.97 -10.47 35.13
N GLU A 518 -9.90 -10.71 35.87
CA GLU A 518 -9.62 -11.96 36.61
C GLU A 518 -9.29 -13.15 35.72
N GLY A 519 -9.09 -12.87 34.45
CA GLY A 519 -8.65 -13.91 33.56
C GLY A 519 -9.67 -14.28 32.52
N TRP A 520 -9.11 -14.81 31.45
CA TRP A 520 -9.87 -15.21 30.28
C TRP A 520 -9.89 -16.74 30.20
N PRO A 521 -10.87 -17.30 29.48
CA PRO A 521 -12.04 -16.56 28.97
C PRO A 521 -12.80 -15.90 30.12
N GLY A 522 -13.36 -14.73 29.89
CA GLY A 522 -14.06 -14.01 30.93
C GLY A 522 -15.46 -14.52 31.14
N LEU A 523 -15.99 -14.30 32.35
CA LEU A 523 -17.33 -14.75 32.80
C LEU A 523 -17.53 -16.26 32.91
N ILE A 524 -16.71 -17.04 32.20
CA ILE A 524 -17.12 -18.32 31.67
C ILE A 524 -16.11 -19.41 32.04
N GLY A 525 -15.09 -19.02 32.81
CA GLY A 525 -13.94 -19.86 33.14
C GLY A 525 -14.25 -21.08 33.97
N ASP A 526 -15.26 -20.91 34.84
CA ASP A 526 -15.82 -21.99 35.62
C ASP A 526 -16.32 -23.09 34.70
N VAL A 527 -17.00 -22.69 33.62
CA VAL A 527 -17.56 -23.67 32.72
C VAL A 527 -16.49 -24.27 31.83
N VAL A 528 -15.54 -23.46 31.44
CA VAL A 528 -14.53 -23.92 30.50
C VAL A 528 -13.42 -24.70 31.16
N GLY A 529 -13.06 -24.31 32.38
CA GLY A 529 -12.05 -25.02 33.12
C GLY A 529 -10.63 -24.58 32.79
N VAL A 530 -10.49 -23.36 32.30
CA VAL A 530 -9.19 -22.92 31.82
C VAL A 530 -8.99 -21.43 32.17
N ARG A 531 -7.74 -21.05 32.44
CA ARG A 531 -7.40 -19.65 32.82
C ARG A 531 -6.19 -19.04 32.11
N ILE A 532 -6.39 -17.88 31.48
CA ILE A 532 -5.42 -17.24 30.59
C ILE A 532 -5.09 -15.79 31.03
N GLU A 533 -3.81 -15.50 31.23
CA GLU A 533 -3.44 -14.16 31.74
C GLU A 533 -3.05 -13.22 30.63
N GLU A 534 -2.68 -13.80 29.50
CA GLU A 534 -2.31 -13.01 28.33
C GLU A 534 -2.20 -13.89 27.07
N HIS A 535 -2.21 -13.22 25.92
CA HIS A 535 -2.04 -13.86 24.61
C HIS A 535 -0.57 -13.93 24.15
N CYS A 536 -0.30 -14.85 23.24
CA CYS A 536 1.02 -15.01 22.65
C CYS A 536 0.89 -14.85 21.13
N PRO A 537 0.77 -13.60 20.65
CA PRO A 537 0.64 -13.38 19.20
C PRO A 537 1.89 -13.86 18.42
N LEU A 538 1.64 -14.34 17.21
CA LEU A 538 2.71 -14.89 16.38
C LEU A 538 2.68 -14.29 14.98
N GLY A 539 3.87 -14.13 14.41
CA GLY A 539 3.98 -13.60 13.07
C GLY A 539 5.41 -13.52 12.65
N THR A 540 5.67 -12.76 11.57
CA THR A 540 7.01 -12.59 11.01
C THR A 540 7.34 -11.15 10.79
N LEU A 541 6.60 -10.23 11.39
CA LEU A 541 6.88 -8.80 11.30
C LEU A 541 8.37 -8.41 11.43
N PHE A 542 9.11 -9.13 12.26
CA PHE A 542 10.50 -8.79 12.58
C PHE A 542 11.35 -10.05 12.50
N PRO A 543 12.65 -9.88 12.16
CA PRO A 543 13.53 -11.04 12.12
C PRO A 543 13.60 -11.76 13.46
N GLY A 544 13.37 -13.06 13.42
CA GLY A 544 13.44 -13.86 14.62
C GLY A 544 12.19 -13.82 15.49
N MET A 545 11.13 -13.15 15.09
CA MET A 545 9.91 -13.24 15.87
C MET A 545 9.44 -14.68 15.99
N LEU A 546 8.79 -15.02 17.10
CA LEU A 546 8.13 -16.32 17.24
C LEU A 546 6.96 -16.38 16.25
N ASP A 547 7.00 -17.30 15.28
CA ASP A 547 6.00 -17.23 14.20
C ASP A 547 5.06 -18.45 14.08
N HIS A 548 5.25 -19.45 14.90
CA HIS A 548 4.30 -20.53 15.02
C HIS A 548 4.55 -21.30 16.30
N LEU A 549 3.57 -22.14 16.66
CA LEU A 549 3.73 -23.08 17.77
C LEU A 549 3.23 -24.47 17.36
N ASP A 550 4.16 -25.42 17.31
CA ASP A 550 3.80 -26.79 17.10
C ASP A 550 2.92 -27.30 18.25
N VAL A 551 1.96 -28.15 17.93
CA VAL A 551 1.11 -28.75 18.91
C VAL A 551 1.39 -30.25 18.93
N SER A 552 1.25 -30.87 20.11
CA SER A 552 1.73 -32.23 20.36
C SER A 552 0.98 -33.30 19.54
N ASN A 553 -0.23 -32.98 19.04
CA ASN A 553 -0.98 -33.87 18.16
C ASN A 553 -0.59 -33.78 16.66
N GLY A 554 0.36 -32.91 16.34
CA GLY A 554 0.94 -32.86 15.01
C GLY A 554 0.45 -31.71 14.17
N THR A 555 -0.35 -30.86 14.80
CA THR A 555 -0.85 -29.68 14.12
C THR A 555 0.04 -28.48 14.47
N VAL A 556 -0.35 -27.31 13.98
CA VAL A 556 0.43 -26.11 14.19
C VAL A 556 -0.47 -24.90 14.40
N VAL A 557 -0.10 -24.05 15.34
CA VAL A 557 -0.87 -22.83 15.55
C VAL A 557 -0.16 -21.67 14.91
N HIS A 558 -0.95 -20.76 14.32
CA HIS A 558 -0.40 -19.58 13.64
C HIS A 558 -1.13 -18.33 14.10
N ASP A 559 -0.50 -17.16 13.87
CA ASP A 559 -1.08 -15.85 14.10
C ASP A 559 -1.21 -15.52 15.58
N LEU A 560 -1.85 -16.41 16.34
CA LEU A 560 -2.11 -16.21 17.77
C LEU A 560 -2.39 -17.46 18.62
N ALA A 561 -1.87 -17.43 19.86
CA ALA A 561 -2.06 -18.47 20.88
C ALA A 561 -2.38 -17.93 22.28
N ASP A 562 -3.22 -18.64 23.03
CA ASP A 562 -3.43 -18.28 24.43
C ASP A 562 -2.30 -18.86 25.29
N VAL A 563 -1.97 -18.14 26.36
CA VAL A 563 -1.07 -18.65 27.35
C VAL A 563 -1.95 -19.16 28.48
N ILE A 564 -2.24 -20.45 28.48
CA ILE A 564 -3.09 -21.01 29.53
C ILE A 564 -2.22 -21.19 30.77
N ASP A 565 -2.53 -20.45 31.83
CA ASP A 565 -1.70 -20.40 33.03
C ASP A 565 -2.01 -21.58 33.92
N ALA A 566 -3.31 -21.80 34.12
CA ALA A 566 -3.77 -22.83 35.00
C ALA A 566 -5.02 -23.39 34.42
N ILE A 567 -5.28 -24.65 34.76
CA ILE A 567 -6.55 -25.32 34.45
C ILE A 567 -7.21 -25.91 35.71
N ALA A 568 -8.53 -26.05 35.67
CA ALA A 568 -9.30 -26.63 36.75
C ALA A 568 -8.90 -28.09 37.02
N ASP A 569 -9.21 -28.60 38.21
CA ASP A 569 -8.77 -29.95 38.61
C ASP A 569 -9.24 -31.06 37.68
N ASP A 570 -10.48 -30.94 37.21
CA ASP A 570 -11.08 -31.92 36.33
C ASP A 570 -10.98 -31.56 34.84
N THR A 571 -10.21 -30.52 34.53
CA THR A 571 -9.82 -30.26 33.15
C THR A 571 -8.73 -31.26 32.69
N THR A 572 -8.98 -31.93 31.56
CA THR A 572 -7.97 -32.78 30.96
C THR A 572 -7.33 -32.09 29.75
N VAL A 573 -6.01 -32.23 29.67
CA VAL A 573 -5.26 -31.66 28.60
C VAL A 573 -5.10 -32.72 27.51
N LEU A 574 -5.67 -32.45 26.34
CA LEU A 574 -5.62 -33.36 25.19
C LEU A 574 -4.36 -33.13 24.35
N ALA A 575 -3.85 -31.90 24.34
CA ALA A 575 -2.64 -31.58 23.58
C ALA A 575 -1.89 -30.41 24.19
N THR A 576 -0.57 -30.40 24.03
CA THR A 576 0.20 -29.29 24.52
C THR A 576 1.01 -28.65 23.40
N PHE A 577 1.38 -27.39 23.60
CA PHE A 577 2.33 -26.75 22.71
C PHE A 577 3.75 -27.29 22.88
N GLU A 578 4.46 -27.34 21.75
CA GLU A 578 5.83 -27.78 21.69
C GLU A 578 6.64 -26.60 21.19
N ALA A 579 7.56 -26.12 22.02
CA ALA A 579 8.36 -24.96 21.64
C ALA A 579 9.74 -24.99 22.21
N ASP A 580 10.55 -24.04 21.75
CA ASP A 580 11.82 -23.70 22.35
C ASP A 580 11.49 -23.29 23.80
N PRO A 581 12.17 -23.87 24.76
CA PRO A 581 11.80 -23.63 26.16
C PRO A 581 11.85 -22.17 26.61
N ALA A 582 12.72 -21.35 26.03
CA ALA A 582 12.88 -19.97 26.47
C ALA A 582 11.66 -19.13 26.17
N THR A 583 10.72 -19.69 25.41
CA THR A 583 9.50 -19.00 25.00
C THR A 583 8.48 -18.96 26.10
N GLY A 584 8.68 -19.81 27.09
CA GLY A 584 7.73 -19.95 28.16
C GLY A 584 6.47 -20.63 27.68
N MET A 585 6.52 -21.22 26.48
CA MET A 585 5.33 -21.88 25.94
C MET A 585 5.47 -23.38 25.85
N ASP A 586 6.66 -23.93 26.01
CA ASP A 586 6.82 -25.36 25.81
C ASP A 586 5.99 -26.12 26.80
N GLY A 587 5.17 -27.02 26.32
CA GLY A 587 4.41 -27.86 27.21
C GLY A 587 3.15 -27.24 27.79
N ARG A 588 2.88 -25.99 27.48
CA ARG A 588 1.63 -25.38 27.91
C ARG A 588 0.40 -26.05 27.26
N ALA A 589 -0.77 -25.87 27.88
CA ALA A 589 -1.97 -26.52 27.38
C ALA A 589 -2.40 -25.84 26.09
N ALA A 590 -2.74 -26.67 25.09
CA ALA A 590 -3.15 -26.19 23.75
C ALA A 590 -4.57 -26.61 23.39
N ILE A 591 -4.95 -27.83 23.75
CA ILE A 591 -6.35 -28.28 23.60
C ILE A 591 -6.82 -28.99 24.88
N THR A 592 -7.91 -28.52 25.46
CA THR A 592 -8.39 -29.05 26.74
C THR A 592 -9.87 -29.41 26.66
N VAL A 593 -10.28 -30.30 27.56
CA VAL A 593 -11.67 -30.63 27.69
C VAL A 593 -11.99 -30.65 29.18
N HIS A 594 -13.19 -30.19 29.52
CA HIS A 594 -13.57 -29.97 30.88
C HIS A 594 -15.03 -30.25 31.01
N PRO A 595 -15.38 -31.24 31.84
CA PRO A 595 -16.76 -31.56 32.17
C PRO A 595 -17.38 -30.45 32.99
N TYR A 596 -18.65 -30.16 32.75
CA TYR A 596 -19.42 -29.24 33.59
C TYR A 596 -20.85 -29.76 33.76
N HIS A 597 -21.10 -30.44 34.87
CA HIS A 597 -22.40 -31.12 35.08
C HIS A 597 -22.62 -32.13 33.96
N GLU A 598 -23.63 -31.94 33.12
CA GLU A 598 -23.88 -32.93 32.07
C GLU A 598 -23.11 -32.78 30.75
N GLY A 599 -22.80 -31.55 30.31
CA GLY A 599 -21.84 -31.30 29.22
C GLY A 599 -20.43 -31.23 29.82
N GLY A 600 -19.41 -30.68 29.16
CA GLY A 600 -19.27 -30.55 27.73
C GLY A 600 -18.43 -29.36 27.24
N VAL A 601 -17.19 -29.13 27.66
CA VAL A 601 -16.43 -28.03 27.01
C VAL A 601 -15.01 -28.28 26.62
N ALA A 602 -14.75 -28.15 25.32
CA ALA A 602 -13.39 -28.25 24.81
C ALA A 602 -12.89 -26.84 24.53
N TYR A 603 -11.62 -26.57 24.86
CA TYR A 603 -11.03 -25.26 24.60
C TYR A 603 -9.90 -25.47 23.60
N ILE A 604 -9.78 -24.54 22.64
CA ILE A 604 -8.76 -24.59 21.59
C ILE A 604 -7.97 -23.26 21.56
N ALA A 605 -6.70 -23.32 21.96
CA ALA A 605 -5.95 -22.13 22.40
C ALA A 605 -5.12 -21.42 21.31
N GLY A 606 -5.56 -21.50 20.05
CA GLY A 606 -4.86 -20.88 18.94
C GLY A 606 -5.55 -21.20 17.61
N LYS A 607 -5.16 -20.47 16.56
CA LYS A 607 -5.69 -20.66 15.20
C LYS A 607 -5.04 -21.87 14.59
N LEU A 608 -5.83 -22.91 14.36
CA LEU A 608 -5.28 -24.13 13.84
C LEU A 608 -5.45 -24.22 12.33
N GLY A 609 -6.42 -23.45 11.80
CA GLY A 609 -6.82 -23.45 10.41
C GLY A 609 -7.82 -24.55 10.08
N ARG A 610 -8.49 -24.49 8.93
CA ARG A 610 -9.35 -25.60 8.50
C ARG A 610 -8.73 -26.94 8.82
N ASP A 611 -7.48 -27.12 8.46
CA ASP A 611 -6.86 -28.46 8.52
C ASP A 611 -6.43 -28.94 9.91
N GLY A 612 -5.96 -28.02 10.74
CA GLY A 612 -5.59 -28.33 12.11
C GLY A 612 -6.82 -28.63 12.96
N ILE A 613 -7.89 -27.86 12.79
CA ILE A 613 -9.14 -28.24 13.41
C ILE A 613 -9.57 -29.62 12.96
N SER A 614 -9.54 -29.87 11.66
CA SER A 614 -10.13 -31.10 11.16
C SER A 614 -9.28 -32.27 11.62
N GLN A 615 -7.98 -32.08 11.77
CA GLN A 615 -7.18 -33.21 12.15
C GLN A 615 -7.29 -33.49 13.66
N SER A 616 -7.61 -32.47 14.45
CA SER A 616 -7.82 -32.64 15.88
C SER A 616 -9.24 -33.07 16.22
N LEU A 617 -10.15 -33.01 15.26
CA LEU A 617 -11.58 -33.15 15.58
C LEU A 617 -11.93 -34.52 16.21
N PRO A 618 -11.36 -35.59 15.69
CA PRO A 618 -11.61 -36.90 16.30
C PRO A 618 -11.31 -36.95 17.80
N GLU A 619 -10.11 -36.58 18.18
CA GLU A 619 -9.73 -36.65 19.58
C GLU A 619 -10.67 -35.80 20.46
N ILE A 620 -11.01 -34.61 20.02
CA ILE A 620 -11.86 -33.72 20.80
C ILE A 620 -13.28 -34.26 20.93
N CYS A 621 -13.80 -34.72 19.80
CA CYS A 621 -15.14 -35.27 19.78
C CYS A 621 -15.21 -36.50 20.65
N ALA A 622 -14.24 -37.38 20.56
CA ALA A 622 -14.26 -38.56 21.42
C ALA A 622 -14.30 -38.20 22.92
N ALA A 623 -13.56 -37.18 23.33
CA ALA A 623 -13.51 -36.82 24.74
C ALA A 623 -14.82 -36.20 25.20
N LEU A 624 -15.49 -35.50 24.28
CA LEU A 624 -16.74 -34.84 24.58
C LEU A 624 -17.92 -35.81 24.47
N GLY A 625 -17.72 -36.97 23.86
CA GLY A 625 -18.81 -37.90 23.59
C GLY A 625 -19.73 -37.45 22.46
N PHE A 626 -19.12 -37.11 21.34
CA PHE A 626 -19.83 -36.70 20.15
C PHE A 626 -19.40 -37.69 19.10
N GLU A 627 -20.30 -38.49 18.57
CA GLU A 627 -19.85 -39.45 17.57
C GLU A 627 -19.37 -38.69 16.34
N LEU A 628 -18.33 -39.22 15.73
CA LEU A 628 -17.63 -38.60 14.61
C LEU A 628 -17.03 -39.72 13.83
N ASP A 629 -17.20 -39.76 12.51
CA ASP A 629 -16.44 -40.68 11.67
C ASP A 629 -14.98 -40.17 11.57
N ALA A 630 -14.05 -41.04 11.93
CA ALA A 630 -12.66 -40.67 12.01
C ALA A 630 -11.93 -40.80 10.70
N ASP A 631 -12.59 -41.36 9.70
CA ASP A 631 -11.97 -41.59 8.39
C ASP A 631 -12.08 -40.32 7.58
N PRO A 632 -10.97 -39.87 7.00
CA PRO A 632 -10.96 -38.68 6.13
C PRO A 632 -11.86 -38.79 4.88
N ARG A 633 -12.02 -39.98 4.33
CA ARG A 633 -12.92 -40.14 3.20
C ARG A 633 -14.28 -39.52 3.55
N ALA A 634 -14.63 -39.42 4.82
CA ALA A 634 -15.98 -39.04 5.16
C ALA A 634 -16.38 -37.67 4.65
N GLY A 635 -15.41 -36.78 4.45
CA GLY A 635 -15.71 -35.43 4.01
C GLY A 635 -15.72 -35.33 2.49
N ASP A 636 -15.33 -36.40 1.82
CA ASP A 636 -15.32 -36.40 0.39
C ASP A 636 -16.66 -35.85 -0.21
N VAL A 637 -17.81 -36.21 0.35
CA VAL A 637 -19.03 -35.57 -0.11
C VAL A 637 -19.84 -34.85 0.97
N LEU A 638 -20.33 -33.68 0.60
CA LEU A 638 -21.16 -32.89 1.46
C LEU A 638 -22.60 -33.31 1.24
N ARG A 639 -23.29 -33.66 2.33
CA ARG A 639 -24.68 -34.12 2.29
C ARG A 639 -25.56 -33.10 2.98
N VAL A 640 -26.49 -32.52 2.24
CA VAL A 640 -27.32 -31.45 2.73
C VAL A 640 -28.79 -31.88 2.58
N VAL A 641 -29.56 -31.75 3.65
CA VAL A 641 -30.92 -32.31 3.70
C VAL A 641 -32.01 -31.30 4.02
N ARG A 642 -33.10 -31.36 3.25
CA ARG A 642 -34.31 -30.56 3.48
C ARG A 642 -35.48 -31.46 3.79
N GLU A 643 -36.30 -31.07 4.75
CA GLU A 643 -37.36 -31.98 5.23
C GLU A 643 -38.72 -31.32 5.15
N GLN A 644 -39.69 -31.98 4.51
CA GLN A 644 -41.08 -31.53 4.54
C GLN A 644 -41.78 -31.88 5.85
N GLU A 645 -42.77 -31.08 6.21
CA GLU A 645 -43.65 -31.38 7.34
C GLU A 645 -44.30 -32.77 7.21
N ASP A 646 -44.75 -33.07 6.00
CA ASP A 646 -45.36 -34.36 5.68
C ASP A 646 -44.41 -35.57 5.72
N GLY A 647 -43.12 -35.35 5.89
CA GLY A 647 -42.15 -36.43 6.03
C GLY A 647 -41.24 -36.64 4.82
N ALA A 648 -41.56 -35.98 3.72
CA ALA A 648 -40.73 -36.02 2.54
C ALA A 648 -39.34 -35.57 2.88
N ILE A 649 -38.33 -36.24 2.35
CA ILE A 649 -36.95 -35.82 2.57
C ILE A 649 -36.21 -35.63 1.26
N PHE A 650 -35.65 -34.46 1.06
CA PHE A 650 -34.83 -34.19 -0.09
C PHE A 650 -33.33 -34.15 0.34
N GLU A 651 -32.54 -35.12 -0.16
CA GLU A 651 -31.13 -35.19 0.19
C GLU A 651 -30.23 -34.89 -1.00
N PHE A 652 -29.43 -33.82 -0.88
CA PHE A 652 -28.46 -33.47 -1.90
C PHE A 652 -27.04 -33.92 -1.56
N LEU A 653 -26.37 -34.52 -2.56
CA LEU A 653 -24.98 -34.95 -2.50
C LEU A 653 -24.08 -34.10 -3.43
N PHE A 654 -22.94 -33.62 -2.91
CA PHE A 654 -22.02 -32.73 -3.64
C PHE A 654 -20.58 -33.26 -3.44
N ASN A 655 -19.83 -33.45 -4.53
CA ASN A 655 -18.42 -33.76 -4.43
C ASN A 655 -17.69 -32.54 -3.93
N ARG A 656 -16.93 -32.72 -2.85
CA ARG A 656 -16.12 -31.65 -2.30
C ARG A 656 -14.67 -31.67 -2.86
N THR A 657 -14.32 -32.73 -3.56
CA THR A 657 -12.94 -33.02 -3.95
C THR A 657 -12.71 -32.81 -5.42
N ARG A 658 -11.50 -33.14 -5.88
CA ARG A 658 -11.09 -32.91 -7.27
C ARG A 658 -10.92 -34.20 -8.03
N ASN A 659 -11.52 -35.28 -7.54
CA ASN A 659 -11.46 -36.57 -8.20
C ASN A 659 -12.82 -37.24 -8.14
N THR A 660 -13.00 -38.31 -8.88
CA THR A 660 -14.27 -39.02 -8.87
C THR A 660 -14.46 -39.61 -7.50
N VAL A 661 -15.68 -39.52 -6.96
CA VAL A 661 -16.00 -40.16 -5.70
C VAL A 661 -17.22 -41.05 -5.81
N THR A 662 -17.25 -42.05 -4.95
CA THR A 662 -18.30 -43.04 -4.89
C THR A 662 -18.90 -42.99 -3.50
N ALA A 663 -20.22 -42.94 -3.43
CA ALA A 663 -20.94 -42.80 -2.17
C ALA A 663 -22.09 -43.77 -2.04
N ASP A 664 -22.53 -43.99 -0.81
CA ASP A 664 -23.75 -44.75 -0.58
C ASP A 664 -24.91 -44.00 -1.21
N ARG A 665 -25.67 -44.69 -2.02
CA ARG A 665 -26.83 -44.07 -2.63
C ARG A 665 -27.97 -43.92 -1.60
N PRO A 666 -28.54 -42.71 -1.46
CA PRO A 666 -29.70 -42.53 -0.60
C PRO A 666 -30.87 -43.26 -1.17
N ALA A 667 -31.87 -43.56 -0.35
CA ALA A 667 -33.07 -44.22 -0.83
C ALA A 667 -33.91 -43.22 -1.59
N GLY A 668 -34.79 -43.70 -2.48
CA GLY A 668 -35.76 -42.82 -3.09
C GLY A 668 -35.54 -42.57 -4.56
N ASP A 669 -36.25 -41.60 -5.10
CA ASP A 669 -36.15 -41.26 -6.51
C ASP A 669 -35.10 -40.19 -6.77
N MET A 670 -34.28 -40.44 -7.76
CA MET A 670 -33.29 -39.47 -8.19
C MET A 670 -34.01 -38.35 -8.91
N LEU A 671 -33.78 -37.11 -8.54
CA LEU A 671 -34.54 -36.02 -9.12
C LEU A 671 -33.68 -35.22 -10.08
N ILE A 672 -32.39 -35.18 -9.83
CA ILE A 672 -31.53 -34.19 -10.43
C ILE A 672 -30.11 -34.76 -10.53
N CYS A 673 -29.45 -34.60 -11.66
CA CYS A 673 -28.02 -34.87 -11.65
C CYS A 673 -27.20 -34.13 -12.68
N SER A 674 -26.11 -33.54 -12.20
CA SER A 674 -25.13 -32.83 -13.00
C SER A 674 -23.78 -33.42 -12.67
N LEU A 675 -23.03 -33.87 -13.68
CA LEU A 675 -21.71 -34.49 -13.48
C LEU A 675 -21.72 -35.61 -12.42
N ALA A 676 -22.75 -36.44 -12.50
CA ALA A 676 -22.88 -37.56 -11.59
C ALA A 676 -23.81 -38.64 -12.17
N THR A 677 -23.61 -39.85 -11.65
CA THR A 677 -24.25 -41.04 -12.14
C THR A 677 -24.97 -41.79 -11.03
N ASP A 678 -26.27 -41.97 -11.19
CA ASP A 678 -27.03 -42.88 -10.32
C ASP A 678 -26.65 -44.31 -10.70
N SER A 679 -26.54 -45.19 -9.72
CA SER A 679 -26.59 -46.62 -9.98
C SER A 679 -27.51 -47.14 -8.90
N THR A 680 -27.71 -48.44 -8.81
CA THR A 680 -28.68 -48.96 -7.86
C THR A 680 -28.00 -49.20 -6.52
N ASP A 681 -26.74 -49.58 -6.55
CA ASP A 681 -26.00 -49.84 -5.35
C ASP A 681 -25.53 -48.53 -4.75
N LYS A 682 -24.65 -47.91 -5.49
CA LYS A 682 -23.89 -46.80 -5.03
C LYS A 682 -23.93 -45.74 -6.11
N VAL A 683 -23.53 -44.54 -5.73
CA VAL A 683 -23.71 -43.36 -6.54
C VAL A 683 -22.30 -42.84 -6.90
N THR A 684 -22.13 -42.24 -8.04
CA THR A 684 -20.79 -41.82 -8.47
C THR A 684 -20.82 -40.34 -8.81
N LEU A 685 -19.96 -39.51 -8.23
CA LEU A 685 -19.91 -38.08 -8.60
C LEU A 685 -18.57 -37.63 -9.12
N GLU A 686 -18.62 -36.86 -10.18
CA GLU A 686 -17.40 -36.32 -10.74
C GLU A 686 -17.06 -35.09 -9.98
N PRO A 687 -15.87 -34.57 -10.22
CA PRO A 687 -15.55 -33.31 -9.59
C PRO A 687 -16.59 -32.32 -10.01
N ASN A 688 -17.04 -31.49 -9.05
CA ASN A 688 -18.07 -30.48 -9.25
C ASN A 688 -19.47 -31.06 -9.51
N GLY A 689 -19.64 -32.34 -9.24
CA GLY A 689 -20.90 -32.98 -9.48
C GLY A 689 -21.85 -32.83 -8.31
N VAL A 690 -23.14 -32.92 -8.60
CA VAL A 690 -24.16 -32.89 -7.59
C VAL A 690 -25.23 -33.89 -7.95
N LEU A 691 -25.82 -34.53 -6.93
CA LEU A 691 -27.01 -35.38 -7.08
C LEU A 691 -28.07 -35.02 -6.07
N ALA A 692 -29.35 -35.20 -6.41
CA ALA A 692 -30.40 -35.07 -5.41
C ALA A 692 -31.47 -36.18 -5.51
N PHE A 693 -31.94 -36.64 -4.35
CA PHE A 693 -32.93 -37.72 -4.20
C PHE A 693 -34.11 -37.34 -3.31
N ARG A 694 -35.33 -37.78 -3.67
CA ARG A 694 -36.49 -37.62 -2.78
C ARG A 694 -36.86 -38.97 -2.18
N ARG A 695 -37.02 -38.99 -0.87
CA ARG A 695 -37.41 -40.17 -0.07
C ARG A 695 -38.56 -39.79 0.86
N ARG B 8 2.50 18.98 -39.86
CA ARG B 8 3.26 20.23 -40.14
C ARG B 8 4.42 19.88 -41.08
N ALA B 9 5.05 20.85 -41.72
CA ALA B 9 6.20 20.34 -42.43
C ALA B 9 7.41 20.13 -41.48
N HIS B 10 8.17 19.08 -41.79
CA HIS B 10 9.43 18.75 -41.12
C HIS B 10 10.52 19.80 -41.30
N ARG B 11 10.82 20.46 -40.19
CA ARG B 11 11.91 21.40 -40.11
C ARG B 11 12.89 20.98 -39.00
N TRP B 12 14.03 20.44 -39.38
CA TRP B 12 15.15 20.13 -38.47
C TRP B 12 16.00 21.36 -38.12
N PRO B 13 16.56 21.42 -36.89
CA PRO B 13 17.38 22.61 -36.57
C PRO B 13 18.60 22.69 -37.44
N GLN B 14 19.00 23.89 -37.85
CA GLN B 14 20.13 24.02 -38.78
C GLN B 14 21.29 24.68 -38.08
N PRO B 15 22.49 24.49 -38.63
CA PRO B 15 23.74 24.90 -38.02
C PRO B 15 23.82 26.40 -37.79
N LEU B 16 24.72 26.83 -36.92
CA LEU B 16 24.86 28.26 -36.77
C LEU B 16 25.58 28.78 -38.00
N PRO B 17 25.22 30.01 -38.39
CA PRO B 17 25.95 30.72 -39.42
C PRO B 17 27.41 30.33 -39.46
N GLY B 18 27.74 29.61 -40.52
CA GLY B 18 29.12 29.34 -40.85
C GLY B 18 29.60 27.91 -40.87
N ASN B 19 29.23 27.07 -39.91
CA ASN B 19 29.70 25.70 -40.05
C ASN B 19 28.62 24.76 -40.55
N ASP B 20 29.08 23.56 -40.87
CA ASP B 20 28.31 22.56 -41.56
C ASP B 20 27.23 21.87 -40.74
N ARG B 21 26.65 20.85 -41.35
CA ARG B 21 25.62 20.09 -40.71
C ARG B 21 26.25 18.93 -39.99
N LYS B 22 25.93 18.80 -38.70
CA LYS B 22 26.45 17.71 -37.87
C LYS B 22 25.35 16.98 -37.06
N ILE B 23 25.60 15.73 -36.66
CA ILE B 23 24.79 15.14 -35.60
C ILE B 23 24.88 16.13 -34.44
N TRP B 24 23.71 16.61 -33.99
CA TRP B 24 23.69 17.47 -32.84
C TRP B 24 24.05 16.61 -31.64
N PHE B 25 24.83 17.16 -30.71
CA PHE B 25 25.26 16.46 -29.50
C PHE B 25 25.31 17.46 -28.34
N GLY B 26 24.36 17.37 -27.42
CA GLY B 26 24.29 18.33 -26.33
C GLY B 26 23.56 17.89 -25.05
N ALA B 27 23.00 18.86 -24.33
CA ALA B 27 22.42 18.65 -23.00
C ALA B 27 21.61 19.84 -22.51
N ASP B 28 20.68 19.59 -21.58
CA ASP B 28 20.01 20.65 -20.84
C ASP B 28 21.18 21.35 -20.13
N TYR B 29 21.11 22.68 -20.02
CA TYR B 29 22.22 23.46 -19.50
C TYR B 29 21.59 24.51 -18.66
N ASN B 30 22.08 24.60 -17.44
CA ASN B 30 21.47 25.43 -16.42
C ASN B 30 22.59 26.12 -15.66
N PRO B 31 23.20 27.12 -16.30
CA PRO B 31 24.23 28.00 -15.71
C PRO B 31 23.68 28.87 -14.57
N ASP B 32 22.37 29.18 -14.62
CA ASP B 32 21.70 29.99 -13.59
C ASP B 32 21.55 29.32 -12.21
N GLN B 33 22.14 28.13 -12.07
CA GLN B 33 22.31 27.44 -10.79
C GLN B 33 23.79 27.44 -10.35
N TRP B 34 24.60 28.27 -10.98
CA TRP B 34 26.02 28.33 -10.63
C TRP B 34 26.49 29.76 -10.74
N PRO B 35 27.64 30.06 -10.13
CA PRO B 35 28.19 31.39 -10.30
C PRO B 35 28.52 31.59 -11.78
N GLU B 36 28.27 32.77 -12.34
CA GLU B 36 28.57 33.00 -13.77
C GLU B 36 30.01 32.62 -14.08
N ASP B 37 30.90 32.70 -13.10
CA ASP B 37 32.33 32.52 -13.35
C ASP B 37 32.68 31.07 -13.74
N VAL B 38 31.68 30.20 -13.67
CA VAL B 38 31.78 28.80 -14.06
C VAL B 38 31.55 28.63 -15.57
N GLN B 39 30.87 29.60 -16.19
CA GLN B 39 30.47 29.52 -17.60
C GLN B 39 31.67 29.33 -18.55
N ASP B 40 32.83 29.93 -18.28
CA ASP B 40 33.97 29.66 -19.16
C ASP B 40 34.44 28.23 -19.08
N GLU B 41 34.50 27.66 -17.88
CA GLU B 41 34.91 26.27 -17.72
C GLU B 41 33.91 25.30 -18.33
N ASP B 42 32.63 25.58 -18.11
CA ASP B 42 31.59 24.82 -18.77
C ASP B 42 31.90 24.72 -20.28
N ILE B 43 32.00 25.88 -20.91
CA ILE B 43 32.20 25.91 -22.33
C ILE B 43 33.53 25.27 -22.74
N ARG B 44 34.61 25.45 -22.00
CA ARG B 44 35.85 24.77 -22.43
C ARG B 44 35.68 23.26 -22.44
N LEU B 45 35.04 22.77 -21.40
CA LEU B 45 34.85 21.35 -21.24
C LEU B 45 33.85 20.80 -22.27
N MET B 46 32.84 21.60 -22.64
CA MET B 46 31.92 21.22 -23.72
C MET B 46 32.70 20.99 -25.01
N LYS B 47 33.51 21.98 -25.39
CA LYS B 47 34.22 21.88 -26.66
C LYS B 47 35.05 20.63 -26.68
N GLN B 48 35.71 20.35 -25.58
CA GLN B 48 36.54 19.17 -25.52
C GLN B 48 35.73 17.86 -25.72
N ALA B 49 34.43 17.93 -25.42
CA ALA B 49 33.55 16.76 -25.42
C ALA B 49 32.95 16.49 -26.79
N GLY B 50 32.84 17.54 -27.59
CA GLY B 50 32.27 17.43 -28.92
C GLY B 50 30.88 18.02 -28.97
N VAL B 51 30.59 18.84 -27.98
CA VAL B 51 29.24 19.37 -27.76
C VAL B 51 28.99 20.62 -28.58
N ASN B 52 27.86 20.66 -29.25
CA ASN B 52 27.62 21.74 -30.17
C ASN B 52 26.25 22.38 -30.07
N ILE B 53 25.45 21.90 -29.13
CA ILE B 53 24.16 22.51 -28.83
C ILE B 53 23.89 22.30 -27.36
N VAL B 54 23.19 23.25 -26.74
CA VAL B 54 22.67 23.04 -25.42
C VAL B 54 21.26 23.60 -25.47
N SER B 55 20.43 23.17 -24.51
CA SER B 55 19.07 23.65 -24.40
C SER B 55 19.03 24.39 -23.09
N LEU B 56 18.71 25.68 -23.08
CA LEU B 56 18.69 26.39 -21.82
C LEU B 56 17.41 27.20 -21.48
N ALA B 57 17.28 27.49 -20.20
CA ALA B 57 16.21 28.28 -19.66
C ALA B 57 14.94 27.48 -19.47
N ILE B 58 15.02 26.14 -19.61
CA ILE B 58 13.81 25.32 -19.57
C ILE B 58 12.93 25.61 -18.35
N PHE B 59 13.56 25.75 -17.19
CA PHE B 59 12.85 26.09 -15.96
C PHE B 59 13.37 27.37 -15.37
N SER B 60 13.73 28.31 -16.24
CA SER B 60 14.37 29.54 -15.80
C SER B 60 13.35 30.67 -15.68
N TRP B 61 12.05 30.33 -15.70
CA TRP B 61 10.99 31.35 -15.56
C TRP B 61 11.22 32.39 -14.47
N ALA B 62 11.37 31.96 -13.22
CA ALA B 62 11.51 32.89 -12.09
C ALA B 62 12.83 33.68 -12.02
N ASN B 63 13.77 33.38 -12.92
CA ASN B 63 15.02 34.18 -13.06
C ASN B 63 15.00 35.07 -14.31
N ILE B 64 13.83 35.15 -14.93
CA ILE B 64 13.55 35.95 -16.10
C ILE B 64 12.41 36.94 -15.78
N GLU B 65 11.15 36.48 -15.63
CA GLU B 65 10.10 37.35 -15.09
C GLU B 65 10.20 37.35 -13.55
N THR B 66 11.21 38.05 -13.07
CA THR B 66 11.63 38.01 -11.67
C THR B 66 10.55 38.44 -10.71
N SER B 67 9.62 39.23 -11.22
CA SER B 67 8.43 39.59 -10.49
C SER B 67 7.40 39.93 -11.55
N ASP B 68 6.15 40.08 -11.14
CA ASP B 68 5.10 40.24 -12.11
C ASP B 68 5.40 41.34 -13.12
N GLY B 69 5.39 40.98 -14.39
CA GLY B 69 5.47 41.98 -15.42
C GLY B 69 6.88 42.51 -15.65
N ASN B 70 7.84 41.97 -14.92
CA ASN B 70 9.20 42.45 -15.00
C ASN B 70 10.21 41.46 -15.61
N PHE B 71 10.71 41.73 -16.80
CA PHE B 71 11.56 40.77 -17.48
C PHE B 71 13.02 41.22 -17.55
N GLU B 72 13.92 40.29 -17.23
CA GLU B 72 15.35 40.54 -17.10
C GLU B 72 16.03 39.53 -17.96
N PHE B 73 16.92 39.96 -18.84
CA PHE B 73 17.53 39.01 -19.79
C PHE B 73 19.01 38.94 -19.77
N ASP B 74 19.63 39.69 -18.88
CA ASP B 74 21.06 39.92 -18.95
C ASP B 74 21.89 38.67 -18.76
N TRP B 75 21.60 37.89 -17.73
CA TRP B 75 22.40 36.71 -17.43
C TRP B 75 22.28 35.68 -18.56
N LEU B 76 21.11 35.65 -19.19
CA LEU B 76 20.84 34.68 -20.27
C LEU B 76 21.51 35.19 -21.55
N ASP B 77 21.40 36.51 -21.77
CA ASP B 77 22.09 37.18 -22.86
C ASP B 77 23.60 37.01 -22.73
N ARG B 78 24.15 37.09 -21.53
CA ARG B 78 25.59 36.92 -21.40
C ARG B 78 26.06 35.53 -21.80
N VAL B 79 25.38 34.51 -21.27
CA VAL B 79 25.88 33.17 -21.48
C VAL B 79 25.62 32.72 -22.93
N ILE B 80 24.49 33.14 -23.50
CA ILE B 80 24.19 32.84 -24.90
C ILE B 80 25.31 33.41 -25.79
N ASP B 81 25.81 34.58 -25.42
CA ASP B 81 26.97 35.17 -26.11
C ASP B 81 28.21 34.29 -26.04
N LYS B 82 28.52 33.75 -24.87
CA LYS B 82 29.68 32.87 -24.72
C LYS B 82 29.49 31.59 -25.52
N LEU B 83 28.29 31.07 -25.52
CA LEU B 83 28.05 29.86 -26.27
C LEU B 83 28.23 30.06 -27.78
N TYR B 84 27.68 31.18 -28.29
CA TYR B 84 27.76 31.51 -29.73
C TYR B 84 29.22 31.70 -30.16
N LYS B 85 29.95 32.50 -29.40
CA LYS B 85 31.35 32.73 -29.70
C LYS B 85 32.12 31.43 -29.72
N ALA B 86 31.63 30.41 -29.01
CA ALA B 86 32.37 29.15 -28.90
C ALA B 86 31.98 28.18 -30.00
N GLY B 87 30.99 28.54 -30.80
CA GLY B 87 30.55 27.64 -31.86
C GLY B 87 29.46 26.68 -31.43
N ILE B 88 28.77 27.05 -30.34
CA ILE B 88 27.77 26.18 -29.71
C ILE B 88 26.36 26.79 -29.88
N ALA B 89 25.46 26.03 -30.51
CA ALA B 89 24.08 26.47 -30.79
C ALA B 89 23.18 26.47 -29.55
N VAL B 90 22.14 27.26 -29.55
CA VAL B 90 21.21 27.24 -28.44
C VAL B 90 19.85 26.76 -28.88
N ASP B 91 19.40 25.66 -28.30
CA ASP B 91 18.00 25.24 -28.41
C ASP B 91 17.29 25.89 -27.22
N LEU B 92 16.60 27.00 -27.47
CA LEU B 92 16.11 27.90 -26.42
C LEU B 92 14.72 27.50 -25.97
N ALA B 93 14.48 27.45 -24.67
CA ALA B 93 13.14 27.15 -24.16
C ALA B 93 12.27 28.38 -24.16
N SER B 94 10.97 28.16 -23.99
CA SER B 94 10.07 29.23 -23.65
C SER B 94 10.23 29.64 -22.20
N ALA B 95 10.82 28.73 -21.41
CA ALA B 95 10.94 28.85 -19.95
C ALA B 95 9.57 28.97 -19.27
N THR B 96 8.57 28.32 -19.83
CA THR B 96 7.23 28.43 -19.31
C THR B 96 6.86 27.13 -18.60
N ALA B 97 7.83 26.22 -18.44
CA ALA B 97 7.54 24.87 -17.93
C ALA B 97 6.92 24.90 -16.53
N SER B 98 7.40 25.78 -15.69
CA SER B 98 6.95 25.83 -14.31
C SER B 98 7.07 27.28 -13.80
N PRO B 99 5.98 27.79 -13.19
CA PRO B 99 5.88 29.18 -12.73
C PRO B 99 6.59 29.54 -11.42
N PRO B 100 6.93 30.83 -11.24
CA PRO B 100 7.61 31.39 -10.07
C PRO B 100 6.72 31.38 -8.85
N MET B 101 7.34 31.55 -7.68
CA MET B 101 6.61 31.60 -6.42
C MET B 101 5.72 32.83 -6.39
N TRP B 102 6.15 33.95 -7.00
CA TRP B 102 5.36 35.18 -6.90
C TRP B 102 4.00 35.00 -7.57
N LEU B 103 3.96 34.18 -8.61
CA LEU B 103 2.76 34.01 -9.39
C LEU B 103 1.81 33.07 -8.69
N THR B 104 2.32 31.94 -8.23
CA THR B 104 1.47 30.98 -7.49
C THR B 104 0.97 31.65 -6.20
N SER B 105 1.75 32.58 -5.65
CA SER B 105 1.28 33.32 -4.48
C SER B 105 0.14 34.24 -4.84
N ALA B 106 0.31 35.10 -5.84
CA ALA B 106 -0.75 36.02 -6.21
C ALA B 106 -1.97 35.32 -6.76
N HIS B 107 -1.76 34.17 -7.42
CA HIS B 107 -2.87 33.45 -8.04
C HIS B 107 -2.88 31.97 -7.69
N PRO B 108 -3.28 31.65 -6.46
CA PRO B 108 -3.29 30.23 -6.11
C PRO B 108 -4.30 29.40 -6.95
N GLU B 109 -5.15 30.08 -7.71
CA GLU B 109 -6.16 29.44 -8.58
C GLU B 109 -5.60 28.70 -9.78
N VAL B 110 -4.30 28.88 -10.02
CA VAL B 110 -3.64 28.17 -11.09
C VAL B 110 -3.16 26.77 -10.70
N LEU B 111 -3.22 26.46 -9.40
CA LEU B 111 -2.67 25.19 -8.87
C LEU B 111 -3.60 23.97 -9.18
N ARG B 112 -2.99 22.88 -9.63
CA ARG B 112 -3.74 21.68 -10.02
C ARG B 112 -4.59 21.10 -8.87
N ARG B 113 -5.59 20.26 -9.16
CA ARG B 113 -6.29 19.52 -8.12
C ARG B 113 -6.43 18.04 -8.41
N ASP B 114 -6.09 17.15 -7.47
CA ASP B 114 -6.10 15.71 -7.79
C ASP B 114 -7.48 15.10 -7.69
N GLU B 115 -7.59 13.78 -7.84
CA GLU B 115 -8.96 13.25 -7.93
C GLU B 115 -9.78 13.48 -6.67
N GLN B 116 -9.12 13.75 -5.55
CA GLN B 116 -9.78 13.94 -4.28
C GLN B 116 -9.83 15.41 -3.87
N GLY B 117 -9.39 16.27 -4.77
CA GLY B 117 -9.50 17.69 -4.56
C GLY B 117 -8.36 18.29 -3.79
N HIS B 118 -7.36 17.46 -3.56
CA HIS B 118 -6.14 17.91 -2.94
C HIS B 118 -5.54 19.00 -3.77
N VAL B 119 -5.19 20.09 -3.12
CA VAL B 119 -4.43 21.13 -3.78
C VAL B 119 -2.99 20.64 -4.03
N ILE B 120 -2.46 20.94 -5.21
CA ILE B 120 -1.06 20.64 -5.52
C ILE B 120 -0.20 21.90 -5.40
N TRP B 121 0.64 21.95 -4.37
CA TRP B 121 1.40 23.17 -4.05
C TRP B 121 2.73 23.25 -4.82
N PRO B 122 3.38 24.40 -4.79
CA PRO B 122 4.73 24.46 -5.35
C PRO B 122 5.73 23.79 -4.42
N GLY B 123 6.93 23.48 -4.92
CA GLY B 123 8.00 22.84 -4.15
C GLY B 123 8.66 21.73 -4.99
N ALA B 124 7.93 21.38 -6.04
CA ALA B 124 8.41 20.51 -7.09
C ALA B 124 8.27 21.35 -8.38
N ARG B 125 7.57 20.85 -9.40
CA ARG B 125 7.33 21.57 -10.65
C ARG B 125 6.02 21.18 -11.27
N GLN B 126 5.55 22.00 -12.21
CA GLN B 126 4.37 21.70 -13.04
C GLN B 126 3.10 21.52 -12.20
N HIS B 127 2.98 22.36 -11.20
CA HIS B 127 1.87 22.25 -10.30
C HIS B 127 0.69 22.97 -10.83
N TRP B 128 0.65 23.22 -12.16
CA TRP B 128 -0.42 24.05 -12.74
C TRP B 128 -1.52 23.24 -13.47
N ARG B 129 -2.75 23.75 -13.38
CA ARG B 129 -3.90 23.23 -14.13
C ARG B 129 -3.72 23.46 -15.62
N PRO B 130 -3.70 22.38 -16.47
CA PRO B 130 -3.52 22.70 -17.91
C PRO B 130 -4.49 23.73 -18.48
N THR B 131 -5.76 23.74 -18.06
CA THR B 131 -6.71 24.64 -18.66
C THR B 131 -7.01 25.90 -17.84
N SER B 132 -6.03 26.35 -17.06
CA SER B 132 -6.20 27.60 -16.30
C SER B 132 -6.12 28.83 -17.20
N PRO B 133 -7.23 29.54 -17.33
CA PRO B 133 -7.10 30.70 -18.20
C PRO B 133 -6.01 31.66 -17.71
N THR B 134 -5.92 31.91 -16.39
CA THR B 134 -4.85 32.74 -15.85
C THR B 134 -3.45 32.21 -16.16
N PHE B 135 -3.20 30.92 -15.95
CA PHE B 135 -1.84 30.48 -16.20
C PHE B 135 -1.47 30.68 -17.68
N ARG B 136 -2.46 30.49 -18.56
CA ARG B 136 -2.23 30.64 -19.99
C ARG B 136 -1.84 32.08 -20.27
N THR B 137 -2.52 33.01 -19.61
CA THR B 137 -2.17 34.39 -19.85
C THR B 137 -0.70 34.72 -19.49
N TYR B 138 -0.28 34.42 -18.28
CA TYR B 138 1.07 34.76 -17.87
C TYR B 138 1.99 34.09 -18.83
N ALA B 139 1.60 32.89 -19.25
CA ALA B 139 2.51 32.03 -20.00
C ALA B 139 2.79 32.58 -21.39
N LEU B 140 1.73 32.97 -22.11
CA LEU B 140 1.85 33.45 -23.47
C LEU B 140 2.60 34.77 -23.45
N ARG B 141 2.40 35.54 -22.39
CA ARG B 141 3.17 36.77 -22.22
C ARG B 141 4.66 36.53 -22.16
N LEU B 142 5.08 35.51 -21.41
CA LEU B 142 6.50 35.20 -21.32
C LEU B 142 7.03 34.68 -22.64
N CYS B 143 6.22 33.85 -23.31
CA CYS B 143 6.59 33.31 -24.63
C CYS B 143 6.86 34.50 -25.57
N ARG B 144 5.95 35.47 -25.57
CA ARG B 144 6.09 36.61 -26.45
C ARG B 144 7.38 37.33 -26.09
N GLU B 145 7.54 37.70 -24.81
CA GLU B 145 8.71 38.44 -24.34
C GLU B 145 10.00 37.81 -24.77
N MET B 146 10.06 36.48 -24.68
CA MET B 146 11.25 35.73 -25.06
C MET B 146 11.49 35.81 -26.55
N ALA B 147 10.44 35.53 -27.32
CA ALA B 147 10.49 35.56 -28.79
C ALA B 147 10.91 36.91 -29.31
N GLU B 148 10.29 37.96 -28.78
CA GLU B 148 10.70 39.33 -29.09
C GLU B 148 12.20 39.51 -28.83
N HIS B 149 12.64 39.26 -27.60
CA HIS B 149 14.02 39.53 -27.23
C HIS B 149 15.09 38.74 -27.99
N TYR B 150 14.75 37.59 -28.58
CA TYR B 150 15.75 36.80 -29.30
C TYR B 150 15.41 36.66 -30.78
N LYS B 151 14.38 37.39 -31.22
CA LYS B 151 14.10 37.60 -32.64
C LYS B 151 15.43 37.79 -33.37
N ASP B 152 15.65 37.04 -34.42
CA ASP B 152 16.84 37.31 -35.21
C ASP B 152 18.15 37.40 -34.36
N ASN B 153 18.20 36.78 -33.18
CA ASN B 153 19.50 36.46 -32.57
C ASN B 153 19.99 35.13 -33.17
N PRO B 154 21.20 35.09 -33.74
CA PRO B 154 21.48 33.96 -34.63
C PRO B 154 22.01 32.71 -33.94
N ALA B 155 22.26 32.75 -32.63
CA ALA B 155 22.71 31.57 -31.90
C ALA B 155 21.54 30.56 -31.71
N ILE B 156 20.32 31.10 -31.65
CA ILE B 156 19.12 30.30 -31.46
C ILE B 156 18.70 29.49 -32.68
N VAL B 157 19.00 28.19 -32.68
CA VAL B 157 18.67 27.32 -33.81
C VAL B 157 17.33 26.54 -33.71
N SER B 158 16.57 26.74 -32.63
CA SER B 158 15.29 26.04 -32.44
C SER B 158 14.67 26.40 -31.11
N TRP B 159 13.38 26.14 -30.96
CA TRP B 159 12.64 26.33 -29.69
C TRP B 159 12.18 24.99 -28.98
N HIS B 160 12.40 24.95 -27.66
CA HIS B 160 12.03 23.85 -26.74
C HIS B 160 10.83 24.45 -25.97
N VAL B 161 9.63 24.27 -26.49
CA VAL B 161 8.45 24.90 -25.87
C VAL B 161 8.05 24.13 -24.63
N GLY B 162 8.05 24.82 -23.50
CA GLY B 162 7.69 24.19 -22.24
C GLY B 162 8.61 23.04 -21.87
N ASN B 163 8.03 22.05 -21.19
CA ASN B 163 8.79 20.83 -20.84
C ASN B 163 7.90 19.65 -20.44
N GLU B 164 8.09 18.53 -21.13
CA GLU B 164 7.32 17.33 -20.90
C GLU B 164 5.91 17.61 -20.38
N TYR B 165 5.10 18.20 -21.25
CA TYR B 165 3.75 18.55 -20.90
C TYR B 165 3.05 17.37 -20.23
N GLY B 166 2.43 17.62 -19.08
CA GLY B 166 1.60 16.60 -18.49
C GLY B 166 2.35 15.54 -17.72
N CYS B 167 3.68 15.65 -17.62
CA CYS B 167 4.47 14.70 -16.82
C CYS B 167 3.92 14.59 -15.39
N HIS B 168 3.51 15.73 -14.84
CA HIS B 168 2.95 15.77 -13.50
C HIS B 168 1.49 16.21 -13.52
N ASN B 169 1.11 17.01 -14.50
CA ASN B 169 -0.19 17.63 -14.45
C ASN B 169 -1.19 17.12 -15.47
N TYR B 170 -1.05 15.87 -15.90
CA TYR B 170 -1.99 15.25 -16.82
C TYR B 170 -3.42 15.27 -16.31
N PHE B 171 -3.56 14.83 -15.07
CA PHE B 171 -4.87 14.71 -14.45
C PHE B 171 -5.22 15.89 -13.56
N ASP B 172 -5.97 16.85 -14.08
CA ASP B 172 -6.50 17.96 -13.28
C ASP B 172 -8.00 17.74 -13.07
N TYR B 173 -8.53 18.17 -11.91
CA TYR B 173 -9.93 17.96 -11.53
C TYR B 173 -10.50 19.27 -10.98
N SER B 174 -9.76 20.33 -11.22
CA SER B 174 -10.17 21.64 -10.80
C SER B 174 -11.39 22.09 -11.57
N ASP B 175 -11.96 23.23 -11.14
CA ASP B 175 -13.10 23.83 -11.84
C ASP B 175 -12.79 24.23 -13.29
N ASP B 176 -11.55 24.63 -13.59
CA ASP B 176 -11.17 24.96 -14.95
C ASP B 176 -11.26 23.72 -15.86
N ALA B 177 -10.89 22.57 -15.27
CA ALA B 177 -10.93 21.30 -15.96
C ALA B 177 -12.35 20.85 -16.14
N VAL B 178 -13.20 21.09 -15.16
CA VAL B 178 -14.57 20.65 -15.29
C VAL B 178 -15.18 21.29 -16.52
N GLN B 179 -14.93 22.58 -16.61
CA GLN B 179 -15.47 23.42 -17.65
C GLN B 179 -14.96 22.95 -19.03
N ALA B 180 -13.67 22.69 -19.09
CA ALA B 180 -13.04 22.25 -20.31
C ALA B 180 -13.46 20.84 -20.76
N PHE B 181 -13.58 19.91 -19.83
CA PHE B 181 -14.01 18.58 -20.20
C PHE B 181 -15.45 18.62 -20.79
N ARG B 182 -16.31 19.50 -20.25
CA ARG B 182 -17.65 19.68 -20.78
C ARG B 182 -17.65 20.05 -22.22
N GLU B 183 -16.94 21.13 -22.49
CA GLU B 183 -16.90 21.66 -23.83
C GLU B 183 -16.20 20.69 -24.77
N TRP B 184 -15.22 19.94 -24.27
CA TRP B 184 -14.53 18.94 -25.09
C TRP B 184 -15.56 17.92 -25.52
N CYS B 185 -16.47 17.61 -24.62
CA CYS B 185 -17.48 16.59 -24.84
C CYS B 185 -18.53 17.12 -25.80
N ARG B 186 -19.01 18.34 -25.56
CA ARG B 186 -19.89 18.99 -26.54
C ARG B 186 -19.25 19.01 -27.96
N ASP B 187 -17.98 19.39 -28.05
CA ASP B 187 -17.35 19.53 -29.34
C ASP B 187 -17.20 18.21 -30.03
N ARG B 188 -16.95 17.17 -29.27
CA ARG B 188 -16.77 15.85 -29.83
C ARG B 188 -18.07 15.08 -30.10
N TYR B 189 -19.13 15.32 -29.33
CA TYR B 189 -20.34 14.48 -29.40
C TYR B 189 -21.60 15.23 -29.95
N GLY B 190 -21.59 16.56 -29.83
CA GLY B 190 -22.66 17.33 -30.40
C GLY B 190 -23.88 17.35 -29.53
N THR B 191 -24.42 16.18 -29.18
CA THR B 191 -25.67 16.14 -28.41
C THR B 191 -25.45 15.27 -27.20
N ILE B 192 -26.17 15.55 -26.13
CA ILE B 192 -25.93 14.83 -24.89
C ILE B 192 -26.30 13.34 -25.01
N ASP B 193 -27.23 13.04 -25.90
CA ASP B 193 -27.69 11.66 -26.09
C ASP B 193 -26.53 10.84 -26.58
N LYS B 194 -25.65 11.47 -27.33
CA LYS B 194 -24.54 10.78 -27.90
C LYS B 194 -23.47 10.54 -26.83
N VAL B 195 -23.29 11.49 -25.92
CA VAL B 195 -22.45 11.23 -24.76
C VAL B 195 -23.05 10.05 -23.98
N ASN B 196 -24.33 10.13 -23.64
CA ASN B 196 -24.99 9.05 -22.93
C ASN B 196 -24.77 7.66 -23.56
N ALA B 197 -24.79 7.61 -24.88
CA ALA B 197 -24.72 6.35 -25.58
C ALA B 197 -23.30 5.81 -25.67
N ALA B 198 -22.31 6.71 -25.63
CA ALA B 198 -20.93 6.30 -25.72
C ALA B 198 -20.45 5.70 -24.39
N TRP B 199 -21.01 6.22 -23.28
CA TRP B 199 -20.57 5.86 -21.94
C TRP B 199 -21.44 4.82 -21.26
N GLY B 200 -22.57 4.52 -21.87
CA GLY B 200 -23.52 3.60 -21.28
C GLY B 200 -24.14 4.13 -20.00
N THR B 201 -24.66 5.34 -20.06
CA THR B 201 -25.10 6.02 -18.85
C THR B 201 -26.47 5.63 -18.31
N ASN B 202 -27.13 4.65 -18.93
CA ASN B 202 -28.41 4.14 -18.41
C ASN B 202 -28.19 3.12 -17.29
N PHE B 203 -26.97 2.61 -17.30
CA PHE B 203 -26.48 1.74 -16.25
C PHE B 203 -26.18 2.57 -15.00
N TRP B 204 -26.76 2.20 -13.85
CA TRP B 204 -26.56 2.92 -12.57
C TRP B 204 -27.02 4.37 -12.57
N SER B 205 -28.11 4.63 -13.28
CA SER B 205 -28.76 5.94 -13.29
C SER B 205 -27.82 7.11 -13.49
N GLN B 206 -26.94 6.98 -14.47
CA GLN B 206 -25.96 8.00 -14.76
C GLN B 206 -26.38 8.89 -15.95
N ARG B 207 -27.60 8.70 -16.43
CA ARG B 207 -28.03 9.38 -17.63
C ARG B 207 -28.05 10.90 -17.43
N LEU B 208 -27.47 11.57 -18.40
CA LEU B 208 -27.29 13.02 -18.37
C LEU B 208 -28.45 13.69 -19.07
N ASN B 209 -29.05 14.70 -18.44
CA ASN B 209 -30.03 15.55 -19.11
C ASN B 209 -29.35 16.61 -20.01
N SER B 210 -28.09 16.92 -19.76
CA SER B 210 -27.47 18.00 -20.49
C SER B 210 -25.96 18.01 -20.32
N PHE B 211 -25.28 18.74 -21.16
CA PHE B 211 -23.85 18.82 -21.10
C PHE B 211 -23.37 19.43 -19.79
N GLU B 212 -24.23 20.19 -19.15
CA GLU B 212 -23.84 20.89 -17.94
C GLU B 212 -23.79 19.99 -16.72
N GLU B 213 -24.35 18.79 -16.86
CA GLU B 213 -24.43 17.83 -15.76
C GLU B 213 -23.13 16.99 -15.68
N ILE B 214 -22.41 16.99 -16.78
CA ILE B 214 -21.16 16.25 -16.91
C ILE B 214 -20.06 16.71 -15.99
N LEU B 215 -19.45 15.73 -15.31
CA LEU B 215 -18.35 15.95 -14.38
C LEU B 215 -17.11 15.16 -14.81
N PRO B 216 -15.93 15.67 -14.48
CA PRO B 216 -14.75 14.84 -14.73
C PRO B 216 -14.79 13.69 -13.74
N PRO B 217 -14.09 12.55 -14.00
CA PRO B 217 -14.13 11.42 -13.07
C PRO B 217 -13.31 11.63 -11.78
N ARG B 218 -13.75 12.59 -10.97
CA ARG B 218 -13.33 12.71 -9.58
C ARG B 218 -13.65 11.49 -8.73
N TYR B 219 -13.05 11.48 -7.54
CA TYR B 219 -13.14 10.38 -6.58
C TYR B 219 -14.55 9.84 -6.39
N VAL B 220 -14.70 8.52 -6.49
CA VAL B 220 -15.99 7.87 -6.26
C VAL B 220 -15.86 6.81 -5.19
N GLY B 221 -14.88 6.99 -4.31
CA GLY B 221 -14.80 6.27 -3.04
C GLY B 221 -13.83 5.12 -2.85
N GLY B 222 -12.91 4.93 -3.79
CA GLY B 222 -11.87 3.90 -3.69
C GLY B 222 -12.26 2.45 -3.93
N GLU B 223 -11.42 1.52 -3.46
CA GLU B 223 -11.62 0.10 -3.72
C GLU B 223 -13.09 -0.30 -3.53
N GLY B 224 -13.64 -1.12 -4.43
CA GLY B 224 -15.04 -1.53 -4.34
C GLY B 224 -16.00 -0.57 -5.04
N ASN B 225 -15.48 0.51 -5.59
CA ASN B 225 -16.27 1.47 -6.34
C ASN B 225 -15.70 1.51 -7.78
N PHE B 226 -16.55 1.53 -8.79
CA PHE B 226 -16.06 1.44 -10.16
C PHE B 226 -16.61 2.55 -11.01
N THR B 227 -15.76 3.53 -11.25
CA THR B 227 -16.17 4.67 -12.06
C THR B 227 -16.49 4.23 -13.50
N ASN B 228 -17.30 5.05 -14.17
CA ASN B 228 -17.77 4.77 -15.51
C ASN B 228 -16.58 4.61 -16.45
N PRO B 229 -16.51 3.45 -17.12
CA PRO B 229 -15.30 3.24 -17.92
C PRO B 229 -15.23 4.09 -19.19
N GLY B 230 -16.35 4.34 -19.86
CA GLY B 230 -16.29 5.07 -21.10
C GLY B 230 -15.95 6.51 -20.83
N ARG B 231 -16.46 7.01 -19.71
CA ARG B 231 -16.21 8.38 -19.32
C ARG B 231 -14.74 8.52 -18.93
N LEU B 232 -14.17 7.46 -18.40
CA LEU B 232 -12.80 7.50 -17.98
C LEU B 232 -11.85 7.52 -19.18
N LEU B 233 -12.11 6.63 -20.12
CA LEU B 233 -11.42 6.58 -21.37
C LEU B 233 -11.40 7.99 -22.04
N ASP B 234 -12.57 8.62 -22.16
CA ASP B 234 -12.64 9.92 -22.81
C ASP B 234 -11.88 10.94 -22.03
N PHE B 235 -11.87 10.79 -20.71
CA PHE B 235 -11.24 11.79 -19.87
C PHE B 235 -9.76 11.69 -20.04
N LYS B 236 -9.27 10.48 -20.23
CA LYS B 236 -7.83 10.34 -20.48
C LYS B 236 -7.50 10.97 -21.84
N HIS B 237 -8.41 10.81 -22.80
CA HIS B 237 -8.27 11.45 -24.11
C HIS B 237 -8.29 12.99 -24.02
N PHE B 238 -9.30 13.51 -23.33
CA PHE B 238 -9.38 14.95 -23.11
C PHE B 238 -8.08 15.48 -22.46
N CYS B 239 -7.62 14.86 -21.38
CA CYS B 239 -6.43 15.37 -20.71
C CYS B 239 -5.29 15.57 -21.69
N SER B 240 -5.09 14.63 -22.59
CA SER B 240 -4.01 14.71 -23.54
C SER B 240 -4.17 15.89 -24.48
N ASP B 241 -5.42 16.07 -24.92
CA ASP B 241 -5.76 17.13 -25.88
C ASP B 241 -5.70 18.49 -25.20
N ALA B 242 -5.97 18.55 -23.90
CA ALA B 242 -5.99 19.83 -23.21
C ALA B 242 -4.56 20.36 -23.15
N LEU B 243 -3.65 19.52 -22.76
CA LEU B 243 -2.25 19.90 -22.77
C LEU B 243 -1.74 20.23 -24.18
N LYS B 244 -2.23 19.51 -25.20
CA LYS B 244 -1.74 19.70 -26.59
C LYS B 244 -2.17 21.10 -27.09
N GLU B 245 -3.39 21.47 -26.74
CA GLU B 245 -3.90 22.75 -27.10
C GLU B 245 -3.09 23.88 -26.50
N PHE B 246 -2.71 23.72 -25.22
CA PHE B 246 -1.90 24.69 -24.52
C PHE B 246 -0.57 24.79 -25.23
N PHE B 247 0.01 23.65 -25.56
CA PHE B 247 1.28 23.68 -26.28
C PHE B 247 1.17 24.48 -27.59
N CYS B 248 0.14 24.19 -28.38
CA CYS B 248 -0.03 24.86 -29.67
C CYS B 248 -0.16 26.39 -29.51
N ALA B 249 -0.89 26.87 -28.53
CA ALA B 249 -0.99 28.31 -28.28
C ALA B 249 0.39 28.98 -28.02
N GLU B 250 1.24 28.27 -27.29
CA GLU B 250 2.57 28.72 -26.96
C GLU B 250 3.47 28.72 -28.17
N ARG B 251 3.44 27.63 -28.94
CA ARG B 251 4.27 27.55 -30.15
C ARG B 251 3.80 28.58 -31.17
N ASP B 252 2.50 28.80 -31.23
CA ASP B 252 1.92 29.71 -32.20
C ASP B 252 2.50 31.08 -31.95
N VAL B 253 2.62 31.45 -30.68
CA VAL B 253 3.20 32.74 -30.31
C VAL B 253 4.69 32.87 -30.66
N LEU B 254 5.46 31.82 -30.45
CA LEU B 254 6.89 31.85 -30.70
C LEU B 254 7.29 31.95 -32.19
N SER B 255 6.62 31.21 -33.08
CA SER B 255 7.04 31.24 -34.48
C SER B 255 6.40 32.48 -35.15
N GLU B 256 5.32 32.98 -34.57
CA GLU B 256 4.76 34.22 -35.08
C GLU B 256 5.81 35.32 -35.03
N VAL B 257 6.63 35.33 -33.99
CA VAL B 257 7.67 36.31 -33.85
C VAL B 257 8.99 35.89 -34.47
N THR B 258 9.25 34.60 -34.58
CA THR B 258 10.50 34.10 -35.17
C THR B 258 10.26 32.86 -36.02
N PRO B 259 9.65 33.05 -37.18
CA PRO B 259 9.09 31.95 -37.95
C PRO B 259 10.15 31.11 -38.61
N ASN B 260 11.40 31.52 -38.51
CA ASN B 260 12.47 30.78 -39.15
C ASN B 260 12.93 29.65 -38.25
N ILE B 261 12.57 29.80 -36.99
CA ILE B 261 13.04 28.89 -35.97
C ILE B 261 12.06 27.75 -35.73
N PRO B 262 12.55 26.52 -35.92
CA PRO B 262 11.71 25.36 -35.75
C PRO B 262 11.44 25.10 -34.27
N LEU B 263 10.24 24.60 -34.01
CA LEU B 263 9.76 24.31 -32.67
C LEU B 263 9.59 22.78 -32.45
N THR B 264 9.84 22.32 -31.21
CA THR B 264 9.66 20.92 -30.82
C THR B 264 9.16 21.01 -29.37
N THR B 265 8.64 19.91 -28.83
CA THR B 265 8.50 19.80 -27.37
C THR B 265 8.99 18.40 -27.05
N ASN B 266 9.39 18.16 -25.80
CA ASN B 266 10.05 16.88 -25.49
C ASN B 266 9.00 15.89 -25.00
N PHE B 267 8.92 14.78 -25.72
CA PHE B 267 7.99 13.72 -25.37
C PHE B 267 8.63 12.80 -24.36
N MET B 268 7.81 11.90 -23.81
CA MET B 268 8.26 10.88 -22.86
C MET B 268 7.94 9.48 -23.37
N VAL B 269 8.48 9.11 -24.53
CA VAL B 269 8.15 7.76 -25.03
C VAL B 269 9.00 6.70 -24.38
N SER B 270 8.32 5.73 -23.78
CA SER B 270 8.92 4.53 -23.19
C SER B 270 7.90 3.44 -23.25
N ALA B 271 8.33 2.21 -23.07
CA ALA B 271 7.41 1.07 -23.18
C ALA B 271 6.12 1.23 -22.34
N SER B 272 6.25 1.96 -21.24
CA SER B 272 5.21 1.93 -20.24
C SER B 272 4.52 3.24 -20.12
N GLN B 273 4.93 4.25 -20.88
CA GLN B 273 4.27 5.55 -20.72
C GLN B 273 2.81 5.35 -21.09
N ASN B 274 1.92 6.04 -20.38
CA ASN B 274 0.50 5.70 -20.52
C ASN B 274 -0.42 6.87 -20.34
N THR B 275 0.06 8.02 -20.74
CA THR B 275 -0.76 9.19 -20.69
C THR B 275 -0.85 9.84 -22.06
N LEU B 276 0.06 10.77 -22.31
CA LEU B 276 0.00 11.58 -23.50
C LEU B 276 -0.13 10.73 -24.73
N ASP B 277 -1.04 11.11 -25.61
CA ASP B 277 -1.08 10.46 -26.90
C ASP B 277 -0.09 11.15 -27.84
N TYR B 278 1.14 10.66 -27.88
CA TYR B 278 2.25 11.27 -28.61
C TYR B 278 2.21 11.11 -30.15
N ASP B 279 1.64 10.03 -30.69
CA ASP B 279 1.46 9.90 -32.16
C ASP B 279 0.62 11.05 -32.71
N ASP B 280 -0.33 11.49 -31.87
CA ASP B 280 -1.25 12.58 -32.16
C ASP B 280 -0.61 13.92 -31.91
N TRP B 281 0.18 14.00 -30.85
CA TRP B 281 0.90 15.23 -30.59
C TRP B 281 1.88 15.48 -31.73
N ALA B 282 2.37 14.41 -32.36
CA ALA B 282 3.47 14.56 -33.30
C ALA B 282 3.01 15.35 -34.51
N HIS B 283 1.70 15.43 -34.69
CA HIS B 283 1.12 16.21 -35.77
C HIS B 283 1.31 17.71 -35.54
N GLU B 284 1.81 18.11 -34.37
CA GLU B 284 1.93 19.55 -34.07
C GLU B 284 3.36 19.99 -33.77
N VAL B 285 4.36 19.31 -34.32
CA VAL B 285 5.76 19.68 -34.09
C VAL B 285 6.58 19.72 -35.41
N ASP B 286 7.59 20.56 -35.46
CA ASP B 286 8.39 20.68 -36.66
C ASP B 286 9.33 19.49 -36.68
N PHE B 287 9.73 19.03 -35.50
CA PHE B 287 10.43 17.74 -35.42
C PHE B 287 10.15 17.04 -34.11
N VAL B 288 10.19 15.70 -34.16
CA VAL B 288 9.93 14.89 -33.00
C VAL B 288 11.18 14.75 -32.19
N SER B 289 11.05 15.08 -30.91
CA SER B 289 12.14 14.86 -29.96
C SER B 289 11.64 14.17 -28.67
N ASN B 290 12.50 13.30 -28.15
CA ASN B 290 12.14 12.42 -27.05
C ASN B 290 13.15 12.39 -25.92
N ASP B 291 12.61 12.23 -24.71
CA ASP B 291 13.37 11.93 -23.49
C ASP B 291 13.17 10.44 -23.15
N HIS B 292 14.26 9.73 -22.94
CA HIS B 292 14.17 8.34 -22.53
C HIS B 292 15.24 7.95 -21.56
N TYR B 293 14.83 7.28 -20.48
CA TYR B 293 15.76 6.81 -19.44
C TYR B 293 15.78 5.29 -19.33
N PHE B 294 16.99 4.73 -19.24
CA PHE B 294 17.15 3.29 -19.37
C PHE B 294 16.44 2.59 -18.25
N THR B 295 15.85 1.44 -18.60
CA THR B 295 15.21 0.53 -17.67
C THR B 295 16.24 -0.43 -17.09
N PRO B 296 16.43 -0.43 -15.76
CA PRO B 296 17.54 -1.22 -15.23
C PRO B 296 17.33 -2.72 -15.29
N GLY B 297 18.41 -3.45 -15.47
CA GLY B 297 18.38 -4.90 -15.53
C GLY B 297 18.22 -5.43 -16.94
N SER B 298 17.95 -6.73 -17.04
CA SER B 298 17.63 -7.40 -18.32
C SER B 298 16.88 -6.61 -19.41
N TRP B 299 15.91 -5.78 -19.05
CA TRP B 299 15.11 -5.08 -20.04
C TRP B 299 15.81 -3.85 -20.64
N HIS B 300 16.98 -3.52 -20.10
CA HIS B 300 17.70 -2.32 -20.45
C HIS B 300 17.72 -2.14 -21.98
N ILE B 301 18.34 -3.08 -22.67
CA ILE B 301 18.51 -2.96 -24.09
C ILE B 301 17.19 -3.09 -24.86
N ASP B 302 16.46 -4.20 -24.71
CA ASP B 302 15.28 -4.37 -25.56
C ASP B 302 14.30 -3.21 -25.36
N GLU B 303 14.22 -2.65 -24.17
CA GLU B 303 13.17 -1.65 -23.89
C GLU B 303 13.61 -0.29 -24.40
N LEU B 304 14.92 -0.07 -24.54
CA LEU B 304 15.41 1.15 -25.13
C LEU B 304 15.15 1.06 -26.63
N ALA B 305 15.60 -0.04 -27.23
CA ALA B 305 15.36 -0.25 -28.66
C ALA B 305 13.93 -0.12 -29.04
N TYR B 306 13.07 -0.64 -28.16
CA TYR B 306 11.64 -0.65 -28.36
C TYR B 306 11.12 0.77 -28.46
N SER B 307 11.59 1.60 -27.54
CA SER B 307 11.11 2.97 -27.37
C SER B 307 11.58 3.90 -28.50
N ALA B 308 12.84 3.72 -28.88
CA ALA B 308 13.45 4.49 -29.95
C ALA B 308 12.81 4.07 -31.29
N SER B 309 12.62 2.76 -31.49
CA SER B 309 11.89 2.29 -32.64
C SER B 309 10.51 2.96 -32.68
N LEU B 310 9.84 3.02 -31.53
CA LEU B 310 8.49 3.58 -31.48
C LEU B 310 8.48 5.03 -31.84
N VAL B 311 9.51 5.74 -31.37
CA VAL B 311 9.64 7.16 -31.63
C VAL B 311 9.73 7.37 -33.14
N ASP B 312 10.62 6.62 -33.75
CA ASP B 312 10.78 6.63 -35.18
C ASP B 312 9.45 6.32 -35.84
N GLY B 313 8.75 5.27 -35.41
CA GLY B 313 7.38 5.04 -35.82
C GLY B 313 6.44 6.25 -35.82
N ILE B 314 6.46 7.04 -34.76
CA ILE B 314 5.62 8.25 -34.61
C ILE B 314 6.08 9.40 -35.53
N SER B 315 7.39 9.38 -35.75
CA SER B 315 8.08 10.26 -36.68
C SER B 315 7.89 9.82 -38.13
N ARG B 316 7.23 8.69 -38.33
CA ARG B 316 6.97 8.16 -39.66
C ARG B 316 8.29 8.04 -40.43
N LYS B 317 9.31 7.52 -39.74
CA LYS B 317 10.67 7.28 -40.25
C LYS B 317 11.46 8.52 -40.65
N LYS B 318 10.98 9.70 -40.30
CA LYS B 318 11.77 10.92 -40.44
C LYS B 318 12.82 11.01 -39.30
N PRO B 319 13.88 11.82 -39.48
CA PRO B 319 14.84 11.98 -38.39
C PRO B 319 14.19 12.54 -37.14
N TRP B 320 14.65 12.09 -35.96
CA TRP B 320 14.14 12.60 -34.69
C TRP B 320 15.29 12.94 -33.77
N PHE B 321 14.96 13.70 -32.73
CA PHE B 321 15.94 14.33 -31.83
C PHE B 321 15.86 13.75 -30.40
N LEU B 322 16.88 13.02 -29.94
CA LEU B 322 16.88 12.56 -28.54
C LEU B 322 17.22 13.72 -27.67
N MET B 323 16.20 14.30 -27.04
CA MET B 323 16.41 15.53 -26.28
C MET B 323 17.09 15.20 -24.94
N GLU B 324 16.66 14.10 -24.31
CA GLU B 324 17.16 13.70 -22.99
C GLU B 324 17.33 12.17 -22.88
N GLN B 325 18.32 11.80 -22.10
CA GLN B 325 18.61 10.45 -21.61
C GLN B 325 19.64 10.75 -20.51
N SER B 326 20.18 9.70 -19.89
CA SER B 326 21.04 9.89 -18.74
C SER B 326 22.37 9.18 -18.96
N THR B 327 23.44 9.79 -18.42
CA THR B 327 24.79 9.26 -18.54
C THR B 327 24.98 8.12 -17.59
N SER B 328 24.26 8.20 -16.48
CA SER B 328 24.26 7.12 -15.52
C SER B 328 22.95 7.16 -14.75
N ALA B 329 23.02 7.25 -13.42
CA ALA B 329 21.82 7.12 -12.64
C ALA B 329 20.85 8.28 -12.82
N VAL B 330 19.57 7.95 -12.85
CA VAL B 330 18.53 8.93 -12.58
C VAL B 330 18.35 9.07 -11.07
N ASN B 331 17.43 9.94 -10.68
CA ASN B 331 17.16 10.21 -9.27
C ASN B 331 15.80 9.74 -8.84
N TRP B 332 14.93 9.40 -9.78
CA TRP B 332 13.50 9.43 -9.51
C TRP B 332 12.85 8.06 -9.25
N ARG B 333 13.62 6.99 -9.41
CA ARG B 333 13.14 5.65 -9.06
C ARG B 333 13.44 5.39 -7.58
N GLU B 334 12.84 4.35 -7.02
CA GLU B 334 13.00 4.06 -5.60
C GLU B 334 14.37 3.44 -5.37
N ILE B 335 14.89 2.80 -6.40
CA ILE B 335 16.28 2.46 -6.41
C ILE B 335 16.87 2.95 -7.75
N ASN B 336 17.97 3.68 -7.70
CA ASN B 336 18.56 4.28 -8.90
C ASN B 336 19.92 3.77 -9.29
N PRO B 337 19.96 2.66 -10.03
CA PRO B 337 21.24 2.06 -10.40
C PRO B 337 22.02 2.89 -11.40
N ARG B 338 23.33 2.70 -11.36
CA ARG B 338 24.24 3.35 -12.27
C ARG B 338 24.36 2.53 -13.55
N LYS B 339 24.88 3.13 -14.62
CA LYS B 339 25.16 2.38 -15.84
C LYS B 339 26.44 1.60 -15.71
N GLU B 340 26.53 0.51 -16.44
CA GLU B 340 27.77 -0.23 -16.49
C GLU B 340 28.75 0.32 -17.55
N PRO B 341 30.01 -0.07 -17.42
CA PRO B 341 30.92 0.41 -18.47
C PRO B 341 30.41 0.09 -19.88
N GLY B 342 30.29 1.11 -20.73
CA GLY B 342 29.97 0.93 -22.15
C GLY B 342 28.55 1.29 -22.51
N GLU B 343 27.72 1.39 -21.49
CA GLU B 343 26.31 1.54 -21.72
C GLU B 343 26.02 2.98 -22.08
N LEU B 344 26.87 3.88 -21.59
CA LEU B 344 26.75 5.28 -21.93
C LEU B 344 26.73 5.46 -23.45
N ILE B 345 27.82 4.99 -24.06
CA ILE B 345 28.02 5.06 -25.51
C ILE B 345 27.07 4.14 -26.24
N ARG B 346 26.97 2.90 -25.78
CA ARG B 346 26.11 1.95 -26.46
C ARG B 346 24.62 2.44 -26.48
N ASP B 347 24.12 3.03 -25.42
CA ASP B 347 22.74 3.44 -25.46
C ASP B 347 22.56 4.55 -26.46
N SER B 348 23.49 5.50 -26.51
CA SER B 348 23.30 6.62 -27.40
C SER B 348 23.29 6.08 -28.83
N MET B 349 24.13 5.08 -29.08
CA MET B 349 24.22 4.48 -30.40
C MET B 349 22.95 3.82 -30.83
N LEU B 350 22.22 3.29 -29.87
CA LEU B 350 20.96 2.61 -30.15
C LEU B 350 19.93 3.64 -30.54
N HIS B 351 19.87 4.75 -29.80
CA HIS B 351 18.95 5.83 -30.18
C HIS B 351 19.32 6.31 -31.60
N LEU B 352 20.61 6.44 -31.86
CA LEU B 352 21.12 6.86 -33.16
C LEU B 352 20.67 5.87 -34.24
N ALA B 353 20.95 4.58 -34.03
CA ALA B 353 20.65 3.56 -35.02
C ALA B 353 19.15 3.53 -35.34
N MET B 354 18.32 3.92 -34.38
CA MET B 354 16.89 3.92 -34.58
C MET B 354 16.39 5.21 -35.17
N GLY B 355 17.33 6.01 -35.70
CA GLY B 355 16.96 7.20 -36.47
C GLY B 355 17.17 8.56 -35.83
N ALA B 356 17.71 8.67 -34.62
CA ALA B 356 17.92 10.03 -34.10
C ALA B 356 19.03 10.73 -34.91
N ASP B 357 18.87 12.02 -35.19
CA ASP B 357 19.95 12.79 -35.82
C ASP B 357 20.57 13.73 -34.77
N ALA B 358 20.03 13.65 -33.56
CA ALA B 358 20.52 14.41 -32.41
C ALA B 358 20.56 13.53 -31.16
N ILE B 359 21.50 13.81 -30.27
CA ILE B 359 21.68 13.02 -29.04
C ILE B 359 22.04 13.90 -27.86
N CYS B 360 21.11 14.07 -26.97
CA CYS B 360 21.31 14.93 -25.81
C CYS B 360 20.91 14.29 -24.46
N TYR B 361 21.56 14.79 -23.39
CA TYR B 361 21.38 14.27 -22.04
C TYR B 361 20.71 15.30 -21.11
N PHE B 362 20.06 14.82 -20.06
CA PHE B 362 19.92 15.63 -18.86
C PHE B 362 21.01 15.12 -17.89
N GLN B 363 21.89 16.01 -17.40
CA GLN B 363 22.08 17.37 -17.92
C GLN B 363 23.58 17.63 -18.13
N TRP B 364 23.92 18.88 -18.43
CA TRP B 364 25.33 19.17 -18.65
C TRP B 364 26.16 19.05 -17.34
N ARG B 365 25.76 19.79 -16.32
CA ARG B 365 26.50 19.83 -15.06
C ARG B 365 25.57 19.42 -13.92
N GLN B 366 26.02 18.40 -13.22
CA GLN B 366 25.29 17.89 -12.08
C GLN B 366 25.06 18.92 -11.02
N SER B 367 23.81 19.00 -10.58
CA SER B 367 23.43 19.96 -9.57
C SER B 367 23.93 19.52 -8.17
N ARG B 368 24.31 20.50 -7.35
CA ARG B 368 24.74 20.29 -5.97
C ARG B 368 23.52 20.19 -5.07
N SER B 369 22.48 20.95 -5.40
CA SER B 369 21.32 21.02 -4.53
C SER B 369 20.01 21.05 -5.32
N GLY B 370 18.90 21.00 -4.61
CA GLY B 370 17.62 20.82 -5.24
C GLY B 370 17.30 19.34 -5.48
N ALA B 371 16.09 19.09 -5.94
CA ALA B 371 15.56 17.74 -5.93
C ALA B 371 16.23 16.78 -6.92
N GLU B 372 16.98 17.32 -7.88
CA GLU B 372 17.64 16.45 -8.85
C GLU B 372 19.11 16.38 -8.58
N LYS B 373 19.51 16.75 -7.37
CA LYS B 373 20.94 16.80 -7.10
C LYS B 373 21.66 15.45 -7.34
N PHE B 374 20.95 14.32 -7.25
CA PHE B 374 21.62 13.03 -7.44
C PHE B 374 21.45 12.48 -8.86
N HIS B 375 20.85 13.26 -9.75
CA HIS B 375 20.78 12.83 -11.14
C HIS B 375 22.11 13.04 -11.84
N SER B 376 22.55 12.01 -12.57
CA SER B 376 23.81 12.04 -13.33
C SER B 376 23.85 13.11 -14.45
N ALA B 377 25.07 13.58 -14.77
CA ALA B 377 25.29 14.58 -15.83
C ALA B 377 26.46 14.22 -16.67
N MET B 378 26.81 15.12 -17.60
CA MET B 378 27.96 14.87 -18.45
C MET B 378 29.21 15.24 -17.69
N LEU B 379 29.12 16.33 -16.94
CA LEU B 379 30.14 16.69 -15.98
C LEU B 379 29.59 16.48 -14.55
N PRO B 380 29.97 15.35 -13.90
CA PRO B 380 29.59 14.99 -12.52
C PRO B 380 30.18 15.95 -11.51
N LEU B 381 29.66 15.96 -10.28
CA LEU B 381 30.22 16.76 -9.18
C LEU B 381 31.67 16.37 -8.93
N ALA B 382 32.01 15.13 -9.22
CA ALA B 382 33.38 14.66 -9.12
C ALA B 382 34.31 15.47 -10.07
N GLY B 383 33.73 16.09 -11.11
CA GLY B 383 34.47 16.96 -12.00
C GLY B 383 35.01 16.32 -13.28
N GLU B 384 35.89 17.05 -13.96
CA GLU B 384 36.38 16.63 -15.28
C GLU B 384 37.25 15.40 -15.23
N HIS B 385 37.81 15.05 -14.07
CA HIS B 385 38.60 13.81 -13.96
C HIS B 385 37.76 12.66 -13.48
N SER B 386 36.82 12.29 -14.32
CA SER B 386 35.83 11.29 -13.98
C SER B 386 35.60 10.40 -15.16
N GLN B 387 35.29 9.14 -14.91
CA GLN B 387 35.04 8.22 -16.00
C GLN B 387 33.83 8.67 -16.80
N ILE B 388 32.84 9.29 -16.18
CA ILE B 388 31.66 9.61 -16.96
C ILE B 388 32.08 10.58 -18.06
N TYR B 389 32.75 11.67 -17.67
CA TYR B 389 33.22 12.69 -18.62
C TYR B 389 34.17 12.13 -19.67
N ARG B 390 35.10 11.25 -19.31
CA ARG B 390 35.90 10.57 -20.30
C ARG B 390 35.03 9.82 -21.34
N ASP B 391 34.06 9.02 -20.87
CA ASP B 391 33.16 8.33 -21.82
C ASP B 391 32.43 9.37 -22.68
N VAL B 392 31.88 10.42 -22.08
CA VAL B 392 31.17 11.46 -22.81
C VAL B 392 32.01 12.12 -23.93
N CYS B 393 33.31 12.32 -23.68
CA CYS B 393 34.25 12.89 -24.67
C CYS B 393 34.42 11.90 -25.81
N ALA B 394 34.57 10.63 -25.46
CA ALA B 394 34.63 9.60 -26.46
C ALA B 394 33.41 9.61 -27.35
N LEU B 395 32.26 9.89 -26.75
CA LEU B 395 31.00 9.84 -27.48
C LEU B 395 30.96 10.95 -28.56
N GLY B 396 31.28 12.17 -28.16
CA GLY B 396 31.23 13.30 -29.09
C GLY B 396 32.10 13.01 -30.30
N ALA B 397 33.26 12.44 -30.01
CA ALA B 397 34.21 12.06 -31.01
C ALA B 397 33.59 11.03 -32.01
N ASP B 398 33.03 9.93 -31.52
CA ASP B 398 32.30 8.97 -32.36
C ASP B 398 31.17 9.64 -33.14
N LEU B 399 30.53 10.67 -32.57
CA LEU B 399 29.39 11.32 -33.25
C LEU B 399 29.82 12.27 -34.36
N ASP B 400 31.03 12.79 -34.26
CA ASP B 400 31.62 13.55 -35.36
C ASP B 400 32.04 12.58 -36.46
N THR B 401 32.68 11.48 -36.09
CA THR B 401 32.98 10.46 -37.05
C THR B 401 31.74 10.10 -37.86
N LEU B 402 30.61 9.90 -37.20
CA LEU B 402 29.44 9.41 -37.92
C LEU B 402 28.90 10.48 -38.82
N SER B 403 28.98 11.72 -38.34
CA SER B 403 28.54 12.87 -39.10
C SER B 403 29.31 12.94 -40.43
N ASP B 404 30.62 12.79 -40.34
CA ASP B 404 31.50 12.86 -41.48
C ASP B 404 31.33 11.68 -42.45
N ALA B 405 30.91 10.52 -41.96
CA ALA B 405 30.62 9.39 -42.84
C ALA B 405 29.30 9.61 -43.53
N GLY B 406 28.60 10.67 -43.15
CA GLY B 406 27.40 11.10 -43.83
C GLY B 406 26.09 10.47 -43.44
N ILE B 407 25.87 10.28 -42.16
CA ILE B 407 24.69 9.51 -41.77
C ILE B 407 23.45 10.38 -41.69
N LEU B 408 23.61 11.68 -41.57
CA LEU B 408 22.46 12.55 -41.35
C LEU B 408 21.33 12.18 -42.29
N ARG B 409 20.10 12.29 -41.79
CA ARG B 409 18.90 12.24 -42.62
C ARG B 409 18.63 10.85 -43.28
N SER B 410 19.55 9.90 -43.11
CA SER B 410 19.22 8.50 -43.42
C SER B 410 18.15 8.01 -42.49
N LYS B 411 17.29 7.16 -43.03
CA LYS B 411 16.11 6.71 -42.34
C LYS B 411 16.27 5.26 -41.84
N LEU B 412 15.60 4.96 -40.74
CA LEU B 412 15.62 3.59 -40.22
C LEU B 412 14.87 2.72 -41.22
N SER B 413 15.47 1.63 -41.66
CA SER B 413 14.85 0.78 -42.68
C SER B 413 13.60 0.07 -42.26
N LYS B 414 12.82 -0.35 -43.27
CA LYS B 414 11.49 -0.98 -43.11
C LYS B 414 11.65 -2.46 -42.74
N ALA B 415 11.13 -2.84 -41.58
CA ALA B 415 11.30 -4.18 -41.08
C ALA B 415 10.31 -5.07 -41.77
N ARG B 416 10.53 -6.37 -41.60
CA ARG B 416 9.67 -7.40 -42.13
C ARG B 416 8.34 -7.48 -41.39
N VAL B 417 8.34 -6.96 -40.16
CA VAL B 417 7.21 -7.07 -39.29
C VAL B 417 7.02 -5.79 -38.50
N ALA B 418 5.75 -5.38 -38.39
CA ALA B 418 5.32 -4.24 -37.61
C ALA B 418 4.65 -4.75 -36.32
N ILE B 419 5.02 -4.14 -35.20
CA ILE B 419 4.36 -4.38 -33.93
C ILE B 419 3.56 -3.16 -33.52
N VAL B 420 2.25 -3.33 -33.49
CA VAL B 420 1.31 -2.27 -33.23
C VAL B 420 1.24 -1.96 -31.74
N GLN B 421 1.46 -0.69 -31.44
CA GLN B 421 1.32 -0.16 -30.11
C GLN B 421 0.15 0.78 -30.21
N ASP B 422 -0.63 0.88 -29.14
CA ASP B 422 -1.84 1.65 -29.16
C ASP B 422 -2.14 2.21 -27.80
N ILE B 423 -1.87 3.50 -27.61
CA ILE B 423 -2.07 4.18 -26.32
C ILE B 423 -3.52 4.14 -25.81
N GLN B 424 -4.48 4.22 -26.72
CA GLN B 424 -5.89 4.29 -26.35
C GLN B 424 -6.39 2.98 -25.81
N SER B 425 -5.85 1.90 -26.35
CA SER B 425 -6.13 0.60 -25.80
C SER B 425 -5.53 0.51 -24.39
N GLU B 426 -4.32 1.02 -24.21
CA GLU B 426 -3.70 1.06 -22.91
C GLU B 426 -4.64 1.67 -21.92
N TRP B 427 -5.20 2.83 -22.24
CA TRP B 427 -6.19 3.50 -21.37
C TRP B 427 -7.38 2.62 -21.05
N ALA B 428 -7.87 1.92 -22.06
CA ALA B 428 -9.05 1.11 -21.89
C ALA B 428 -8.78 -0.03 -20.92
N THR B 429 -7.65 -0.70 -21.10
CA THR B 429 -7.24 -1.83 -20.27
C THR B 429 -6.90 -1.45 -18.83
N GLU B 430 -6.97 -0.16 -18.52
CA GLU B 430 -6.62 0.35 -17.21
C GLU B 430 -7.80 0.39 -16.27
N HIS B 431 -8.99 0.14 -16.78
CA HIS B 431 -10.17 0.23 -15.91
C HIS B 431 -10.13 -0.88 -14.83
N THR B 432 -10.70 -0.62 -13.67
CA THR B 432 -10.51 -1.50 -12.53
C THR B 432 -11.47 -2.66 -12.51
N ALA B 433 -12.39 -2.66 -13.47
CA ALA B 433 -13.38 -3.73 -13.58
C ALA B 433 -13.23 -4.61 -14.84
N THR B 434 -12.01 -4.79 -15.33
CA THR B 434 -11.69 -5.72 -16.41
C THR B 434 -11.55 -7.15 -15.90
N PRO B 435 -11.34 -8.11 -16.79
CA PRO B 435 -11.28 -9.46 -16.25
C PRO B 435 -10.13 -9.66 -15.27
N THR B 436 -9.01 -8.97 -15.43
CA THR B 436 -7.96 -8.98 -14.42
C THR B 436 -7.08 -7.76 -14.55
N GLN B 437 -6.80 -7.13 -13.40
CA GLN B 437 -5.92 -5.97 -13.33
C GLN B 437 -4.49 -6.32 -13.69
N HIS B 438 -4.20 -7.61 -13.81
CA HIS B 438 -2.85 -8.02 -14.15
C HIS B 438 -2.48 -7.93 -15.62
N ILE B 439 -3.38 -7.37 -16.43
CA ILE B 439 -3.19 -7.28 -17.87
C ILE B 439 -3.39 -5.86 -18.29
N ARG B 440 -2.34 -5.28 -18.86
CA ARG B 440 -2.42 -3.99 -19.50
C ARG B 440 -1.96 -4.21 -20.93
N GLU B 441 -2.34 -3.31 -21.82
CA GLU B 441 -1.91 -3.40 -23.21
C GLU B 441 -0.41 -3.24 -23.36
N TRP B 442 0.22 -2.40 -22.52
CA TRP B 442 1.55 -1.95 -22.88
C TRP B 442 2.60 -3.03 -22.88
N THR B 443 2.41 -4.06 -22.07
CA THR B 443 3.45 -5.07 -21.97
C THR B 443 3.53 -5.97 -23.18
N GLU B 444 2.40 -6.23 -23.85
CA GLU B 444 2.36 -7.23 -24.92
C GLU B 444 3.20 -6.85 -26.17
N PRO B 445 3.06 -5.61 -26.70
CA PRO B 445 3.98 -5.16 -27.75
C PRO B 445 5.45 -5.29 -27.38
N LEU B 446 5.78 -4.97 -26.13
CA LEU B 446 7.16 -5.07 -25.68
C LEU B 446 7.65 -6.52 -25.72
N ASP B 447 6.80 -7.46 -25.31
CA ASP B 447 7.23 -8.88 -25.31
C ASP B 447 7.47 -9.35 -26.74
N TRP B 448 6.63 -8.92 -27.68
CA TRP B 448 6.78 -9.40 -29.03
C TRP B 448 8.04 -8.82 -29.68
N PHE B 449 8.31 -7.57 -29.37
CA PHE B 449 9.52 -6.96 -29.86
C PHE B 449 10.74 -7.71 -29.31
N ALA B 450 10.76 -7.92 -27.99
CA ALA B 450 11.81 -8.74 -27.38
C ALA B 450 11.88 -10.15 -27.99
N ALA B 451 10.73 -10.79 -28.15
CA ALA B 451 10.72 -12.11 -28.76
C ALA B 451 11.32 -12.11 -30.19
N PHE B 452 10.85 -11.19 -31.05
CA PHE B 452 11.48 -11.05 -32.36
C PHE B 452 12.98 -10.74 -32.30
N ALA B 453 13.44 -9.87 -31.39
CA ALA B 453 14.91 -9.75 -31.21
C ALA B 453 15.59 -11.07 -30.93
N ASN B 454 14.95 -11.94 -30.12
CA ASN B 454 15.48 -13.28 -29.81
C ASN B 454 15.68 -14.18 -31.00
N ARG B 455 14.97 -13.87 -32.09
CA ARG B 455 15.09 -14.72 -33.27
C ARG B 455 15.82 -13.98 -34.39
N GLY B 456 16.52 -12.91 -34.04
CA GLY B 456 17.24 -12.11 -35.03
C GLY B 456 16.40 -11.32 -36.01
N VAL B 457 15.25 -10.83 -35.60
CA VAL B 457 14.41 -10.00 -36.45
C VAL B 457 14.15 -8.75 -35.67
N THR B 458 14.48 -7.62 -36.25
CA THR B 458 14.30 -6.34 -35.59
C THR B 458 13.04 -5.74 -36.13
N ALA B 459 12.07 -5.51 -35.27
CA ALA B 459 10.77 -5.02 -35.72
C ALA B 459 10.69 -3.54 -35.63
N ASP B 460 9.71 -2.99 -36.34
CA ASP B 460 9.36 -1.59 -36.23
C ASP B 460 8.17 -1.54 -35.32
N VAL B 461 8.28 -0.79 -34.24
CA VAL B 461 7.14 -0.54 -33.41
C VAL B 461 6.43 0.59 -34.08
N THR B 462 5.15 0.42 -34.30
CA THR B 462 4.36 1.38 -35.06
C THR B 462 3.06 1.71 -34.35
N PRO B 463 2.74 3.00 -34.20
CA PRO B 463 1.45 3.36 -33.60
C PRO B 463 0.32 2.89 -34.47
N ILE B 464 -0.90 2.98 -33.96
CA ILE B 464 -1.96 2.26 -34.61
C ILE B 464 -2.40 2.99 -35.90
N HIS B 465 -2.34 4.31 -35.93
CA HIS B 465 -2.74 5.02 -37.17
C HIS B 465 -1.63 5.14 -38.19
N ALA B 466 -0.50 4.50 -37.94
CA ALA B 466 0.55 4.41 -38.93
C ALA B 466 0.32 3.21 -39.88
N GLN B 467 1.26 2.98 -40.80
CA GLN B 467 1.05 2.07 -41.95
C GLN B 467 1.58 0.65 -41.74
N TRP B 468 1.25 0.07 -40.61
CA TRP B 468 1.65 -1.31 -40.33
C TRP B 468 1.08 -2.26 -41.42
N ASP B 469 -0.02 -1.81 -42.06
CA ASP B 469 -0.59 -2.60 -43.15
C ASP B 469 0.18 -2.51 -44.46
N THR B 470 1.39 -1.99 -44.44
CA THR B 470 2.28 -2.08 -45.61
C THR B 470 3.46 -3.00 -45.32
N TYR B 471 3.34 -3.82 -44.27
CA TYR B 471 4.45 -4.69 -43.85
C TYR B 471 4.08 -6.12 -44.20
N ASP B 472 5.05 -7.01 -44.27
CA ASP B 472 4.77 -8.38 -44.62
C ASP B 472 3.97 -9.03 -43.50
N ALA B 473 4.22 -8.59 -42.28
CA ALA B 473 3.55 -9.15 -41.12
C ALA B 473 3.31 -8.10 -40.04
N VAL B 474 2.18 -8.20 -39.37
CA VAL B 474 1.93 -7.32 -38.26
C VAL B 474 1.61 -8.16 -36.98
N VAL B 475 1.98 -7.61 -35.81
CA VAL B 475 1.58 -8.18 -34.51
C VAL B 475 0.48 -7.32 -33.97
N ILE B 476 -0.64 -7.94 -33.59
CA ILE B 476 -1.76 -7.23 -32.95
C ILE B 476 -1.76 -7.74 -31.51
N PRO B 477 -1.10 -7.00 -30.61
CA PRO B 477 -0.91 -7.48 -29.24
C PRO B 477 -1.78 -6.72 -28.23
N CYS B 478 -2.90 -7.31 -27.79
CA CYS B 478 -3.82 -6.69 -26.81
C CYS B 478 -4.29 -5.36 -27.30
N VAL B 479 -4.68 -5.31 -28.56
CA VAL B 479 -5.29 -4.12 -29.14
C VAL B 479 -6.76 -4.21 -28.83
N TYR B 480 -7.07 -3.71 -27.64
CA TYR B 480 -8.32 -3.98 -26.97
C TYR B 480 -9.46 -3.28 -27.68
N LEU B 481 -9.18 -2.10 -28.19
CA LEU B 481 -10.18 -1.36 -28.96
C LEU B 481 -10.07 -1.69 -30.45
N PHE B 482 -11.11 -2.28 -31.03
CA PHE B 482 -11.20 -2.43 -32.46
C PHE B 482 -12.46 -1.73 -32.93
N SER B 483 -12.24 -0.67 -33.71
CA SER B 483 -13.33 0.01 -34.43
C SER B 483 -13.64 -0.75 -35.69
N GLU B 484 -14.80 -0.45 -36.27
CA GLU B 484 -15.20 -1.03 -37.55
C GLU B 484 -14.06 -0.82 -38.57
N GLU B 485 -13.46 0.38 -38.60
CA GLU B 485 -12.41 0.67 -39.58
C GLU B 485 -11.18 -0.17 -39.32
N MET B 486 -10.77 -0.21 -38.05
CA MET B 486 -9.62 -1.01 -37.68
C MET B 486 -9.86 -2.44 -38.10
N ALA B 487 -11.10 -2.89 -37.96
CA ALA B 487 -11.44 -4.26 -38.38
C ALA B 487 -11.31 -4.41 -39.88
N GLU B 488 -11.68 -3.37 -40.61
CA GLU B 488 -11.60 -3.48 -42.05
C GLU B 488 -10.18 -3.50 -42.48
N ARG B 489 -9.35 -2.67 -41.84
CA ARG B 489 -7.94 -2.56 -42.26
C ARG B 489 -7.24 -3.91 -42.10
N LEU B 490 -7.54 -4.61 -41.00
CA LEU B 490 -6.86 -5.87 -40.78
C LEU B 490 -7.38 -6.90 -41.76
N ARG B 491 -8.69 -6.90 -42.01
CA ARG B 491 -9.28 -7.88 -42.94
C ARG B 491 -8.64 -7.76 -44.33
N THR B 492 -8.46 -6.52 -44.79
CA THR B 492 -7.84 -6.25 -46.08
C THR B 492 -6.40 -6.67 -46.09
N PHE B 493 -5.69 -6.29 -45.03
CA PHE B 493 -4.27 -6.61 -44.92
C PHE B 493 -4.13 -8.14 -45.05
N VAL B 494 -5.01 -8.90 -44.42
CA VAL B 494 -4.88 -10.34 -44.51
C VAL B 494 -5.37 -10.88 -45.85
N ARG B 495 -6.45 -10.34 -46.40
CA ARG B 495 -6.95 -10.87 -47.68
C ARG B 495 -5.87 -10.86 -48.72
N ASN B 496 -5.12 -9.76 -48.76
CA ASN B 496 -4.11 -9.56 -49.81
C ASN B 496 -2.73 -10.16 -49.53
N GLY B 497 -2.67 -11.06 -48.56
CA GLY B 497 -1.43 -11.79 -48.32
C GLY B 497 -0.67 -11.37 -47.09
N GLY B 498 -1.23 -10.44 -46.34
CA GLY B 498 -0.67 -10.12 -45.05
C GLY B 498 -0.71 -11.31 -44.08
N LYS B 499 0.35 -11.43 -43.30
CA LYS B 499 0.46 -12.38 -42.20
C LYS B 499 0.41 -11.57 -40.89
N ALA B 500 -0.48 -11.98 -40.01
CA ALA B 500 -0.82 -11.28 -38.79
C ALA B 500 -0.73 -12.20 -37.56
N PHE B 501 -0.16 -11.68 -36.47
CA PHE B 501 -0.13 -12.35 -35.16
C PHE B 501 -1.10 -11.60 -34.24
N VAL B 502 -2.20 -12.21 -33.83
CA VAL B 502 -3.19 -11.54 -32.98
C VAL B 502 -3.30 -12.24 -31.61
N THR B 503 -3.33 -11.45 -30.52
CA THR B 503 -3.33 -12.01 -29.18
C THR B 503 -4.63 -11.70 -28.43
N TYR B 504 -4.83 -12.48 -27.38
CA TYR B 504 -5.79 -12.27 -26.31
C TYR B 504 -5.89 -10.79 -25.98
N TYR B 505 -7.10 -10.40 -25.56
CA TYR B 505 -7.37 -9.02 -25.20
C TYR B 505 -7.36 -8.09 -26.45
N SER B 506 -7.46 -8.69 -27.64
CA SER B 506 -7.58 -7.93 -28.88
C SER B 506 -9.03 -7.91 -29.34
N ALA B 507 -9.47 -6.74 -29.77
CA ALA B 507 -10.75 -6.55 -30.43
C ALA B 507 -11.88 -6.97 -29.53
N LEU B 508 -11.86 -6.42 -28.33
CA LEU B 508 -12.90 -6.70 -27.37
C LEU B 508 -14.01 -5.67 -27.45
N ALA B 509 -13.66 -4.45 -27.80
CA ALA B 509 -14.63 -3.38 -27.71
C ALA B 509 -14.50 -2.40 -28.86
N ASP B 510 -15.59 -1.72 -29.17
CA ASP B 510 -15.47 -0.64 -30.12
C ASP B 510 -14.62 0.47 -29.49
N GLU B 511 -14.57 1.63 -30.14
CA GLU B 511 -13.65 2.68 -29.77
C GLU B 511 -14.13 3.49 -28.58
N HIS B 512 -15.38 3.28 -28.16
CA HIS B 512 -15.92 3.90 -26.96
C HIS B 512 -15.94 2.94 -25.74
N ASP B 513 -15.22 1.81 -25.88
CA ASP B 513 -15.19 0.77 -24.84
C ASP B 513 -16.51 0.08 -24.64
N ARG B 514 -17.20 -0.16 -25.74
CA ARG B 514 -18.43 -0.93 -25.74
C ARG B 514 -18.04 -2.24 -26.32
N LEU B 515 -18.25 -3.29 -25.54
CA LEU B 515 -17.82 -4.64 -25.92
C LEU B 515 -18.58 -5.10 -27.18
N HIS B 516 -17.85 -5.78 -28.06
CA HIS B 516 -18.41 -6.39 -29.26
C HIS B 516 -19.26 -7.61 -28.89
N THR B 517 -20.33 -7.89 -29.64
CA THR B 517 -21.19 -9.03 -29.32
C THR B 517 -20.95 -10.21 -30.24
N GLU B 518 -21.55 -11.34 -29.89
CA GLU B 518 -21.48 -12.58 -30.67
C GLU B 518 -20.13 -13.30 -30.60
N GLY B 519 -19.25 -12.87 -29.70
CA GLY B 519 -18.02 -13.59 -29.54
C GLY B 519 -16.80 -12.82 -29.99
N TRP B 520 -15.67 -13.19 -29.38
CA TRP B 520 -14.40 -12.51 -29.59
C TRP B 520 -13.41 -13.42 -30.32
N PRO B 521 -12.42 -12.85 -30.96
CA PRO B 521 -12.38 -11.41 -31.22
C PRO B 521 -13.63 -10.92 -31.97
N GLY B 522 -14.07 -9.72 -31.60
CA GLY B 522 -15.22 -9.12 -32.20
C GLY B 522 -14.83 -8.54 -33.53
N LEU B 523 -15.82 -8.41 -34.42
CA LEU B 523 -15.68 -7.89 -35.78
C LEU B 523 -14.83 -8.75 -36.72
N ILE B 524 -13.92 -9.54 -36.17
CA ILE B 524 -12.73 -9.94 -36.89
C ILE B 524 -12.59 -11.46 -36.83
N GLY B 525 -13.63 -12.10 -36.29
CA GLY B 525 -13.64 -13.53 -36.02
C GLY B 525 -13.58 -14.39 -37.25
N ASP B 526 -14.14 -13.91 -38.36
CA ASP B 526 -14.05 -14.58 -39.66
C ASP B 526 -12.60 -14.69 -40.09
N VAL B 527 -11.84 -13.61 -39.89
CA VAL B 527 -10.46 -13.58 -40.33
C VAL B 527 -9.60 -14.39 -39.41
N VAL B 528 -9.89 -14.34 -38.11
CA VAL B 528 -9.02 -15.05 -37.16
C VAL B 528 -9.33 -16.53 -37.15
N GLY B 529 -10.58 -16.89 -37.32
CA GLY B 529 -10.89 -18.30 -37.38
C GLY B 529 -11.08 -18.95 -36.02
N VAL B 530 -11.43 -18.10 -35.06
CA VAL B 530 -11.47 -18.49 -33.66
C VAL B 530 -12.67 -17.80 -33.03
N ARG B 531 -13.32 -18.47 -32.08
CA ARG B 531 -14.42 -17.88 -31.35
C ARG B 531 -14.37 -18.15 -29.84
N ILE B 532 -14.54 -17.05 -29.11
CA ILE B 532 -14.37 -17.02 -27.68
C ILE B 532 -15.56 -16.42 -26.93
N GLU B 533 -16.16 -17.18 -26.01
CA GLU B 533 -17.30 -16.71 -25.25
C GLU B 533 -16.95 -16.06 -23.90
N GLU B 534 -15.77 -16.37 -23.35
CA GLU B 534 -15.26 -15.73 -22.10
C GLU B 534 -13.78 -15.97 -21.87
N HIS B 535 -13.22 -15.16 -20.98
CA HIS B 535 -11.84 -15.28 -20.53
C HIS B 535 -11.64 -16.25 -19.33
N CYS B 536 -10.40 -16.68 -19.17
CA CYS B 536 -10.02 -17.50 -18.03
C CYS B 536 -8.84 -16.81 -17.30
N PRO B 537 -9.13 -15.78 -16.47
CA PRO B 537 -8.02 -15.12 -15.75
C PRO B 537 -7.34 -16.05 -14.74
N LEU B 538 -6.04 -15.88 -14.56
CA LEU B 538 -5.30 -16.77 -13.71
C LEU B 538 -4.48 -15.95 -12.74
N GLY B 539 -4.30 -16.51 -11.56
CA GLY B 539 -3.53 -15.86 -10.51
C GLY B 539 -3.50 -16.60 -9.19
N THR B 540 -3.09 -15.90 -8.15
CA THR B 540 -2.94 -16.51 -6.84
C THR B 540 -3.70 -15.69 -5.78
N LEU B 541 -4.73 -14.94 -6.19
CA LEU B 541 -5.50 -14.15 -5.24
C LEU B 541 -5.95 -14.97 -4.06
N PHE B 542 -6.35 -16.20 -4.31
CA PHE B 542 -6.99 -16.99 -3.25
C PHE B 542 -6.31 -18.31 -3.30
N PRO B 543 -6.31 -19.03 -2.18
CA PRO B 543 -5.78 -20.38 -2.11
C PRO B 543 -6.50 -21.31 -3.06
N GLY B 544 -5.73 -22.01 -3.87
CA GLY B 544 -6.24 -23.00 -4.81
C GLY B 544 -6.72 -22.41 -6.12
N MET B 545 -6.64 -21.11 -6.29
CA MET B 545 -6.97 -20.54 -7.57
C MET B 545 -6.09 -21.14 -8.70
N LEU B 546 -6.64 -21.24 -9.90
CA LEU B 546 -5.88 -21.64 -11.08
C LEU B 546 -4.93 -20.48 -11.43
N ASP B 547 -3.62 -20.74 -11.40
CA ASP B 547 -2.65 -19.65 -11.51
C ASP B 547 -1.68 -19.72 -12.74
N HIS B 548 -1.73 -20.84 -13.45
CA HIS B 548 -1.08 -20.96 -14.74
C HIS B 548 -1.83 -21.95 -15.65
N LEU B 549 -1.49 -21.93 -16.94
CA LEU B 549 -1.88 -23.02 -17.83
C LEU B 549 -0.73 -23.50 -18.68
N ASP B 550 -0.39 -24.75 -18.49
CA ASP B 550 0.59 -25.31 -19.36
C ASP B 550 0.08 -25.34 -20.81
N VAL B 551 1.02 -25.12 -21.72
CA VAL B 551 0.76 -25.27 -23.14
C VAL B 551 1.58 -26.43 -23.74
N SER B 552 1.01 -27.06 -24.75
CA SER B 552 1.55 -28.30 -25.28
C SER B 552 2.90 -28.17 -25.97
N ASN B 553 3.29 -26.96 -26.36
CA ASN B 553 4.61 -26.75 -26.96
C ASN B 553 5.67 -26.54 -25.88
N GLY B 554 5.28 -26.67 -24.61
CA GLY B 554 6.28 -26.61 -23.57
C GLY B 554 6.36 -25.21 -22.97
N THR B 555 5.42 -24.34 -23.33
CA THR B 555 5.39 -23.02 -22.75
C THR B 555 4.31 -22.99 -21.68
N VAL B 556 4.18 -21.83 -21.03
CA VAL B 556 3.27 -21.63 -19.92
C VAL B 556 2.58 -20.26 -19.99
N VAL B 557 1.27 -20.25 -19.83
CA VAL B 557 0.56 -18.99 -19.81
C VAL B 557 0.23 -18.57 -18.38
N HIS B 558 0.34 -17.27 -18.12
CA HIS B 558 0.04 -16.65 -16.83
C HIS B 558 -0.96 -15.48 -16.94
N ASP B 559 -1.54 -15.08 -15.80
CA ASP B 559 -2.40 -13.88 -15.73
C ASP B 559 -3.76 -14.00 -16.36
N LEU B 560 -3.78 -14.43 -17.63
CA LEU B 560 -5.02 -14.59 -18.42
C LEU B 560 -4.89 -15.52 -19.67
N ALA B 561 -5.93 -16.30 -19.93
CA ALA B 561 -6.02 -17.11 -21.15
C ALA B 561 -7.42 -16.90 -21.77
N ASP B 562 -7.54 -16.99 -23.11
CA ASP B 562 -8.89 -17.03 -23.71
C ASP B 562 -9.43 -18.45 -23.63
N VAL B 563 -10.73 -18.57 -23.48
CA VAL B 563 -11.43 -19.83 -23.61
C VAL B 563 -11.98 -19.87 -25.03
N ILE B 564 -11.24 -20.55 -25.89
CA ILE B 564 -11.67 -20.77 -27.25
C ILE B 564 -12.63 -21.93 -27.31
N ASP B 565 -13.85 -21.60 -27.68
CA ASP B 565 -14.97 -22.54 -27.80
C ASP B 565 -15.01 -23.29 -29.17
N ALA B 566 -14.83 -22.59 -30.28
CA ALA B 566 -14.88 -23.27 -31.55
C ALA B 566 -13.88 -22.59 -32.43
N ILE B 567 -13.41 -23.34 -33.42
CA ILE B 567 -12.57 -22.82 -34.47
C ILE B 567 -13.10 -23.12 -35.86
N ALA B 568 -12.69 -22.30 -36.80
CA ALA B 568 -13.14 -22.48 -38.15
C ALA B 568 -12.68 -23.84 -38.66
N ASP B 569 -13.37 -24.35 -39.65
CA ASP B 569 -13.10 -25.65 -40.23
C ASP B 569 -11.72 -25.70 -40.86
N ASP B 570 -11.25 -24.57 -41.41
CA ASP B 570 -9.89 -24.49 -41.96
C ASP B 570 -8.85 -23.96 -40.93
N THR B 571 -9.27 -23.74 -39.69
CA THR B 571 -8.34 -23.40 -38.63
C THR B 571 -7.57 -24.60 -38.11
N THR B 572 -6.26 -24.47 -38.08
CA THR B 572 -5.36 -25.46 -37.49
C THR B 572 -4.86 -25.08 -36.08
N VAL B 573 -4.86 -26.05 -35.20
CA VAL B 573 -4.40 -25.83 -33.84
C VAL B 573 -2.93 -26.18 -33.75
N LEU B 574 -2.09 -25.24 -33.36
CA LEU B 574 -0.69 -25.58 -33.18
C LEU B 574 -0.43 -26.08 -31.75
N ALA B 575 -1.12 -25.53 -30.77
CA ALA B 575 -0.85 -25.85 -29.39
C ALA B 575 -2.13 -25.83 -28.61
N THR B 576 -2.22 -26.66 -27.57
CA THR B 576 -3.40 -26.66 -26.71
C THR B 576 -2.97 -26.47 -25.28
N PHE B 577 -3.93 -25.99 -24.49
CA PHE B 577 -3.73 -25.95 -23.06
C PHE B 577 -3.77 -27.33 -22.48
N GLU B 578 -2.90 -27.56 -21.49
CA GLU B 578 -2.83 -28.82 -20.77
C GLU B 578 -3.13 -28.52 -19.34
N ALA B 579 -4.25 -29.02 -18.83
CA ALA B 579 -4.65 -28.75 -17.46
C ALA B 579 -5.51 -29.85 -16.80
N ASP B 580 -5.79 -29.62 -15.52
CA ASP B 580 -6.75 -30.43 -14.81
C ASP B 580 -8.08 -30.44 -15.61
N PRO B 581 -8.59 -31.61 -15.98
CA PRO B 581 -9.78 -31.63 -16.84
C PRO B 581 -10.94 -30.85 -16.26
N ALA B 582 -11.03 -30.83 -14.95
CA ALA B 582 -12.16 -30.23 -14.33
C ALA B 582 -12.18 -28.72 -14.58
N THR B 583 -11.07 -28.17 -15.07
CA THR B 583 -10.97 -26.73 -15.24
C THR B 583 -11.72 -26.30 -16.48
N GLY B 584 -12.03 -27.29 -17.30
CA GLY B 584 -12.70 -27.02 -18.55
C GLY B 584 -11.75 -26.43 -19.56
N MET B 585 -10.46 -26.43 -19.25
CA MET B 585 -9.46 -25.91 -20.15
C MET B 585 -8.57 -26.99 -20.78
N ASP B 586 -8.65 -28.24 -20.30
CA ASP B 586 -7.76 -29.27 -20.82
C ASP B 586 -8.02 -29.52 -22.30
N GLY B 587 -6.98 -29.42 -23.11
CA GLY B 587 -7.06 -29.72 -24.54
C GLY B 587 -7.62 -28.61 -25.40
N ARG B 588 -8.09 -27.54 -24.77
CA ARG B 588 -8.55 -26.36 -25.48
C ARG B 588 -7.41 -25.75 -26.29
N ALA B 589 -7.75 -25.00 -27.33
CA ALA B 589 -6.73 -24.47 -28.25
C ALA B 589 -6.01 -23.26 -27.66
N ALA B 590 -4.70 -23.28 -27.76
CA ALA B 590 -3.90 -22.25 -27.16
C ALA B 590 -3.27 -21.42 -28.24
N ILE B 591 -2.80 -22.08 -29.29
CA ILE B 591 -2.26 -21.40 -30.45
C ILE B 591 -2.77 -21.93 -31.77
N THR B 592 -3.39 -21.05 -32.56
CA THR B 592 -3.98 -21.45 -33.84
C THR B 592 -3.45 -20.64 -34.99
N VAL B 593 -3.57 -21.20 -36.20
CA VAL B 593 -3.26 -20.48 -37.42
C VAL B 593 -4.38 -20.74 -38.44
N HIS B 594 -4.77 -19.69 -39.15
CA HIS B 594 -5.94 -19.72 -40.00
C HIS B 594 -5.71 -18.89 -41.27
N PRO B 595 -5.87 -19.53 -42.43
CA PRO B 595 -5.86 -18.86 -43.73
C PRO B 595 -7.08 -18.01 -43.99
N TYR B 596 -6.84 -16.83 -44.54
CA TYR B 596 -7.87 -15.95 -45.06
C TYR B 596 -7.34 -15.39 -46.39
N HIS B 597 -7.81 -16.01 -47.48
CA HIS B 597 -7.42 -15.62 -48.83
C HIS B 597 -5.91 -15.68 -49.00
N GLU B 598 -5.24 -14.60 -49.34
CA GLU B 598 -3.82 -14.77 -49.56
C GLU B 598 -2.99 -14.87 -48.26
N GLY B 599 -3.41 -14.22 -47.17
CA GLY B 599 -2.83 -14.45 -45.83
C GLY B 599 -3.55 -15.52 -45.00
N GLY B 600 -3.41 -15.62 -43.68
CA GLY B 600 -2.24 -15.22 -42.92
C GLY B 600 -2.49 -14.81 -41.45
N VAL B 601 -3.19 -15.60 -40.60
CA VAL B 601 -3.38 -15.20 -39.17
C VAL B 601 -3.07 -16.26 -38.08
N ALA B 602 -2.17 -15.92 -37.17
CA ALA B 602 -1.95 -16.74 -35.98
C ALA B 602 -2.59 -16.06 -34.79
N TYR B 603 -3.33 -16.82 -34.00
CA TYR B 603 -3.99 -16.30 -32.82
C TYR B 603 -3.33 -16.86 -31.58
N ILE B 604 -3.01 -16.00 -30.62
CA ILE B 604 -2.32 -16.43 -29.39
C ILE B 604 -3.18 -16.18 -28.16
N ALA B 605 -3.73 -17.25 -27.56
CA ALA B 605 -4.83 -17.10 -26.62
C ALA B 605 -4.39 -16.92 -25.13
N GLY B 606 -3.23 -16.32 -24.89
CA GLY B 606 -2.82 -16.09 -23.54
C GLY B 606 -1.51 -15.36 -23.44
N LYS B 607 -1.23 -14.81 -22.25
CA LYS B 607 0.02 -14.15 -21.99
C LYS B 607 1.13 -15.17 -21.77
N LEU B 608 2.12 -15.17 -22.64
CA LEU B 608 3.25 -16.08 -22.64
C LEU B 608 4.60 -15.44 -22.24
N GLY B 609 4.73 -14.12 -22.38
CA GLY B 609 5.96 -13.42 -22.03
C GLY B 609 7.05 -13.45 -23.07
N ARG B 610 8.03 -12.56 -22.94
CA ARG B 610 9.12 -12.54 -23.91
C ARG B 610 9.48 -13.96 -24.33
N ASP B 611 9.74 -14.82 -23.36
CA ASP B 611 10.35 -16.12 -23.70
C ASP B 611 9.42 -17.21 -24.20
N GLY B 612 8.17 -17.22 -23.80
CA GLY B 612 7.21 -18.17 -24.35
C GLY B 612 6.79 -17.78 -25.76
N ILE B 613 6.55 -16.48 -26.01
CA ILE B 613 6.44 -16.02 -27.38
C ILE B 613 7.65 -16.48 -28.14
N SER B 614 8.81 -16.22 -27.57
CA SER B 614 9.99 -16.40 -28.34
C SER B 614 10.19 -17.89 -28.64
N GLN B 615 9.77 -18.77 -27.74
CA GLN B 615 9.96 -20.21 -27.96
C GLN B 615 8.92 -20.74 -28.93
N SER B 616 7.83 -20.02 -29.12
CA SER B 616 6.80 -20.50 -29.99
C SER B 616 7.00 -20.06 -31.42
N LEU B 617 7.83 -19.03 -31.55
CA LEU B 617 7.84 -18.21 -32.72
C LEU B 617 8.14 -19.05 -33.94
N PRO B 618 9.11 -19.96 -33.83
CA PRO B 618 9.38 -20.80 -34.98
C PRO B 618 8.21 -21.58 -35.51
N GLU B 619 7.54 -22.39 -34.70
CA GLU B 619 6.42 -23.16 -35.21
C GLU B 619 5.33 -22.24 -35.83
N ILE B 620 5.03 -21.10 -35.21
CA ILE B 620 4.04 -20.17 -35.74
C ILE B 620 4.46 -19.50 -37.08
N CYS B 621 5.69 -19.05 -37.18
CA CYS B 621 6.21 -18.48 -38.42
C CYS B 621 6.24 -19.51 -39.55
N ALA B 622 6.64 -20.72 -39.22
CA ALA B 622 6.59 -21.75 -40.22
C ALA B 622 5.16 -21.92 -40.73
N ALA B 623 4.17 -21.87 -39.85
CA ALA B 623 2.82 -22.15 -40.27
C ALA B 623 2.29 -21.06 -41.21
N LEU B 624 2.76 -19.85 -40.96
CA LEU B 624 2.30 -18.69 -41.68
C LEU B 624 3.04 -18.43 -42.99
N GLY B 625 4.20 -19.06 -43.17
CA GLY B 625 5.11 -18.68 -44.23
C GLY B 625 5.88 -17.39 -43.93
N PHE B 626 6.48 -17.31 -42.75
CA PHE B 626 7.36 -16.20 -42.42
C PHE B 626 8.70 -16.85 -42.15
N GLU B 627 9.70 -16.55 -42.94
CA GLU B 627 10.98 -17.21 -42.76
C GLU B 627 11.56 -16.78 -41.43
N LEU B 628 12.22 -17.69 -40.74
CA LEU B 628 12.73 -17.38 -39.41
C LEU B 628 13.90 -18.27 -39.14
N ASP B 629 14.97 -17.67 -38.63
CA ASP B 629 16.07 -18.45 -38.10
C ASP B 629 15.63 -19.11 -36.79
N ALA B 630 15.63 -20.42 -36.77
CA ALA B 630 15.24 -21.17 -35.59
C ALA B 630 16.35 -21.35 -34.55
N ASP B 631 17.57 -20.87 -34.82
CA ASP B 631 18.71 -21.03 -33.90
C ASP B 631 18.60 -19.90 -32.90
N PRO B 632 18.72 -20.22 -31.62
CA PRO B 632 18.77 -19.22 -30.55
C PRO B 632 19.95 -18.26 -30.68
N ARG B 633 21.07 -18.72 -31.21
CA ARG B 633 22.19 -17.81 -31.42
C ARG B 633 21.66 -16.60 -32.17
N ALA B 634 20.64 -16.80 -33.01
CA ALA B 634 20.21 -15.77 -33.95
C ALA B 634 19.89 -14.44 -33.27
N GLY B 635 19.49 -14.49 -32.00
CA GLY B 635 19.11 -13.29 -31.29
C GLY B 635 20.28 -12.64 -30.54
N ASP B 636 21.42 -13.32 -30.50
CA ASP B 636 22.57 -12.81 -29.74
C ASP B 636 22.95 -11.38 -30.10
N VAL B 637 22.91 -11.02 -31.39
CA VAL B 637 23.13 -9.63 -31.73
C VAL B 637 21.91 -9.05 -32.45
N LEU B 638 21.62 -7.83 -32.05
CA LEU B 638 20.59 -7.01 -32.61
C LEU B 638 21.21 -6.14 -33.66
N ARG B 639 20.61 -6.17 -34.85
CA ARG B 639 21.11 -5.45 -36.02
C ARG B 639 20.13 -4.38 -36.41
N VAL B 640 20.58 -3.12 -36.43
CA VAL B 640 19.72 -1.97 -36.70
C VAL B 640 20.26 -1.18 -37.92
N VAL B 641 19.42 -0.93 -38.92
CA VAL B 641 19.93 -0.38 -40.18
C VAL B 641 19.28 0.92 -40.63
N ARG B 642 20.13 1.87 -41.05
CA ARG B 642 19.68 3.14 -41.63
C ARG B 642 20.10 3.22 -43.11
N GLU B 643 19.22 3.73 -43.94
CA GLU B 643 19.44 3.68 -45.38
C GLU B 643 19.37 5.05 -45.97
N GLN B 644 20.40 5.40 -46.73
CA GLN B 644 20.35 6.62 -47.54
C GLN B 644 19.59 6.43 -48.90
N GLU B 645 18.92 7.46 -49.41
CA GLU B 645 18.33 7.36 -50.76
C GLU B 645 19.43 6.99 -51.76
N ASP B 646 20.59 7.63 -51.68
CA ASP B 646 21.68 7.29 -52.58
C ASP B 646 22.17 5.83 -52.41
N GLY B 647 21.70 5.12 -51.40
CA GLY B 647 22.02 3.71 -51.30
C GLY B 647 23.04 3.36 -50.25
N ALA B 648 23.66 4.38 -49.67
CA ALA B 648 24.54 4.16 -48.53
C ALA B 648 23.73 3.51 -47.41
N ILE B 649 24.35 2.52 -46.77
CA ILE B 649 23.75 1.80 -45.66
C ILE B 649 24.60 1.80 -44.39
N PHE B 650 23.98 2.25 -43.31
CA PHE B 650 24.64 2.22 -42.01
C PHE B 650 24.02 1.13 -41.11
N GLU B 651 24.82 0.13 -40.80
CA GLU B 651 24.40 -1.02 -40.01
C GLU B 651 25.12 -1.06 -38.65
N PHE B 652 24.30 -1.01 -37.60
CA PHE B 652 24.78 -1.15 -36.24
C PHE B 652 24.52 -2.56 -35.68
N LEU B 653 25.53 -3.11 -35.02
CA LEU B 653 25.44 -4.41 -34.34
C LEU B 653 25.56 -4.23 -32.84
N PHE B 654 24.71 -4.90 -32.07
CA PHE B 654 24.79 -4.73 -30.62
C PHE B 654 24.75 -6.04 -29.92
N ASN B 655 25.66 -6.24 -28.96
CA ASN B 655 25.55 -7.43 -28.13
C ASN B 655 24.34 -7.30 -27.23
N ARG B 656 23.44 -8.29 -27.30
CA ARG B 656 22.26 -8.32 -26.44
C ARG B 656 22.47 -9.20 -25.19
N THR B 657 23.58 -9.93 -25.16
CA THR B 657 23.82 -10.90 -24.12
C THR B 657 24.92 -10.46 -23.17
N ARG B 658 25.24 -11.33 -22.23
CA ARG B 658 26.20 -11.02 -21.16
C ARG B 658 27.50 -11.77 -21.36
N ASN B 659 27.68 -12.30 -22.57
CA ASN B 659 28.89 -13.02 -22.89
C ASN B 659 29.41 -12.47 -24.20
N THR B 660 30.68 -12.78 -24.48
CA THR B 660 31.31 -12.33 -25.72
C THR B 660 30.71 -13.06 -26.92
N VAL B 661 30.41 -12.34 -27.98
CA VAL B 661 29.81 -12.95 -29.16
C VAL B 661 30.58 -12.65 -30.45
N THR B 662 30.39 -13.52 -31.43
CA THR B 662 31.03 -13.39 -32.72
C THR B 662 29.92 -13.27 -33.75
N ALA B 663 30.02 -12.30 -34.66
CA ALA B 663 29.03 -12.12 -35.72
C ALA B 663 29.65 -12.06 -37.11
N ASP B 664 28.84 -12.39 -38.11
CA ASP B 664 29.24 -12.20 -39.49
C ASP B 664 29.50 -10.73 -39.65
N ARG B 665 30.67 -10.40 -40.16
CA ARG B 665 31.04 -9.02 -40.30
C ARG B 665 30.30 -8.41 -41.50
N PRO B 666 29.61 -7.26 -41.31
CA PRO B 666 29.04 -6.68 -42.53
C PRO B 666 30.14 -6.12 -43.42
N ALA B 667 29.79 -5.96 -44.69
CA ALA B 667 30.70 -5.36 -45.65
C ALA B 667 30.73 -3.90 -45.34
N GLY B 668 31.74 -3.20 -45.81
CA GLY B 668 31.74 -1.76 -45.63
C GLY B 668 32.90 -1.29 -44.80
N ASP B 669 32.88 -0.03 -44.40
CA ASP B 669 33.93 0.54 -43.55
C ASP B 669 33.47 0.62 -42.11
N MET B 670 34.32 0.19 -41.20
CA MET B 670 34.06 0.28 -39.77
C MET B 670 34.22 1.73 -39.30
N LEU B 671 33.15 2.28 -38.72
CA LEU B 671 33.06 3.69 -38.36
C LEU B 671 33.18 3.92 -36.88
N ILE B 672 32.83 2.91 -36.09
CA ILE B 672 32.61 3.09 -34.67
C ILE B 672 32.90 1.78 -33.97
N CYS B 673 33.60 1.81 -32.85
CA CYS B 673 33.60 0.65 -31.99
C CYS B 673 33.78 0.92 -30.48
N SER B 674 32.90 0.29 -29.71
CA SER B 674 32.89 0.32 -28.24
C SER B 674 32.73 -1.10 -27.71
N LEU B 675 33.63 -1.52 -26.82
CA LEU B 675 33.62 -2.88 -26.30
C LEU B 675 33.52 -3.93 -27.42
N ALA B 676 34.20 -3.66 -28.52
CA ALA B 676 34.14 -4.55 -29.66
C ALA B 676 35.34 -4.46 -30.56
N THR B 677 35.58 -5.57 -31.24
CA THR B 677 36.73 -5.80 -32.05
C THR B 677 36.31 -6.15 -33.47
N ASP B 678 36.66 -5.31 -34.43
CA ASP B 678 36.55 -5.70 -35.82
C ASP B 678 37.64 -6.70 -36.26
N SER B 679 37.28 -7.64 -37.14
CA SER B 679 38.30 -8.41 -37.87
C SER B 679 37.88 -8.49 -39.33
N THR B 680 38.66 -9.21 -40.11
CA THR B 680 38.41 -9.18 -41.55
C THR B 680 37.39 -10.27 -41.87
N ASP B 681 37.44 -11.34 -41.10
CA ASP B 681 36.51 -12.44 -41.27
C ASP B 681 35.24 -12.07 -40.55
N LYS B 682 35.34 -12.07 -39.23
CA LYS B 682 34.18 -12.02 -38.39
C LYS B 682 34.37 -10.94 -37.35
N VAL B 683 33.28 -10.57 -36.71
CA VAL B 683 33.25 -9.43 -35.84
C VAL B 683 33.07 -9.96 -34.41
N THR B 684 33.65 -9.27 -33.43
CA THR B 684 33.59 -9.73 -32.03
C THR B 684 33.08 -8.68 -31.08
N LEU B 685 32.01 -8.96 -30.36
CA LEU B 685 31.50 -7.98 -29.41
C LEU B 685 31.51 -8.51 -28.01
N GLU B 686 31.90 -7.64 -27.08
CA GLU B 686 31.80 -7.89 -25.65
C GLU B 686 30.41 -7.40 -25.25
N PRO B 687 29.99 -7.78 -24.04
CA PRO B 687 28.76 -7.28 -23.46
C PRO B 687 28.71 -5.77 -23.43
N ASN B 688 27.58 -5.22 -23.84
CA ASN B 688 27.40 -3.77 -23.92
C ASN B 688 28.18 -3.10 -25.08
N GLY B 689 28.75 -3.93 -25.94
CA GLY B 689 29.51 -3.45 -27.08
C GLY B 689 28.70 -3.22 -28.34
N VAL B 690 29.13 -2.21 -29.11
CA VAL B 690 28.48 -1.80 -30.35
C VAL B 690 29.49 -1.58 -31.49
N LEU B 691 29.04 -1.85 -32.72
CA LEU B 691 29.84 -1.64 -33.92
C LEU B 691 28.98 -0.98 -34.94
N ALA B 692 29.54 -0.13 -35.82
CA ALA B 692 28.80 0.41 -37.01
C ALA B 692 29.64 0.48 -38.28
N PHE B 693 29.03 0.09 -39.40
CA PHE B 693 29.68 -0.03 -40.71
C PHE B 693 28.97 0.76 -41.84
N ARG B 694 29.70 1.32 -42.79
CA ARG B 694 28.98 1.90 -43.95
C ARG B 694 29.20 1.09 -45.15
N ARG B 695 28.09 0.72 -45.76
CA ARG B 695 28.08 -0.14 -46.96
C ARG B 695 27.34 0.69 -48.02
N ALA C 9 22.43 21.37 33.56
CA ALA C 9 22.07 21.69 34.94
C ALA C 9 21.34 20.51 35.58
N HIS C 10 22.08 19.48 35.96
CA HIS C 10 21.51 18.21 36.44
C HIS C 10 20.83 18.21 37.82
N ARG C 11 19.51 18.06 37.83
CA ARG C 11 18.72 17.88 39.03
C ARG C 11 17.92 16.57 39.04
N TRP C 12 18.40 15.58 39.78
CA TRP C 12 17.63 14.34 39.97
C TRP C 12 16.49 14.48 41.04
N PRO C 13 15.37 13.78 40.87
CA PRO C 13 14.31 13.89 41.89
C PRO C 13 14.72 13.25 43.20
N GLN C 14 14.34 13.86 44.29
CA GLN C 14 14.81 13.43 45.60
C GLN C 14 13.71 12.77 46.39
N PRO C 15 14.11 11.98 47.41
CA PRO C 15 13.16 11.23 48.24
C PRO C 15 12.12 12.13 48.89
N LEU C 16 11.04 11.54 49.39
CA LEU C 16 10.11 12.35 50.18
C LEU C 16 10.67 12.57 51.57
N PRO C 17 10.27 13.67 52.21
CA PRO C 17 10.57 13.92 53.60
C PRO C 17 10.79 12.63 54.34
N GLY C 18 12.04 12.38 54.72
CA GLY C 18 12.37 11.33 55.64
C GLY C 18 13.09 10.17 55.01
N ASN C 19 12.83 9.92 53.72
CA ASN C 19 13.37 8.70 53.15
C ASN C 19 14.81 8.78 52.65
N ASP C 20 15.36 7.61 52.42
CA ASP C 20 16.67 7.50 51.87
C ASP C 20 16.58 7.55 50.33
N ARG C 21 17.72 7.41 49.67
CA ARG C 21 17.78 7.50 48.25
C ARG C 21 17.71 6.09 47.73
N LYS C 22 16.78 5.86 46.82
CA LYS C 22 16.65 4.56 46.20
C LYS C 22 16.56 4.73 44.71
N ILE C 23 16.95 3.69 43.98
CA ILE C 23 16.59 3.62 42.58
C ILE C 23 15.08 3.86 42.53
N TRP C 24 14.64 4.86 41.78
CA TRP C 24 13.20 5.02 41.63
C TRP C 24 12.63 3.86 40.83
N PHE C 25 11.44 3.39 41.22
CA PHE C 25 10.78 2.27 40.57
C PHE C 25 9.25 2.47 40.63
N GLY C 26 8.64 2.68 39.47
CA GLY C 26 7.20 2.94 39.42
C GLY C 26 6.53 2.79 38.06
N ALA C 27 5.51 3.61 37.83
CA ALA C 27 4.70 3.47 36.65
C ALA C 27 3.80 4.69 36.42
N ASP C 28 3.33 4.88 35.19
CA ASP C 28 2.24 5.84 34.99
C ASP C 28 1.10 5.25 35.81
N TYR C 29 0.27 6.10 36.36
CA TYR C 29 -0.77 5.66 37.23
C TYR C 29 -1.98 6.47 36.94
N ASN C 30 -3.11 5.81 36.65
CA ASN C 30 -4.28 6.55 36.17
C ASN C 30 -5.55 6.11 36.86
N PRO C 31 -5.66 6.46 38.14
CA PRO C 31 -6.81 6.20 38.99
C PRO C 31 -8.07 6.85 38.50
N ASP C 32 -7.94 7.92 37.71
CA ASP C 32 -9.12 8.56 37.19
C ASP C 32 -9.83 7.67 36.18
N GLN C 33 -9.33 6.47 35.95
CA GLN C 33 -10.09 5.55 35.12
C GLN C 33 -10.73 4.45 35.91
N TRP C 34 -10.70 4.56 37.23
CA TRP C 34 -11.29 3.51 38.03
C TRP C 34 -12.09 4.16 39.15
N PRO C 35 -12.96 3.40 39.81
CA PRO C 35 -13.61 3.93 41.03
C PRO C 35 -12.59 4.15 42.14
N GLU C 36 -12.75 5.21 42.92
CA GLU C 36 -11.76 5.53 43.97
C GLU C 36 -11.59 4.35 44.94
N ASP C 37 -12.62 3.50 45.08
CA ASP C 37 -12.53 2.39 46.02
C ASP C 37 -11.43 1.36 45.64
N VAL C 38 -10.83 1.53 44.46
CA VAL C 38 -9.75 0.66 44.00
C VAL C 38 -8.39 1.13 44.50
N GLN C 39 -8.28 2.41 44.85
CA GLN C 39 -6.98 3.01 45.17
C GLN C 39 -6.23 2.38 46.37
N ASP C 40 -6.91 1.92 47.42
CA ASP C 40 -6.18 1.30 48.54
C ASP C 40 -5.50 0.00 48.16
N GLU C 41 -6.15 -0.77 47.30
CA GLU C 41 -5.56 -1.98 46.73
C GLU C 41 -4.43 -1.67 45.76
N ASP C 42 -4.56 -0.61 44.97
CA ASP C 42 -3.44 -0.19 44.14
C ASP C 42 -2.20 0.03 45.02
N ILE C 43 -2.36 0.91 46.02
CA ILE C 43 -1.27 1.32 46.90
C ILE C 43 -0.75 0.13 47.66
N ARG C 44 -1.66 -0.74 48.09
CA ARG C 44 -1.18 -1.92 48.81
C ARG C 44 -0.26 -2.74 47.93
N LEU C 45 -0.73 -3.00 46.72
CA LEU C 45 -0.04 -3.85 45.80
C LEU C 45 1.24 -3.19 45.31
N MET C 46 1.22 -1.87 45.21
CA MET C 46 2.45 -1.12 44.94
C MET C 46 3.49 -1.38 46.01
N LYS C 47 3.11 -1.24 47.28
CA LYS C 47 4.05 -1.49 48.38
C LYS C 47 4.60 -2.93 48.33
N GLN C 48 3.75 -3.91 48.06
CA GLN C 48 4.30 -5.26 48.03
C GLN C 48 5.34 -5.35 46.90
N ALA C 49 5.13 -4.59 45.83
CA ALA C 49 5.97 -4.69 44.65
C ALA C 49 7.29 -3.92 44.78
N GLY C 50 7.36 -2.97 45.70
CA GLY C 50 8.58 -2.20 45.93
C GLY C 50 8.54 -0.87 45.19
N VAL C 51 7.34 -0.46 44.78
CA VAL C 51 7.09 0.69 43.94
C VAL C 51 7.16 1.91 44.84
N ASN C 52 7.86 2.96 44.41
CA ASN C 52 8.08 4.11 45.27
C ASN C 52 7.83 5.45 44.60
N ILE C 53 7.44 5.41 43.34
CA ILE C 53 7.01 6.62 42.63
C ILE C 53 5.92 6.24 41.62
N VAL C 54 5.02 7.18 41.35
CA VAL C 54 4.09 7.03 40.24
C VAL C 54 4.03 8.36 39.52
N SER C 55 3.64 8.35 38.25
CA SER C 55 3.47 9.60 37.52
C SER C 55 1.98 9.71 37.26
N LEU C 56 1.31 10.77 37.71
CA LEU C 56 -0.11 10.82 37.47
C LEU C 56 -0.63 12.07 36.79
N ALA C 57 -1.83 11.92 36.26
CA ALA C 57 -2.53 13.01 35.66
C ALA C 57 -1.97 13.34 34.29
N ILE C 58 -1.10 12.50 33.72
CA ILE C 58 -0.50 12.83 32.43
C ILE C 58 -1.52 13.25 31.32
N PHE C 59 -2.66 12.56 31.25
CA PHE C 59 -3.74 12.93 30.31
C PHE C 59 -5.05 13.26 31.04
N SER C 60 -4.92 13.94 32.17
CA SER C 60 -6.08 14.15 33.03
C SER C 60 -6.72 15.55 32.87
N TRP C 61 -6.29 16.28 31.85
CA TRP C 61 -6.83 17.61 31.55
C TRP C 61 -8.36 17.69 31.65
N ALA C 62 -9.10 16.86 30.94
CA ALA C 62 -10.57 16.97 30.95
C ALA C 62 -11.17 16.61 32.30
N ASN C 63 -10.39 16.03 33.19
CA ASN C 63 -10.83 15.74 34.55
C ASN C 63 -10.32 16.72 35.62
N ILE C 64 -9.64 17.77 35.18
CA ILE C 64 -9.15 18.80 36.08
C ILE C 64 -9.80 20.11 35.64
N GLU C 65 -9.41 20.64 34.48
CA GLU C 65 -10.21 21.73 33.89
C GLU C 65 -11.44 21.15 33.21
N THR C 66 -12.45 20.79 34.00
CA THR C 66 -13.60 20.04 33.51
C THR C 66 -14.41 20.82 32.50
N SER C 67 -14.34 22.13 32.56
CA SER C 67 -14.99 22.95 31.58
C SER C 67 -14.16 24.22 31.49
N ASP C 68 -14.42 25.06 30.50
CA ASP C 68 -13.53 26.18 30.26
C ASP C 68 -13.38 26.99 31.54
N GLY C 69 -12.15 27.04 32.02
CA GLY C 69 -11.82 27.89 33.15
C GLY C 69 -12.21 27.35 34.52
N ASN C 70 -12.75 26.15 34.56
CA ASN C 70 -13.16 25.55 35.81
C ASN C 70 -12.19 24.48 36.21
N PHE C 71 -11.43 24.72 37.26
CA PHE C 71 -10.41 23.75 37.69
C PHE C 71 -10.88 23.03 38.95
N GLU C 72 -10.72 21.70 38.97
CA GLU C 72 -11.24 20.81 40.03
C GLU C 72 -10.14 19.88 40.49
N PHE C 73 -9.79 19.85 41.77
CA PHE C 73 -8.66 19.03 42.20
C PHE C 73 -8.93 17.97 43.26
N ASP C 74 -10.16 17.80 43.68
CA ASP C 74 -10.39 16.93 44.83
C ASP C 74 -9.91 15.49 44.61
N TRP C 75 -10.26 14.83 43.51
CA TRP C 75 -9.85 13.44 43.33
C TRP C 75 -8.35 13.28 43.28
N LEU C 76 -7.67 14.28 42.73
CA LEU C 76 -6.24 14.21 42.56
C LEU C 76 -5.62 14.45 43.95
N ASP C 77 -6.19 15.36 44.72
CA ASP C 77 -5.73 15.56 46.10
C ASP C 77 -5.89 14.29 46.94
N ARG C 78 -7.01 13.62 46.82
CA ARG C 78 -7.26 12.44 47.64
C ARG C 78 -6.24 11.38 47.38
N VAL C 79 -6.02 11.08 46.13
CA VAL C 79 -5.17 9.97 45.80
C VAL C 79 -3.70 10.31 46.11
N ILE C 80 -3.28 11.54 45.82
CA ILE C 80 -1.91 11.98 46.14
C ILE C 80 -1.66 11.87 47.66
N ASP C 81 -2.69 12.19 48.46
CA ASP C 81 -2.65 11.96 49.92
C ASP C 81 -2.51 10.49 50.33
N LYS C 82 -3.26 9.60 49.69
CA LYS C 82 -3.09 8.18 49.99
C LYS C 82 -1.70 7.72 49.61
N LEU C 83 -1.21 8.18 48.46
CA LEU C 83 0.13 7.81 47.99
C LEU C 83 1.18 8.34 48.95
N TYR C 84 0.98 9.61 49.38
CA TYR C 84 1.95 10.29 50.25
C TYR C 84 2.03 9.54 51.55
N LYS C 85 0.88 9.26 52.14
CA LYS C 85 0.82 8.45 53.34
C LYS C 85 1.44 7.09 53.20
N ALA C 86 1.44 6.52 52.02
CA ALA C 86 1.96 5.16 51.84
C ALA C 86 3.45 5.17 51.56
N GLY C 87 4.02 6.37 51.42
CA GLY C 87 5.44 6.54 51.16
C GLY C 87 5.83 6.57 49.69
N ILE C 88 4.88 6.87 48.82
CA ILE C 88 5.12 6.77 47.39
C ILE C 88 5.21 8.18 46.82
N ALA C 89 6.30 8.50 46.18
CA ALA C 89 6.46 9.85 45.68
C ALA C 89 5.58 10.10 44.41
N VAL C 90 5.30 11.36 44.11
CA VAL C 90 4.54 11.65 42.93
C VAL C 90 5.35 12.44 41.92
N ASP C 91 5.53 11.87 40.74
CA ASP C 91 6.01 12.59 39.57
C ASP C 91 4.75 13.09 38.85
N LEU C 92 4.43 14.37 39.08
CA LEU C 92 3.16 14.95 38.65
C LEU C 92 3.27 15.61 37.27
N ALA C 93 2.34 15.28 36.38
CA ALA C 93 2.31 15.87 35.06
C ALA C 93 1.70 17.24 35.08
N SER C 94 1.95 17.99 34.02
CA SER C 94 1.25 19.24 33.81
C SER C 94 -0.17 18.93 33.41
N ALA C 95 -0.37 17.70 32.93
CA ALA C 95 -1.64 17.23 32.38
C ALA C 95 -2.03 17.98 31.11
N THR C 96 -1.06 18.47 30.37
CA THR C 96 -1.38 19.28 29.20
C THR C 96 -1.11 18.49 27.94
N ALA C 97 -0.98 17.18 28.10
CA ALA C 97 -0.60 16.35 26.99
C ALA C 97 -1.66 16.39 25.86
N SER C 98 -2.93 16.40 26.23
CA SER C 98 -3.99 16.29 25.26
C SER C 98 -5.24 16.99 25.80
N PRO C 99 -5.86 17.89 25.00
CA PRO C 99 -6.98 18.72 25.46
C PRO C 99 -8.35 18.01 25.50
N PRO C 100 -9.26 18.56 26.29
CA PRO C 100 -10.63 18.05 26.45
C PRO C 100 -11.47 18.31 25.22
N MET C 101 -12.60 17.64 25.17
CA MET C 101 -13.55 17.83 24.08
C MET C 101 -14.16 19.23 24.10
N TRP C 102 -14.38 19.78 25.27
CA TRP C 102 -15.01 21.10 25.31
C TRP C 102 -14.04 22.14 24.68
N LEU C 103 -12.74 21.90 24.73
CA LEU C 103 -11.81 22.87 24.23
C LEU C 103 -11.72 22.81 22.72
N THR C 104 -11.55 21.60 22.18
CA THR C 104 -11.46 21.42 20.73
C THR C 104 -12.74 21.75 19.99
N SER C 105 -13.87 21.55 20.66
CA SER C 105 -15.18 21.89 20.12
C SER C 105 -15.39 23.39 20.05
N ALA C 106 -15.03 24.06 21.14
CA ALA C 106 -15.11 25.50 21.16
C ALA C 106 -14.07 26.08 20.22
N HIS C 107 -12.90 25.45 20.16
CA HIS C 107 -11.84 25.96 19.33
C HIS C 107 -11.23 24.90 18.43
N PRO C 108 -11.96 24.56 17.36
CA PRO C 108 -11.44 23.60 16.39
C PRO C 108 -10.21 24.11 15.62
N GLU C 109 -9.85 25.38 15.79
CA GLU C 109 -8.63 25.94 15.15
C GLU C 109 -7.35 25.48 15.81
N VAL C 110 -7.45 24.74 16.91
CA VAL C 110 -6.25 24.21 17.51
C VAL C 110 -5.85 22.91 16.82
N LEU C 111 -6.74 22.41 15.95
CA LEU C 111 -6.55 21.07 15.40
C LEU C 111 -5.48 21.01 14.31
N ARG C 112 -4.62 20.01 14.38
CA ARG C 112 -3.53 19.83 13.42
C ARG C 112 -4.01 19.61 11.94
N ARG C 113 -3.15 19.87 10.98
CA ARG C 113 -3.46 19.53 9.61
C ARG C 113 -2.31 18.75 8.95
N ASP C 114 -2.61 17.62 8.31
CA ASP C 114 -1.55 16.79 7.71
C ASP C 114 -1.07 17.38 6.38
N GLU C 115 -0.15 16.74 5.69
CA GLU C 115 0.43 17.45 4.56
C GLU C 115 -0.59 17.74 3.47
N GLN C 116 -1.69 17.00 3.49
CA GLN C 116 -2.75 17.17 2.51
C GLN C 116 -3.91 18.00 3.00
N GLY C 117 -3.74 18.64 4.16
CA GLY C 117 -4.73 19.59 4.64
C GLY C 117 -5.89 18.95 5.38
N HIS C 118 -5.77 17.65 5.61
CA HIS C 118 -6.71 16.91 6.43
C HIS C 118 -6.77 17.41 7.86
N VAL C 119 -7.98 17.62 8.35
CA VAL C 119 -8.14 17.89 9.76
C VAL C 119 -7.79 16.62 10.51
N ILE C 120 -7.03 16.79 11.59
CA ILE C 120 -6.80 15.72 12.56
C ILE C 120 -7.75 15.94 13.71
N TRP C 121 -8.72 15.05 13.80
CA TRP C 121 -9.83 15.19 14.72
C TRP C 121 -9.54 14.67 16.10
N PRO C 122 -10.40 15.01 17.06
CA PRO C 122 -10.18 14.30 18.33
C PRO C 122 -10.67 12.85 18.24
N GLY C 123 -10.25 12.03 19.20
CA GLY C 123 -10.67 10.64 19.27
C GLY C 123 -9.52 9.72 19.58
N ALA C 124 -8.33 10.25 19.46
CA ALA C 124 -7.13 9.55 19.87
C ALA C 124 -6.50 10.55 20.85
N ARG C 125 -5.24 10.97 20.63
CA ARG C 125 -4.62 12.01 21.46
C ARG C 125 -3.61 12.87 20.74
N GLN C 126 -3.35 14.04 21.32
CA GLN C 126 -2.32 14.94 20.78
C GLN C 126 -2.65 15.47 19.35
N HIS C 127 -3.92 15.77 19.13
CA HIS C 127 -4.37 16.21 17.83
C HIS C 127 -4.14 17.71 17.64
N TRP C 128 -3.23 18.32 18.42
CA TRP C 128 -3.07 19.79 18.42
C TRP C 128 -1.93 20.34 17.60
N ARG C 129 -2.13 21.52 17.05
CA ARG C 129 -1.06 22.24 16.37
C ARG C 129 0.01 22.72 17.37
N PRO C 130 1.27 22.30 17.21
CA PRO C 130 2.34 22.79 18.11
C PRO C 130 2.39 24.31 18.28
N THR C 131 2.20 25.03 17.19
CA THR C 131 2.29 26.47 17.22
C THR C 131 0.93 27.16 17.26
N SER C 132 -0.11 26.50 17.75
CA SER C 132 -1.40 27.18 17.92
C SER C 132 -1.31 28.15 19.09
N PRO C 133 -1.45 29.42 18.78
CA PRO C 133 -1.50 30.41 19.87
C PRO C 133 -2.66 30.13 20.82
N THR C 134 -3.81 29.78 20.28
CA THR C 134 -4.97 29.48 21.13
C THR C 134 -4.67 28.34 22.13
N PHE C 135 -4.15 27.22 21.63
CA PHE C 135 -3.89 26.08 22.48
C PHE C 135 -2.82 26.43 23.49
N ARG C 136 -1.86 27.23 23.07
CA ARG C 136 -0.77 27.53 23.97
C ARG C 136 -1.34 28.28 25.14
N THR C 137 -2.27 29.16 24.86
CA THR C 137 -2.87 29.95 25.91
C THR C 137 -3.47 29.06 26.96
N TYR C 138 -4.34 28.15 26.52
CA TYR C 138 -5.00 27.23 27.44
C TYR C 138 -4.02 26.36 28.23
N ALA C 139 -2.98 25.87 27.57
CA ALA C 139 -2.08 24.93 28.20
C ALA C 139 -1.29 25.61 29.30
N LEU C 140 -0.81 26.81 29.02
CA LEU C 140 0.03 27.53 29.96
C LEU C 140 -0.78 27.99 31.18
N ARG C 141 -2.06 28.26 30.96
CA ARG C 141 -2.97 28.50 32.05
C ARG C 141 -3.09 27.28 32.94
N LEU C 142 -3.30 26.12 32.35
CA LEU C 142 -3.45 24.93 33.15
C LEU C 142 -2.15 24.64 33.87
N CYS C 143 -1.04 24.86 33.19
CA CYS C 143 0.23 24.56 33.80
C CYS C 143 0.27 25.32 35.10
N ARG C 144 -0.09 26.61 35.04
CA ARG C 144 0.03 27.50 36.19
C ARG C 144 -0.83 27.03 37.35
N GLU C 145 -2.08 26.76 37.04
CA GLU C 145 -3.07 26.24 37.98
C GLU C 145 -2.61 25.02 38.78
N MET C 146 -1.95 24.09 38.09
CA MET C 146 -1.43 22.88 38.70
C MET C 146 -0.29 23.28 39.64
N ALA C 147 0.62 24.08 39.11
CA ALA C 147 1.79 24.52 39.84
C ALA C 147 1.38 25.25 41.08
N GLU C 148 0.42 26.16 40.93
CA GLU C 148 -0.10 26.91 42.06
C GLU C 148 -0.59 25.90 43.09
N HIS C 149 -1.50 25.04 42.69
CA HIS C 149 -2.18 24.17 43.62
C HIS C 149 -1.29 23.15 44.38
N TYR C 150 -0.11 22.82 43.86
CA TYR C 150 0.72 21.83 44.52
C TYR C 150 2.06 22.42 44.94
N LYS C 151 2.18 23.75 44.82
CA LYS C 151 3.30 24.54 45.38
C LYS C 151 3.70 24.01 46.74
N ASP C 152 4.98 23.71 46.91
CA ASP C 152 5.46 23.24 48.21
C ASP C 152 4.65 22.09 48.82
N ASN C 153 3.93 21.29 48.03
CA ASN C 153 3.38 20.03 48.55
C ASN C 153 4.51 19.02 48.53
N PRO C 154 4.77 18.34 49.65
CA PRO C 154 6.04 17.62 49.67
C PRO C 154 5.94 16.25 49.00
N ALA C 155 4.73 15.86 48.59
CA ALA C 155 4.49 14.61 47.89
C ALA C 155 5.10 14.63 46.50
N ILE C 156 5.02 15.79 45.88
CA ILE C 156 5.46 16.01 44.52
C ILE C 156 7.00 16.14 44.39
N VAL C 157 7.67 15.11 43.87
CA VAL C 157 9.11 15.17 43.78
C VAL C 157 9.64 15.60 42.42
N SER C 158 8.74 15.80 41.43
CA SER C 158 9.15 16.18 40.07
C SER C 158 7.98 16.51 39.14
N TRP C 159 8.26 17.17 38.01
CA TRP C 159 7.24 17.48 36.98
C TRP C 159 7.45 16.71 35.67
N HIS C 160 6.36 16.15 35.12
CA HIS C 160 6.35 15.34 33.90
C HIS C 160 5.65 16.26 32.95
N VAL C 161 6.42 17.10 32.23
CA VAL C 161 5.81 18.17 31.43
C VAL C 161 5.25 17.59 30.12
N GLY C 162 3.93 17.69 29.96
CA GLY C 162 3.22 17.16 28.80
C GLY C 162 3.37 15.65 28.67
N ASN C 163 3.50 15.18 27.43
CA ASN C 163 3.84 13.79 27.18
C ASN C 163 4.30 13.50 25.75
N GLU C 164 5.45 12.84 25.63
CA GLU C 164 6.05 12.51 24.34
C GLU C 164 5.69 13.52 23.25
N TYR C 165 6.19 14.74 23.37
CA TYR C 165 5.88 15.77 22.39
C TYR C 165 6.25 15.27 20.98
N GLY C 166 5.30 15.43 20.04
CA GLY C 166 5.56 15.14 18.65
C GLY C 166 5.46 13.69 18.25
N CYS C 167 5.04 12.83 19.17
CA CYS C 167 4.83 11.45 18.83
C CYS C 167 3.83 11.36 17.68
N HIS C 168 2.79 12.19 17.75
CA HIS C 168 1.80 12.23 16.71
C HIS C 168 1.81 13.53 15.92
N ASN C 169 2.12 14.63 16.59
CA ASN C 169 1.88 15.96 16.00
C ASN C 169 3.15 16.69 15.54
N TYR C 170 4.23 15.93 15.31
CA TYR C 170 5.44 16.49 14.77
C TYR C 170 5.19 17.33 13.49
N PHE C 171 4.48 16.74 12.53
CA PHE C 171 4.17 17.40 11.24
C PHE C 171 2.79 18.08 11.19
N ASP C 172 2.80 19.40 11.41
CA ASP C 172 1.63 20.25 11.22
C ASP C 172 1.78 21.15 9.97
N TYR C 173 0.69 21.42 9.26
CA TYR C 173 0.78 22.22 8.04
C TYR C 173 -0.29 23.28 8.05
N SER C 174 -0.87 23.51 9.22
CA SER C 174 -1.89 24.52 9.35
C SER C 174 -1.29 25.90 9.11
N ASP C 175 -2.16 26.89 9.13
CA ASP C 175 -1.74 28.27 8.97
C ASP C 175 -0.78 28.73 10.08
N ASP C 176 -0.93 28.16 11.27
CA ASP C 176 -0.04 28.45 12.36
C ASP C 176 1.34 27.88 11.99
N ALA C 177 1.34 26.72 11.34
CA ALA C 177 2.63 26.16 10.98
C ALA C 177 3.25 27.02 9.90
N VAL C 178 2.39 27.49 8.97
CA VAL C 178 2.86 28.29 7.83
C VAL C 178 3.59 29.52 8.33
N GLN C 179 2.94 30.21 9.26
CA GLN C 179 3.45 31.43 9.85
C GLN C 179 4.72 31.25 10.69
N ALA C 180 4.70 30.25 11.56
CA ALA C 180 5.84 30.03 12.43
C ALA C 180 7.06 29.60 11.63
N PHE C 181 6.84 28.80 10.59
CA PHE C 181 7.96 28.31 9.79
C PHE C 181 8.68 29.47 9.04
N ARG C 182 7.89 30.44 8.58
CA ARG C 182 8.41 31.67 7.99
C ARG C 182 9.34 32.34 8.94
N GLU C 183 8.80 32.63 10.12
CA GLU C 183 9.56 33.33 11.14
C GLU C 183 10.81 32.55 11.53
N TRP C 184 10.70 31.23 11.55
CA TRP C 184 11.82 30.38 11.88
C TRP C 184 12.92 30.52 10.83
N CYS C 185 12.52 30.65 9.57
CA CYS C 185 13.46 30.81 8.44
C CYS C 185 14.05 32.23 8.46
N ARG C 186 13.17 33.22 8.66
CA ARG C 186 13.62 34.59 8.83
C ARG C 186 14.74 34.62 9.86
N ASP C 187 14.51 33.99 10.99
CA ASP C 187 15.53 33.97 12.04
C ASP C 187 16.78 33.11 11.72
N ARG C 188 16.62 31.97 11.07
CA ARG C 188 17.78 31.13 10.86
C ARG C 188 18.70 31.68 9.73
N TYR C 189 18.12 32.43 8.80
CA TYR C 189 18.82 32.83 7.59
C TYR C 189 19.06 34.35 7.37
N GLY C 190 18.20 35.17 7.97
CA GLY C 190 18.32 36.61 7.91
C GLY C 190 17.69 37.32 6.73
N THR C 191 18.12 36.94 5.53
CA THR C 191 17.71 37.60 4.29
C THR C 191 17.25 36.50 3.35
N ILE C 192 16.30 36.81 2.50
CA ILE C 192 15.69 35.78 1.69
C ILE C 192 16.71 35.09 0.80
N ASP C 193 17.79 35.78 0.43
CA ASP C 193 18.79 35.18 -0.46
C ASP C 193 19.55 34.09 0.21
N LYS C 194 19.79 34.20 1.52
CA LYS C 194 20.56 33.17 2.24
C LYS C 194 19.72 31.89 2.20
N VAL C 195 18.40 32.06 2.31
CA VAL C 195 17.44 30.98 2.12
C VAL C 195 17.54 30.38 0.73
N ASN C 196 17.30 31.22 -0.29
CA ASN C 196 17.44 30.81 -1.69
C ASN C 196 18.75 30.07 -1.90
N ALA C 197 19.80 30.50 -1.23
CA ALA C 197 21.10 29.87 -1.42
C ALA C 197 21.24 28.54 -0.66
N ALA C 198 20.53 28.41 0.46
CA ALA C 198 20.60 27.16 1.23
C ALA C 198 19.77 26.06 0.56
N TRP C 199 18.66 26.48 -0.05
CA TRP C 199 17.71 25.55 -0.62
C TRP C 199 17.92 25.25 -2.11
N GLY C 200 18.80 25.99 -2.79
CA GLY C 200 18.98 25.79 -4.22
C GLY C 200 17.70 26.04 -5.02
N THR C 201 17.07 27.16 -4.72
CA THR C 201 15.76 27.44 -5.28
C THR C 201 15.78 28.01 -6.71
N ASN C 202 16.95 28.06 -7.36
CA ASN C 202 17.02 28.45 -8.77
C ASN C 202 16.66 27.28 -9.68
N PHE C 203 16.83 26.08 -9.13
CA PHE C 203 16.34 24.86 -9.74
C PHE C 203 14.79 24.85 -9.67
N TRP C 204 14.16 24.62 -10.81
CA TRP C 204 12.69 24.50 -10.93
C TRP C 204 11.84 25.73 -10.52
N SER C 205 12.38 26.91 -10.78
CA SER C 205 11.71 28.20 -10.53
C SER C 205 11.16 28.41 -9.12
N GLN C 206 11.99 28.03 -8.16
CA GLN C 206 11.58 28.09 -6.80
C GLN C 206 12.13 29.34 -6.13
N ARG C 207 12.93 30.10 -6.85
CA ARG C 207 13.62 31.23 -6.23
C ARG C 207 12.59 32.20 -5.68
N LEU C 208 12.83 32.61 -4.43
CA LEU C 208 11.97 33.46 -3.61
C LEU C 208 12.30 34.98 -3.65
N ASN C 209 11.28 35.78 -3.85
CA ASN C 209 11.42 37.24 -3.75
C ASN C 209 11.35 37.73 -2.30
N SER C 210 10.75 36.92 -1.43
CA SER C 210 10.52 37.32 -0.06
C SER C 210 10.13 36.17 0.91
N PHE C 211 10.24 36.43 2.20
CA PHE C 211 9.91 35.47 3.23
C PHE C 211 8.42 35.15 3.21
N GLU C 212 7.59 36.08 2.74
CA GLU C 212 6.15 35.86 2.74
C GLU C 212 5.73 34.81 1.70
N GLU C 213 6.67 34.41 0.87
CA GLU C 213 6.47 33.42 -0.18
C GLU C 213 6.84 32.00 0.25
N ILE C 214 7.60 31.90 1.34
CA ILE C 214 8.00 30.62 1.89
C ILE C 214 6.79 29.84 2.38
N LEU C 215 6.68 28.57 1.97
CA LEU C 215 5.56 27.72 2.42
C LEU C 215 6.10 26.45 3.08
N PRO C 216 5.34 25.84 4.03
CA PRO C 216 5.82 24.55 4.52
C PRO C 216 5.64 23.53 3.40
N PRO C 217 6.39 22.41 3.43
CA PRO C 217 6.27 21.43 2.33
C PRO C 217 4.98 20.56 2.36
N ARG C 218 3.85 21.23 2.20
CA ARG C 218 2.61 20.57 1.88
C ARG C 218 2.70 19.69 0.62
N TYR C 219 1.65 18.90 0.40
CA TYR C 219 1.55 17.95 -0.71
C TYR C 219 1.87 18.58 -2.06
N VAL C 220 2.79 17.95 -2.78
CA VAL C 220 3.17 18.35 -4.12
C VAL C 220 2.83 17.23 -5.11
N GLY C 221 1.87 16.37 -4.76
CA GLY C 221 1.32 15.39 -5.70
C GLY C 221 1.71 13.91 -5.68
N GLY C 222 2.30 13.41 -4.61
CA GLY C 222 2.53 11.99 -4.46
C GLY C 222 3.65 11.44 -5.30
N GLU C 223 3.63 10.13 -5.53
CA GLU C 223 4.70 9.46 -6.26
C GLU C 223 5.03 10.18 -7.56
N GLY C 224 6.32 10.22 -7.90
CA GLY C 224 6.78 10.85 -9.14
C GLY C 224 7.04 12.34 -9.02
N ASN C 225 6.75 12.89 -7.85
CA ASN C 225 6.96 14.28 -7.53
C ASN C 225 8.10 14.38 -6.44
N PHE C 226 8.88 15.45 -6.47
CA PHE C 226 10.00 15.61 -5.55
C PHE C 226 10.15 17.01 -5.01
N THR C 227 9.73 17.14 -3.75
CA THR C 227 9.80 18.38 -3.00
C THR C 227 11.30 18.83 -2.83
N ASN C 228 11.49 20.12 -2.56
CA ASN C 228 12.82 20.64 -2.36
C ASN C 228 13.51 19.94 -1.17
N PRO C 229 14.67 19.32 -1.40
CA PRO C 229 15.30 18.55 -0.31
C PRO C 229 15.81 19.41 0.86
N GLY C 230 16.28 20.60 0.59
CA GLY C 230 16.73 21.46 1.66
C GLY C 230 15.55 22.04 2.41
N ARG C 231 14.47 22.34 1.71
CA ARG C 231 13.36 22.93 2.44
C ARG C 231 12.80 21.86 3.36
N LEU C 232 12.86 20.60 2.93
CA LEU C 232 12.28 19.53 3.73
C LEU C 232 13.15 19.28 4.97
N LEU C 233 14.46 19.24 4.77
CA LEU C 233 15.42 19.10 5.86
C LEU C 233 15.15 20.13 6.97
N ASP C 234 15.05 21.41 6.58
CA ASP C 234 14.85 22.52 7.51
C ASP C 234 13.48 22.50 8.14
N PHE C 235 12.51 21.93 7.46
CA PHE C 235 11.19 21.88 8.00
C PHE C 235 11.16 20.85 9.12
N LYS C 236 11.96 19.80 8.94
CA LYS C 236 12.08 18.80 9.99
C LYS C 236 12.78 19.40 11.22
N HIS C 237 13.77 20.24 10.97
CA HIS C 237 14.45 20.94 12.02
C HIS C 237 13.45 21.85 12.73
N PHE C 238 12.71 22.62 11.94
CA PHE C 238 11.71 23.52 12.50
C PHE C 238 10.69 22.79 13.37
N CYS C 239 10.16 21.67 12.88
CA CYS C 239 9.12 20.95 13.61
C CYS C 239 9.63 20.57 15.00
N SER C 240 10.89 20.16 15.08
CA SER C 240 11.44 19.84 16.37
C SER C 240 11.59 21.09 17.17
N ASP C 241 12.11 22.16 16.59
CA ASP C 241 12.37 23.37 17.35
C ASP C 241 11.02 23.96 17.85
N ALA C 242 9.92 23.75 17.11
CA ALA C 242 8.65 24.40 17.51
C ALA C 242 8.08 23.78 18.76
N LEU C 243 8.06 22.45 18.79
CA LEU C 243 7.63 21.67 19.96
C LEU C 243 8.52 21.98 21.15
N LYS C 244 9.82 22.21 20.91
CA LYS C 244 10.78 22.52 21.98
C LYS C 244 10.49 23.89 22.63
N GLU C 245 10.17 24.88 21.81
CA GLU C 245 9.88 26.20 22.31
C GLU C 245 8.65 26.08 23.20
N PHE C 246 7.67 25.33 22.72
CA PHE C 246 6.42 25.08 23.44
C PHE C 246 6.65 24.41 24.79
N PHE C 247 7.46 23.35 24.81
CA PHE C 247 7.81 22.71 26.06
C PHE C 247 8.46 23.67 27.02
N CYS C 248 9.46 24.41 26.56
CA CYS C 248 10.18 25.31 27.45
C CYS C 248 9.18 26.30 28.09
N ALA C 249 8.28 26.86 27.29
CA ALA C 249 7.26 27.76 27.82
C ALA C 249 6.44 27.10 28.92
N GLU C 250 6.10 25.82 28.74
CA GLU C 250 5.31 25.08 29.72
C GLU C 250 6.12 24.87 30.99
N ARG C 251 7.38 24.44 30.86
CA ARG C 251 8.22 24.20 32.00
C ARG C 251 8.52 25.50 32.73
N ASP C 252 8.69 26.59 31.99
CA ASP C 252 9.01 27.88 32.60
C ASP C 252 7.94 28.35 33.55
N VAL C 253 6.68 28.19 33.14
CA VAL C 253 5.53 28.50 33.97
C VAL C 253 5.50 27.63 35.24
N LEU C 254 5.86 26.36 35.11
CA LEU C 254 5.87 25.43 36.22
C LEU C 254 7.00 25.73 37.21
N SER C 255 8.19 25.97 36.71
CA SER C 255 9.30 26.06 37.64
C SER C 255 9.31 27.43 38.27
N GLU C 256 8.64 28.38 37.62
CA GLU C 256 8.43 29.65 38.28
C GLU C 256 7.54 29.57 39.53
N VAL C 257 6.51 28.75 39.54
CA VAL C 257 5.69 28.74 40.73
C VAL C 257 6.27 27.79 41.76
N THR C 258 6.99 26.77 41.30
CA THR C 258 7.55 25.75 42.19
C THR C 258 8.99 25.48 41.76
N PRO C 259 9.89 26.39 42.12
CA PRO C 259 11.24 26.31 41.54
C PRO C 259 12.09 25.24 42.10
N ASN C 260 11.65 24.64 43.19
CA ASN C 260 12.46 23.65 43.87
C ASN C 260 12.26 22.28 43.26
N ILE C 261 11.18 22.12 42.48
CA ILE C 261 10.83 20.84 41.88
C ILE C 261 11.42 20.74 40.47
N PRO C 262 12.28 19.72 40.24
CA PRO C 262 12.96 19.46 38.97
C PRO C 262 12.02 19.00 37.87
N LEU C 263 12.26 19.47 36.65
CA LEU C 263 11.38 19.18 35.52
C LEU C 263 12.05 18.31 34.43
N THR C 264 11.24 17.44 33.83
CA THR C 264 11.68 16.59 32.73
C THR C 264 10.52 16.42 31.76
N THR C 265 10.78 15.83 30.61
CA THR C 265 9.73 15.38 29.74
C THR C 265 10.23 14.06 29.17
N ASN C 266 9.31 13.20 28.70
CA ASN C 266 9.67 11.83 28.28
C ASN C 266 9.98 11.73 26.78
N PHE C 267 11.20 11.28 26.48
CA PHE C 267 11.69 11.11 25.10
C PHE C 267 11.33 9.72 24.55
N MET C 268 11.53 9.52 23.25
CA MET C 268 11.25 8.24 22.60
C MET C 268 12.48 7.74 21.87
N VAL C 269 13.59 7.62 22.57
CA VAL C 269 14.80 7.18 21.92
C VAL C 269 14.70 5.72 21.67
N SER C 270 14.79 5.33 20.39
CA SER C 270 14.88 3.93 19.93
C SER C 270 15.67 3.94 18.63
N ALA C 271 16.17 2.81 18.16
CA ALA C 271 17.06 2.81 16.99
C ALA C 271 16.53 3.57 15.75
N SER C 272 15.23 3.53 15.54
CA SER C 272 14.69 4.01 14.29
C SER C 272 13.91 5.28 14.53
N GLN C 273 13.91 5.83 15.74
CA GLN C 273 13.15 7.08 15.93
C GLN C 273 13.77 8.15 15.01
N ASN C 274 12.95 9.04 14.48
CA ASN C 274 13.46 9.89 13.43
C ASN C 274 12.74 11.23 13.31
N THR C 275 12.26 11.74 14.43
CA THR C 275 11.66 13.04 14.46
C THR C 275 12.49 13.92 15.38
N LEU C 276 12.06 14.07 16.62
CA LEU C 276 12.67 15.04 17.48
C LEU C 276 14.18 14.94 17.51
N ASP C 277 14.84 16.09 17.54
CA ASP C 277 16.29 16.10 17.82
C ASP C 277 16.52 16.05 19.34
N TYR C 278 16.70 14.84 19.88
CA TYR C 278 16.69 14.69 21.35
C TYR C 278 17.95 15.18 22.03
N ASP C 279 19.08 15.02 21.37
CA ASP C 279 20.32 15.56 21.91
C ASP C 279 20.20 17.04 22.12
N ASP C 280 19.36 17.65 21.30
CA ASP C 280 19.12 19.09 21.36
C ASP C 280 18.09 19.41 22.43
N TRP C 281 17.06 18.57 22.56
CA TRP C 281 16.07 18.74 23.62
C TRP C 281 16.73 18.50 24.99
N ALA C 282 17.74 17.65 25.05
CA ALA C 282 18.29 17.24 26.35
C ALA C 282 18.85 18.46 27.08
N HIS C 283 19.14 19.53 26.34
CA HIS C 283 19.61 20.77 26.93
C HIS C 283 18.53 21.55 27.71
N GLU C 284 17.25 21.13 27.65
CA GLU C 284 16.19 21.92 28.32
C GLU C 284 15.47 21.11 29.38
N VAL C 285 16.13 20.10 29.94
CA VAL C 285 15.53 19.28 30.98
C VAL C 285 16.47 19.13 32.17
N ASP C 286 15.88 19.08 33.37
CA ASP C 286 16.67 18.92 34.59
C ASP C 286 17.27 17.53 34.75
N PHE C 287 16.61 16.53 34.19
CA PHE C 287 17.21 15.20 34.04
C PHE C 287 16.62 14.58 32.77
N VAL C 288 17.39 13.70 32.14
CA VAL C 288 16.92 13.07 30.92
C VAL C 288 16.09 11.83 31.24
N SER C 289 14.88 11.79 30.68
CA SER C 289 14.05 10.61 30.82
C SER C 289 13.56 10.07 29.46
N ASN C 290 13.45 8.74 29.36
CA ASN C 290 13.15 8.07 28.10
C ASN C 290 12.01 7.06 28.15
N ASP C 291 11.25 6.94 27.06
CA ASP C 291 10.34 5.81 26.86
C ASP C 291 10.91 4.86 25.83
N HIS C 292 11.02 3.57 26.17
CA HIS C 292 11.47 2.56 25.22
C HIS C 292 10.77 1.25 25.38
N TYR C 293 10.34 0.74 24.24
CA TYR C 293 9.62 -0.51 24.19
C TYR C 293 10.38 -1.47 23.33
N PHE C 294 10.47 -2.73 23.75
CA PHE C 294 11.33 -3.70 23.07
C PHE C 294 10.95 -3.91 21.63
N THR C 295 11.96 -4.20 20.81
CA THR C 295 11.77 -4.65 19.46
C THR C 295 11.68 -6.20 19.46
N PRO C 296 10.55 -6.77 19.05
CA PRO C 296 10.43 -8.23 19.12
C PRO C 296 11.37 -8.94 18.16
N GLY C 297 11.72 -10.16 18.51
CA GLY C 297 12.61 -10.95 17.69
C GLY C 297 14.05 -10.87 18.14
N SER C 298 14.94 -11.41 17.32
CA SER C 298 16.37 -11.27 17.46
C SER C 298 16.89 -9.95 17.97
N TRP C 299 16.29 -8.86 17.49
CA TRP C 299 16.84 -7.53 17.79
C TRP C 299 16.51 -7.06 19.23
N HIS C 300 15.68 -7.82 19.93
CA HIS C 300 15.23 -7.48 21.27
C HIS C 300 16.40 -7.00 22.14
N ILE C 301 17.44 -7.82 22.30
CA ILE C 301 18.48 -7.40 23.19
C ILE C 301 19.31 -6.22 22.64
N ASP C 302 19.93 -6.41 21.46
CA ASP C 302 20.90 -5.43 20.97
C ASP C 302 20.31 -4.07 20.74
N GLU C 303 19.04 -4.04 20.39
CA GLU C 303 18.36 -2.78 20.04
C GLU C 303 17.97 -2.04 21.32
N LEU C 304 17.74 -2.78 22.40
CA LEU C 304 17.53 -2.14 23.69
C LEU C 304 18.89 -1.60 24.22
N ALA C 305 19.93 -2.42 24.24
CA ALA C 305 21.25 -1.93 24.67
C ALA C 305 21.67 -0.69 23.89
N TYR C 306 21.51 -0.72 22.57
CA TYR C 306 21.82 0.41 21.71
C TYR C 306 21.00 1.64 22.13
N SER C 307 19.70 1.49 22.32
CA SER C 307 18.89 2.67 22.59
C SER C 307 19.26 3.27 23.92
N ALA C 308 19.54 2.40 24.89
CA ALA C 308 19.84 2.82 26.26
C ALA C 308 21.20 3.46 26.31
N SER C 309 22.17 2.89 25.58
CA SER C 309 23.50 3.52 25.42
C SER C 309 23.35 4.92 24.87
N LEU C 310 22.50 5.07 23.87
CA LEU C 310 22.31 6.36 23.20
C LEU C 310 21.71 7.36 24.14
N VAL C 311 20.81 6.94 25.04
CA VAL C 311 20.23 7.87 26.01
C VAL C 311 21.29 8.35 27.00
N ASP C 312 22.09 7.44 27.51
CA ASP C 312 23.24 7.81 28.31
C ASP C 312 24.12 8.78 27.51
N GLY C 313 24.47 8.42 26.27
CA GLY C 313 25.14 9.33 25.36
C GLY C 313 24.57 10.74 25.38
N ILE C 314 23.25 10.85 25.26
CA ILE C 314 22.60 12.14 25.21
C ILE C 314 22.71 12.87 26.52
N SER C 315 22.73 12.09 27.59
CA SER C 315 22.86 12.53 28.99
C SER C 315 24.29 12.92 29.36
N ARG C 316 25.21 12.66 28.45
CA ARG C 316 26.62 12.92 28.68
C ARG C 316 27.04 12.14 29.91
N LYS C 317 26.58 10.89 29.95
CA LYS C 317 26.89 9.92 31.01
C LYS C 317 26.33 10.25 32.38
N LYS C 318 25.50 11.28 32.49
CA LYS C 318 24.83 11.54 33.75
C LYS C 318 23.70 10.51 33.95
N PRO C 319 23.30 10.21 35.20
CA PRO C 319 22.16 9.30 35.39
C PRO C 319 20.91 9.81 34.68
N TRP C 320 20.14 8.88 34.12
CA TRP C 320 18.92 9.17 33.36
C TRP C 320 17.77 8.35 33.89
N PHE C 321 16.56 8.70 33.50
CA PHE C 321 15.35 8.13 34.09
C PHE C 321 14.57 7.33 33.04
N LEU C 322 14.43 6.03 33.21
CA LEU C 322 13.53 5.27 32.32
C LEU C 322 12.11 5.51 32.73
N MET C 323 11.40 6.37 32.01
CA MET C 323 10.05 6.78 32.41
C MET C 323 8.98 5.73 32.07
N GLU C 324 9.15 5.06 30.93
CA GLU C 324 8.19 4.09 30.40
C GLU C 324 8.92 2.95 29.67
N GLN C 325 8.31 1.77 29.71
CA GLN C 325 8.71 0.58 28.97
C GLN C 325 7.56 -0.39 29.22
N SER C 326 7.67 -1.64 28.78
CA SER C 326 6.55 -2.54 29.02
C SER C 326 6.90 -3.85 29.75
N THR C 327 5.94 -4.36 30.53
CA THR C 327 6.12 -5.62 31.22
C THR C 327 6.03 -6.76 30.25
N SER C 328 5.15 -6.61 29.27
CA SER C 328 5.00 -7.60 28.21
C SER C 328 4.58 -6.89 26.91
N ALA C 329 3.43 -7.27 26.32
CA ALA C 329 3.02 -6.75 25.03
C ALA C 329 2.70 -5.25 25.06
N VAL C 330 3.03 -4.53 23.98
CA VAL C 330 2.38 -3.23 23.73
C VAL C 330 1.05 -3.42 22.97
N ASN C 331 0.35 -2.33 22.70
CA ASN C 331 -0.89 -2.37 21.89
C ASN C 331 -0.71 -1.85 20.45
N TRP C 332 0.42 -1.20 20.14
CA TRP C 332 0.44 -0.29 19.00
C TRP C 332 1.03 -0.83 17.69
N ARG C 333 1.52 -2.06 17.70
CA ARG C 333 1.99 -2.66 16.47
C ARG C 333 0.92 -3.52 15.78
N GLU C 334 1.21 -3.93 14.55
CA GLU C 334 0.25 -4.70 13.80
C GLU C 334 0.27 -6.15 14.34
N ILE C 335 1.41 -6.58 14.86
CA ILE C 335 1.42 -7.77 15.72
C ILE C 335 2.11 -7.40 17.05
N ASN C 336 1.46 -7.71 18.18
CA ASN C 336 1.98 -7.37 19.50
C ASN C 336 2.36 -8.55 20.42
N PRO C 337 3.57 -9.10 20.25
CA PRO C 337 4.05 -10.28 20.99
C PRO C 337 4.30 -10.04 22.47
N ARG C 338 4.16 -11.08 23.27
CA ARG C 338 4.38 -11.00 24.69
C ARG C 338 5.83 -11.26 25.01
N LYS C 339 6.32 -10.79 26.17
CA LYS C 339 7.71 -11.09 26.55
C LYS C 339 7.77 -12.49 27.05
N GLU C 340 8.93 -13.08 26.84
CA GLU C 340 9.25 -14.40 27.31
C GLU C 340 9.70 -14.35 28.78
N PRO C 341 9.68 -15.51 29.44
CA PRO C 341 10.10 -15.62 30.83
C PRO C 341 11.50 -15.10 30.94
N GLY C 342 11.70 -14.13 31.82
CA GLY C 342 12.98 -13.55 32.14
C GLY C 342 13.18 -12.17 31.54
N GLU C 343 12.43 -11.86 30.49
CA GLU C 343 12.71 -10.66 29.72
C GLU C 343 12.30 -9.44 30.53
N LEU C 344 11.23 -9.54 31.30
CA LEU C 344 10.81 -8.41 32.15
C LEU C 344 11.93 -7.87 33.11
N ILE C 345 12.54 -8.75 33.87
CA ILE C 345 13.62 -8.35 34.75
C ILE C 345 14.88 -8.06 33.95
N ARG C 346 15.22 -8.92 33.02
CA ARG C 346 16.43 -8.68 32.28
C ARG C 346 16.38 -7.34 31.50
N ASP C 347 15.23 -7.01 30.94
CA ASP C 347 15.17 -5.78 30.21
C ASP C 347 15.42 -4.60 31.15
N SER C 348 14.86 -4.61 32.35
CA SER C 348 15.05 -3.46 33.24
C SER C 348 16.50 -3.35 33.67
N MET C 349 17.18 -4.48 33.86
CA MET C 349 18.61 -4.51 34.21
C MET C 349 19.55 -3.95 33.14
N LEU C 350 19.15 -4.08 31.88
CA LEU C 350 19.91 -3.54 30.73
C LEU C 350 19.84 -2.04 30.75
N HIS C 351 18.63 -1.49 30.90
CA HIS C 351 18.48 -0.06 31.05
C HIS C 351 19.29 0.45 32.28
N LEU C 352 19.22 -0.27 33.40
CA LEU C 352 19.95 0.10 34.61
C LEU C 352 21.45 0.09 34.29
N ALA C 353 21.91 -1.01 33.73
CA ALA C 353 23.33 -1.18 33.52
C ALA C 353 23.87 -0.02 32.64
N MET C 354 23.05 0.47 31.72
CA MET C 354 23.44 1.56 30.82
C MET C 354 23.26 2.94 31.47
N GLY C 355 23.07 2.96 32.79
CA GLY C 355 23.13 4.23 33.51
C GLY C 355 21.86 4.83 34.06
N ALA C 356 20.71 4.19 33.83
CA ALA C 356 19.45 4.64 34.43
C ALA C 356 19.43 4.42 35.96
N ASP C 357 18.94 5.43 36.69
CA ASP C 357 18.74 5.35 38.12
C ASP C 357 17.26 5.29 38.51
N ALA C 358 16.40 5.26 37.49
CA ALA C 358 14.97 5.05 37.69
C ALA C 358 14.46 4.03 36.64
N ILE C 359 13.43 3.25 36.98
CA ILE C 359 12.88 2.19 36.11
C ILE C 359 11.38 2.17 36.32
N CYS C 360 10.65 2.69 35.35
CA CYS C 360 9.21 2.75 35.45
C CYS C 360 8.57 2.24 34.16
N TYR C 361 7.34 1.77 34.28
CA TYR C 361 6.62 1.14 33.22
C TYR C 361 5.45 1.97 32.78
N PHE C 362 5.05 1.81 31.52
CA PHE C 362 3.66 2.10 31.20
C PHE C 362 2.97 0.75 31.21
N GLN C 363 1.92 0.57 32.04
CA GLN C 363 1.52 1.50 33.10
C GLN C 363 1.30 0.66 34.38
N TRP C 364 0.70 1.26 35.42
CA TRP C 364 0.48 0.53 36.68
C TRP C 364 -0.61 -0.51 36.58
N ARG C 365 -1.80 -0.09 36.18
CA ARG C 365 -2.93 -1.01 36.13
C ARG C 365 -3.47 -1.05 34.71
N GLN C 366 -3.50 -2.27 34.16
CA GLN C 366 -4.03 -2.47 32.83
C GLN C 366 -5.48 -1.97 32.77
N SER C 367 -5.77 -1.20 31.72
CA SER C 367 -7.08 -0.60 31.54
C SER C 367 -8.11 -1.61 31.01
N ARG C 368 -9.36 -1.44 31.41
CA ARG C 368 -10.41 -2.31 30.91
C ARG C 368 -10.81 -1.78 29.53
N SER C 369 -10.67 -0.48 29.33
CA SER C 369 -11.16 0.07 28.11
C SER C 369 -10.27 1.18 27.62
N GLY C 370 -10.62 1.72 26.46
CA GLY C 370 -9.76 2.67 25.78
C GLY C 370 -8.82 1.99 24.82
N ALA C 371 -8.06 2.77 24.09
CA ALA C 371 -7.32 2.26 22.96
C ALA C 371 -6.10 1.48 23.43
N GLU C 372 -5.75 1.67 24.69
CA GLU C 372 -4.56 1.02 25.20
C GLU C 372 -4.93 -0.16 26.06
N LYS C 373 -6.17 -0.59 25.94
CA LYS C 373 -6.68 -1.65 26.78
C LYS C 373 -5.92 -3.00 26.68
N PHE C 374 -5.28 -3.30 25.55
CA PHE C 374 -4.53 -4.56 25.43
C PHE C 374 -3.05 -4.31 25.65
N HIS C 375 -2.68 -3.09 26.04
CA HIS C 375 -1.30 -2.81 26.45
C HIS C 375 -1.05 -3.40 27.85
N SER C 376 0.06 -4.12 28.02
CA SER C 376 0.41 -4.79 29.30
C SER C 376 0.70 -3.83 30.47
N ALA C 377 0.47 -4.26 31.70
CA ALA C 377 0.78 -3.42 32.86
C ALA C 377 1.49 -4.18 33.98
N MET C 378 1.64 -3.57 35.15
CA MET C 378 2.31 -4.23 36.26
C MET C 378 1.29 -5.06 36.97
N LEU C 379 0.10 -4.50 37.05
CA LEU C 379 -1.04 -5.24 37.51
C LEU C 379 -1.91 -5.51 36.29
N PRO C 380 -1.79 -6.73 35.70
CA PRO C 380 -2.61 -7.19 34.57
C PRO C 380 -4.09 -7.28 34.89
N LEU C 381 -4.96 -7.34 33.88
CA LEU C 381 -6.41 -7.54 34.10
C LEU C 381 -6.68 -8.85 34.84
N ALA C 382 -5.80 -9.82 34.67
CA ALA C 382 -5.91 -11.09 35.37
C ALA C 382 -5.81 -10.91 36.89
N GLY C 383 -5.20 -9.81 37.30
CA GLY C 383 -5.08 -9.49 38.70
C GLY C 383 -3.74 -9.83 39.29
N GLU C 384 -3.72 -9.77 40.62
CA GLU C 384 -2.50 -9.95 41.41
C GLU C 384 -1.91 -11.36 41.38
N HIS C 385 -2.73 -12.34 41.09
CA HIS C 385 -2.24 -13.69 40.94
C HIS C 385 -1.94 -13.92 39.46
N SER C 386 -0.85 -13.31 39.01
CA SER C 386 -0.40 -13.41 37.63
C SER C 386 1.12 -13.51 37.60
N GLN C 387 1.68 -14.11 36.57
CA GLN C 387 3.13 -14.17 36.46
C GLN C 387 3.79 -12.78 36.36
N ILE C 388 3.12 -11.83 35.72
CA ILE C 388 3.67 -10.50 35.48
C ILE C 388 3.80 -9.80 36.84
N TYR C 389 2.73 -9.77 37.64
CA TYR C 389 2.85 -9.18 38.98
C TYR C 389 3.91 -9.94 39.87
N ARG C 390 3.94 -11.26 39.84
CA ARG C 390 5.01 -11.93 40.51
C ARG C 390 6.42 -11.46 40.08
N ASP C 391 6.70 -11.40 38.78
CA ASP C 391 8.00 -10.88 38.32
C ASP C 391 8.21 -9.38 38.73
N VAL C 392 7.19 -8.56 38.56
CA VAL C 392 7.33 -7.20 38.96
C VAL C 392 7.80 -7.10 40.41
N CYS C 393 7.23 -7.92 41.29
CA CYS C 393 7.54 -7.82 42.73
C CYS C 393 8.98 -8.19 42.92
N ALA C 394 9.44 -9.20 42.20
CA ALA C 394 10.84 -9.58 42.20
C ALA C 394 11.78 -8.51 41.69
N LEU C 395 11.37 -7.79 40.65
CA LEU C 395 12.21 -6.74 40.11
C LEU C 395 12.33 -5.70 41.20
N GLY C 396 11.20 -5.38 41.82
CA GLY C 396 11.17 -4.37 42.88
C GLY C 396 12.17 -4.75 43.96
N ALA C 397 12.17 -6.02 44.30
CA ALA C 397 13.08 -6.45 45.29
C ALA C 397 14.51 -6.28 44.77
N ASP C 398 14.82 -6.70 43.54
CA ASP C 398 16.19 -6.58 43.02
C ASP C 398 16.74 -5.15 43.05
N LEU C 399 15.84 -4.21 42.80
CA LEU C 399 16.19 -2.81 42.74
C LEU C 399 16.42 -2.22 44.13
N ASP C 400 15.80 -2.79 45.15
CA ASP C 400 16.09 -2.38 46.51
C ASP C 400 17.50 -2.90 46.89
N THR C 401 17.77 -4.16 46.60
CA THR C 401 19.09 -4.69 46.80
C THR C 401 20.18 -3.79 46.20
N LEU C 402 19.98 -3.36 44.96
CA LEU C 402 20.98 -2.63 44.24
C LEU C 402 21.17 -1.20 44.76
N SER C 403 20.07 -0.58 45.18
CA SER C 403 20.13 0.70 45.88
C SER C 403 21.04 0.52 47.11
N ASP C 404 20.74 -0.51 47.92
CA ASP C 404 21.48 -0.79 49.16
C ASP C 404 22.93 -1.14 48.83
N ALA C 405 23.22 -1.72 47.67
CA ALA C 405 24.60 -2.01 47.29
C ALA C 405 25.35 -0.75 46.81
N GLY C 406 24.65 0.38 46.75
CA GLY C 406 25.26 1.64 46.45
C GLY C 406 25.48 1.96 44.99
N ILE C 407 24.50 1.71 44.14
CA ILE C 407 24.74 1.87 42.71
C ILE C 407 24.43 3.27 42.19
N LEU C 408 23.58 3.97 42.92
CA LEU C 408 23.12 5.29 42.49
C LEU C 408 24.27 6.17 42.08
N ARG C 409 24.03 6.93 41.02
CA ARG C 409 24.92 7.97 40.59
C ARG C 409 26.24 7.44 40.02
N SER C 410 26.43 6.12 40.01
CA SER C 410 27.48 5.52 39.18
C SER C 410 27.23 5.82 37.66
N LYS C 411 28.32 6.02 36.94
CA LYS C 411 28.25 6.40 35.54
C LYS C 411 28.63 5.20 34.70
N LEU C 412 28.04 5.11 33.52
CA LEU C 412 28.39 4.09 32.54
C LEU C 412 29.83 4.27 32.06
N SER C 413 30.69 3.25 32.11
CA SER C 413 32.10 3.46 31.72
C SER C 413 32.34 3.85 30.25
N LYS C 414 33.52 4.44 30.04
CA LYS C 414 33.89 5.03 28.78
C LYS C 414 34.38 3.83 28.00
N ALA C 415 33.69 3.57 26.90
CA ALA C 415 34.01 2.46 26.06
C ALA C 415 35.21 2.86 25.22
N ARG C 416 35.81 1.87 24.57
CA ARG C 416 36.91 2.02 23.66
C ARG C 416 36.46 2.64 22.33
N VAL C 417 35.17 2.59 22.06
CA VAL C 417 34.72 2.99 20.77
C VAL C 417 33.38 3.71 20.92
N ALA C 418 33.26 4.80 20.17
CA ALA C 418 32.06 5.58 20.09
C ALA C 418 31.44 5.35 18.70
N ILE C 419 30.13 5.15 18.69
CA ILE C 419 29.36 5.01 17.48
C ILE C 419 28.45 6.19 17.28
N VAL C 420 28.70 6.93 16.21
CA VAL C 420 28.05 8.21 16.04
C VAL C 420 26.66 8.07 15.46
N GLN C 421 25.71 8.69 16.13
CA GLN C 421 24.34 8.67 15.72
C GLN C 421 23.98 10.09 15.36
N ASP C 422 23.14 10.32 14.35
CA ASP C 422 22.95 11.69 13.91
C ASP C 422 21.59 11.90 13.32
N ILE C 423 20.67 12.41 14.10
CA ILE C 423 19.30 12.53 13.63
C ILE C 423 19.20 13.41 12.37
N GLN C 424 20.06 14.40 12.22
CA GLN C 424 19.92 15.30 11.08
C GLN C 424 20.33 14.61 9.77
N SER C 425 21.32 13.75 9.86
CA SER C 425 21.67 12.92 8.73
C SER C 425 20.55 11.93 8.36
N GLU C 426 19.90 11.35 9.35
CA GLU C 426 18.72 10.51 9.12
C GLU C 426 17.65 11.30 8.36
N TRP C 427 17.34 12.52 8.82
CA TRP C 427 16.38 13.33 8.13
C TRP C 427 16.79 13.47 6.66
N ALA C 428 18.08 13.66 6.42
CA ALA C 428 18.54 13.90 5.06
C ALA C 428 18.41 12.65 4.17
N THR C 429 18.83 11.50 4.68
CA THR C 429 18.76 10.28 3.90
C THR C 429 17.32 9.86 3.61
N GLU C 430 16.35 10.57 4.18
CA GLU C 430 14.93 10.25 4.02
C GLU C 430 14.31 10.82 2.76
N HIS C 431 15.03 11.70 2.06
CA HIS C 431 14.46 12.31 0.88
C HIS C 431 14.32 11.25 -0.24
N THR C 432 13.25 11.44 -1.02
CA THR C 432 12.77 10.44 -1.97
C THR C 432 13.50 10.40 -3.30
N ALA C 433 14.45 11.32 -3.46
CA ALA C 433 15.28 11.38 -4.65
C ALA C 433 16.79 11.12 -4.36
N THR C 434 17.07 10.19 -3.44
CA THR C 434 18.44 9.74 -3.19
C THR C 434 18.83 8.58 -4.08
N PRO C 435 20.08 8.12 -3.93
CA PRO C 435 20.38 7.01 -4.82
C PRO C 435 19.46 5.80 -4.58
N THR C 436 19.00 5.62 -3.36
CA THR C 436 18.07 4.54 -3.10
C THR C 436 17.34 4.74 -1.81
N GLN C 437 16.04 4.56 -1.85
CA GLN C 437 15.24 4.65 -0.67
C GLN C 437 15.58 3.51 0.30
N HIS C 438 16.37 2.53 -0.16
CA HIS C 438 16.76 1.41 0.71
C HIS C 438 17.87 1.67 1.73
N ILE C 439 18.31 2.92 1.84
CA ILE C 439 19.36 3.26 2.74
C ILE C 439 18.92 4.43 3.59
N ARG C 440 18.96 4.26 4.91
CA ARG C 440 18.73 5.36 5.82
C ARG C 440 19.91 5.32 6.76
N GLU C 441 20.18 6.42 7.45
CA GLU C 441 21.27 6.50 8.41
C GLU C 441 21.04 5.62 9.63
N TRP C 442 19.82 5.45 10.06
CA TRP C 442 19.63 4.89 11.37
C TRP C 442 20.06 3.45 11.52
N THR C 443 19.98 2.68 10.44
CA THR C 443 20.22 1.26 10.60
C THR C 443 21.66 0.98 10.81
N GLU C 444 22.50 1.79 10.18
CA GLU C 444 23.91 1.50 10.15
C GLU C 444 24.62 1.56 11.53
N PRO C 445 24.41 2.61 12.34
CA PRO C 445 24.96 2.64 13.70
C PRO C 445 24.58 1.42 14.54
N LEU C 446 23.32 0.99 14.38
CA LEU C 446 22.75 -0.15 15.10
C LEU C 446 23.49 -1.43 14.73
N ASP C 447 23.87 -1.56 13.45
CA ASP C 447 24.62 -2.72 12.94
C ASP C 447 26.03 -2.76 13.53
N TRP C 448 26.65 -1.59 13.63
CA TRP C 448 28.02 -1.52 14.16
C TRP C 448 28.02 -1.79 15.66
N PHE C 449 26.98 -1.34 16.35
CA PHE C 449 26.88 -1.62 17.77
C PHE C 449 26.72 -3.12 18.01
N ALA C 450 25.75 -3.71 17.32
CA ALA C 450 25.55 -5.14 17.36
C ALA C 450 26.82 -5.85 16.98
N ALA C 451 27.48 -5.37 15.92
CA ALA C 451 28.73 -5.97 15.41
C ALA C 451 29.86 -6.05 16.46
N PHE C 452 30.13 -4.94 17.15
CA PHE C 452 31.07 -4.93 18.29
C PHE C 452 30.61 -5.86 19.45
N ALA C 453 29.35 -5.81 19.79
CA ALA C 453 28.79 -6.80 20.71
C ALA C 453 29.13 -8.25 20.29
N ASN C 454 29.11 -8.55 19.00
CA ASN C 454 29.54 -9.87 18.51
C ASN C 454 30.99 -10.22 18.78
N ARG C 455 31.80 -9.18 18.98
CA ARG C 455 33.22 -9.37 19.22
C ARG C 455 33.62 -9.09 20.68
N GLY C 456 32.65 -9.14 21.58
CA GLY C 456 32.88 -8.88 22.99
C GLY C 456 33.25 -7.44 23.30
N VAL C 457 32.72 -6.48 22.56
CA VAL C 457 33.00 -5.08 22.80
C VAL C 457 31.70 -4.32 22.91
N THR C 458 31.57 -3.57 23.98
CA THR C 458 30.35 -2.84 24.21
C THR C 458 30.60 -1.37 23.84
N ALA C 459 29.91 -0.82 22.84
CA ALA C 459 30.24 0.54 22.44
C ALA C 459 29.38 1.56 23.14
N ASP C 460 29.83 2.81 23.10
CA ASP C 460 29.03 3.93 23.55
C ASP C 460 28.38 4.59 22.32
N VAL C 461 27.06 4.59 22.25
CA VAL C 461 26.41 5.26 21.15
C VAL C 461 26.38 6.70 21.52
N THR C 462 26.86 7.58 20.64
CA THR C 462 27.00 9.02 20.94
C THR C 462 26.39 9.90 19.84
N PRO C 463 25.59 10.89 20.21
CA PRO C 463 25.12 11.90 19.23
C PRO C 463 26.30 12.70 18.65
N ILE C 464 26.09 13.50 17.61
CA ILE C 464 27.23 13.98 16.85
C ILE C 464 27.94 15.12 17.60
N HIS C 465 27.18 15.89 18.36
CA HIS C 465 27.75 16.96 19.18
C HIS C 465 28.26 16.51 20.56
N ALA C 466 28.30 15.20 20.82
CA ALA C 466 28.88 14.70 22.07
C ALA C 466 30.34 14.43 21.76
N GLN C 467 31.07 13.87 22.73
CA GLN C 467 32.52 13.84 22.64
C GLN C 467 33.12 12.56 22.18
N TRP C 468 32.62 12.06 21.04
CA TRP C 468 33.18 10.86 20.40
C TRP C 468 34.64 11.05 20.05
N ASP C 469 35.06 12.31 19.82
CA ASP C 469 36.45 12.54 19.46
C ASP C 469 37.42 12.49 20.67
N THR C 470 36.94 12.01 21.82
CA THR C 470 37.81 11.63 22.96
C THR C 470 37.93 10.11 23.22
N TYR C 471 37.63 9.30 22.21
CA TYR C 471 37.64 7.86 22.33
C TYR C 471 38.82 7.28 21.51
N ASP C 472 39.20 6.04 21.75
CA ASP C 472 40.27 5.43 20.97
C ASP C 472 39.86 5.25 19.52
N ALA C 473 38.56 5.05 19.31
CA ALA C 473 38.02 4.71 18.00
C ALA C 473 36.63 5.29 17.88
N VAL C 474 36.28 5.81 16.69
CA VAL C 474 34.91 6.29 16.44
C VAL C 474 34.43 5.66 15.17
N VAL C 475 33.13 5.46 15.11
CA VAL C 475 32.48 4.96 13.93
C VAL C 475 31.65 6.05 13.30
N ILE C 476 31.87 6.25 12.01
CA ILE C 476 31.12 7.25 11.23
C ILE C 476 30.22 6.49 10.25
N PRO C 477 28.98 6.18 10.67
CA PRO C 477 28.12 5.30 9.89
C PRO C 477 26.95 6.06 9.24
N CYS C 478 27.12 6.21 7.91
CA CYS C 478 26.16 6.88 7.09
C CYS C 478 25.93 8.27 7.60
N VAL C 479 27.02 8.96 7.94
CA VAL C 479 26.91 10.34 8.43
C VAL C 479 26.90 11.25 7.20
N TYR C 480 25.72 11.36 6.61
CA TYR C 480 25.59 11.86 5.24
C TYR C 480 25.92 13.36 5.25
N LEU C 481 25.50 14.11 6.27
CA LEU C 481 25.87 15.54 6.42
C LEU C 481 27.22 15.74 7.17
N PHE C 482 28.18 16.37 6.49
CA PHE C 482 29.41 16.87 7.10
C PHE C 482 29.49 18.35 6.84
N SER C 483 29.44 19.14 7.92
CA SER C 483 29.78 20.56 7.90
C SER C 483 31.30 20.63 7.89
N GLU C 484 31.81 21.81 7.59
CA GLU C 484 33.26 22.00 7.61
C GLU C 484 33.81 21.62 8.98
N GLU C 485 33.14 22.06 10.04
CA GLU C 485 33.62 21.81 11.40
C GLU C 485 33.66 20.31 11.70
N MET C 486 32.59 19.60 11.37
CA MET C 486 32.58 18.17 11.57
C MET C 486 33.81 17.56 10.92
N ALA C 487 34.15 18.06 9.74
CA ALA C 487 35.26 17.53 8.96
C ALA C 487 36.61 17.80 9.64
N GLU C 488 36.69 18.96 10.28
CA GLU C 488 37.88 19.36 11.03
C GLU C 488 37.98 18.54 12.29
N ARG C 489 36.84 18.29 12.95
CA ARG C 489 36.88 17.48 14.19
C ARG C 489 37.44 16.09 13.93
N LEU C 490 37.02 15.47 12.81
CA LEU C 490 37.45 14.13 12.51
C LEU C 490 38.90 14.15 12.11
N ARG C 491 39.29 15.17 11.34
CA ARG C 491 40.69 15.24 10.87
C ARG C 491 41.62 15.33 12.07
N THR C 492 41.23 16.17 13.00
CA THR C 492 42.00 16.33 14.21
C THR C 492 42.04 15.01 14.96
N PHE C 493 40.87 14.40 15.14
CA PHE C 493 40.79 13.17 15.87
C PHE C 493 41.72 12.09 15.30
N VAL C 494 41.78 11.95 13.99
CA VAL C 494 42.67 10.92 13.42
C VAL C 494 44.14 11.34 13.41
N ARG C 495 44.42 12.62 13.13
CA ARG C 495 45.79 13.14 13.13
C ARG C 495 46.47 12.82 14.44
N ASN C 496 45.75 13.08 15.53
CA ASN C 496 46.30 12.93 16.87
C ASN C 496 46.21 11.50 17.40
N GLY C 497 46.00 10.54 16.49
CA GLY C 497 46.17 9.13 16.76
C GLY C 497 44.91 8.30 16.91
N GLY C 498 43.75 8.98 16.89
CA GLY C 498 42.47 8.28 16.83
C GLY C 498 42.29 7.37 15.62
N LYS C 499 41.61 6.24 15.82
CA LYS C 499 41.30 5.28 14.76
C LYS C 499 39.79 5.31 14.40
N ALA C 500 39.50 5.43 13.11
CA ALA C 500 38.12 5.70 12.65
C ALA C 500 37.63 4.69 11.61
N PHE C 501 36.40 4.22 11.81
CA PHE C 501 35.69 3.36 10.84
C PHE C 501 34.69 4.27 10.12
N VAL C 502 34.90 4.44 8.82
CA VAL C 502 34.00 5.26 8.03
C VAL C 502 33.30 4.43 6.96
N THR C 503 31.98 4.66 6.78
CA THR C 503 31.18 3.92 5.78
C THR C 503 30.63 4.75 4.66
N TYR C 504 30.23 4.04 3.59
CA TYR C 504 29.35 4.56 2.52
C TYR C 504 28.25 5.50 3.03
N TYR C 505 27.89 6.50 2.24
CA TYR C 505 26.80 7.43 2.61
C TYR C 505 27.25 8.38 3.74
N SER C 506 28.56 8.49 3.92
CA SER C 506 29.09 9.47 4.86
C SER C 506 29.64 10.66 4.08
N ALA C 507 29.37 11.88 4.55
CA ALA C 507 30.04 13.07 4.04
C ALA C 507 29.71 13.41 2.59
N LEU C 508 28.44 13.44 2.25
CA LEU C 508 27.99 13.66 0.87
C LEU C 508 27.65 15.13 0.65
N ALA C 509 27.15 15.79 1.68
CA ALA C 509 26.64 17.15 1.54
C ALA C 509 27.03 18.02 2.74
N ASP C 510 27.13 19.33 2.53
CA ASP C 510 27.19 20.21 3.68
C ASP C 510 25.89 20.07 4.47
N GLU C 511 25.71 20.98 5.42
CA GLU C 511 24.65 20.90 6.40
C GLU C 511 23.31 21.39 5.81
N HIS C 512 23.37 21.92 4.59
CA HIS C 512 22.17 22.37 3.94
C HIS C 512 21.73 21.37 2.87
N ASP C 513 22.30 20.16 2.90
CA ASP C 513 22.00 19.14 1.86
C ASP C 513 22.50 19.58 0.46
N ARG C 514 23.70 20.12 0.42
CA ARG C 514 24.31 20.52 -0.82
C ARG C 514 25.54 19.65 -1.03
N LEU C 515 25.52 18.91 -2.13
CA LEU C 515 26.53 17.90 -2.32
C LEU C 515 27.97 18.47 -2.36
N HIS C 516 28.89 17.75 -1.77
CA HIS C 516 30.28 18.12 -1.85
C HIS C 516 30.76 17.82 -3.27
N THR C 517 31.62 18.70 -3.75
CA THR C 517 32.12 18.54 -5.09
C THR C 517 33.49 17.89 -5.01
N GLU C 518 34.02 17.53 -6.17
CA GLU C 518 35.35 16.93 -6.34
C GLU C 518 35.48 15.48 -5.85
N GLY C 519 34.37 14.83 -5.54
CA GLY C 519 34.47 13.42 -5.21
C GLY C 519 34.23 13.13 -3.74
N TRP C 520 33.79 11.91 -3.47
CA TRP C 520 33.42 11.49 -2.13
C TRP C 520 34.37 10.44 -1.59
N PRO C 521 34.43 10.31 -0.27
CA PRO C 521 33.77 11.21 0.68
C PRO C 521 34.23 12.64 0.53
N GLY C 522 33.32 13.58 0.68
CA GLY C 522 33.63 14.98 0.56
C GLY C 522 34.32 15.53 1.82
N LEU C 523 35.09 16.60 1.63
CA LEU C 523 35.85 17.29 2.67
C LEU C 523 36.96 16.48 3.29
N ILE C 524 36.87 15.16 3.17
CA ILE C 524 37.49 14.34 4.17
C ILE C 524 38.37 13.28 3.56
N GLY C 525 38.51 13.37 2.26
CA GLY C 525 39.17 12.39 1.44
C GLY C 525 40.65 12.32 1.69
N ASP C 526 41.23 13.43 2.10
CA ASP C 526 42.64 13.44 2.49
C ASP C 526 42.84 12.48 3.64
N VAL C 527 41.93 12.50 4.61
CA VAL C 527 42.06 11.61 5.77
C VAL C 527 41.65 10.17 5.53
N VAL C 528 40.63 9.94 4.70
CA VAL C 528 40.14 8.59 4.42
C VAL C 528 40.98 7.83 3.35
N GLY C 529 41.49 8.56 2.36
CA GLY C 529 42.38 7.96 1.37
C GLY C 529 41.67 7.30 0.20
N VAL C 530 40.47 7.76 -0.11
CA VAL C 530 39.65 7.08 -1.07
C VAL C 530 38.88 8.09 -1.90
N ARG C 531 38.66 7.79 -3.16
CA ARG C 531 37.93 8.71 -4.00
C ARG C 531 36.83 7.99 -4.77
N ILE C 532 35.61 8.53 -4.67
CA ILE C 532 34.38 7.89 -5.18
C ILE C 532 33.59 8.81 -6.13
N GLU C 533 33.35 8.41 -7.38
CA GLU C 533 32.69 9.32 -8.34
C GLU C 533 31.18 9.16 -8.38
N GLU C 534 30.67 7.98 -8.02
CA GLU C 534 29.23 7.72 -7.99
C GLU C 534 28.93 6.45 -7.19
N HIS C 535 27.64 6.26 -6.87
CA HIS C 535 27.18 5.03 -6.21
C HIS C 535 26.75 3.92 -7.18
N CYS C 536 26.70 2.70 -6.63
CA CYS C 536 26.15 1.52 -7.31
C CYS C 536 24.98 0.90 -6.50
N PRO C 537 23.77 1.53 -6.56
CA PRO C 537 22.65 0.92 -5.85
C PRO C 537 22.31 -0.48 -6.34
N LEU C 538 21.88 -1.31 -5.41
CA LEU C 538 21.57 -2.69 -5.70
C LEU C 538 20.17 -2.99 -5.22
N GLY C 539 19.49 -3.88 -5.92
CA GLY C 539 18.17 -4.30 -5.53
C GLY C 539 17.53 -5.23 -6.53
N THR C 540 16.22 -5.36 -6.45
CA THR C 540 15.47 -6.28 -7.28
C THR C 540 14.26 -5.57 -7.89
N LEU C 541 14.27 -4.25 -7.86
CA LEU C 541 13.20 -3.47 -8.46
C LEU C 541 12.79 -4.02 -9.84
N PHE C 542 13.74 -4.46 -10.66
CA PHE C 542 13.43 -4.88 -12.01
C PHE C 542 14.16 -6.18 -12.23
N PRO C 543 13.64 -7.04 -13.11
CA PRO C 543 14.32 -8.31 -13.37
C PRO C 543 15.74 -8.11 -13.95
N GLY C 544 16.67 -8.85 -13.39
CA GLY C 544 18.03 -8.86 -13.87
C GLY C 544 18.86 -7.75 -13.30
N MET C 545 18.24 -6.89 -12.49
CA MET C 545 18.99 -5.87 -11.78
C MET C 545 20.14 -6.43 -10.91
N LEU C 546 21.20 -5.66 -10.75
CA LEU C 546 22.27 -6.04 -9.84
C LEU C 546 21.76 -5.96 -8.39
N ASP C 547 21.71 -7.07 -7.66
CA ASP C 547 21.05 -7.07 -6.35
C ASP C 547 21.94 -7.40 -5.15
N HIS C 548 23.18 -7.76 -5.40
CA HIS C 548 24.14 -7.92 -4.34
C HIS C 548 25.52 -7.84 -4.96
N LEU C 549 26.55 -7.66 -4.10
CA LEU C 549 27.95 -7.79 -4.49
C LEU C 549 28.76 -8.55 -3.48
N ASP C 550 29.27 -9.70 -3.88
CA ASP C 550 30.15 -10.45 -3.00
C ASP C 550 31.38 -9.61 -2.67
N VAL C 551 31.90 -9.82 -1.48
CA VAL C 551 33.15 -9.25 -1.08
C VAL C 551 34.15 -10.38 -0.89
N SER C 552 35.42 -10.09 -1.14
CA SER C 552 36.45 -11.11 -1.24
C SER C 552 36.77 -11.88 0.06
N ASN C 553 36.45 -11.27 1.22
CA ASN C 553 36.61 -11.87 2.57
C ASN C 553 35.46 -12.73 2.97
N GLY C 554 34.48 -12.84 2.08
CA GLY C 554 33.39 -13.77 2.26
C GLY C 554 32.07 -13.17 2.69
N THR C 555 32.01 -11.84 2.79
CA THR C 555 30.77 -11.17 3.12
C THR C 555 30.03 -10.69 1.87
N VAL C 556 28.89 -10.03 2.07
CA VAL C 556 28.10 -9.58 0.94
C VAL C 556 27.51 -8.21 1.15
N VAL C 557 27.65 -7.34 0.14
CA VAL C 557 27.05 -6.02 0.23
C VAL C 557 25.75 -6.11 -0.46
N HIS C 558 24.76 -5.44 0.11
CA HIS C 558 23.40 -5.37 -0.42
C HIS C 558 23.01 -3.90 -0.41
N ASP C 559 21.91 -3.56 -1.09
CA ASP C 559 21.33 -2.21 -1.04
C ASP C 559 22.09 -1.08 -1.74
N LEU C 560 23.35 -0.87 -1.36
CA LEU C 560 24.17 0.20 -1.92
C LEU C 560 25.66 -0.06 -1.73
N ALA C 561 26.43 0.26 -2.77
CA ALA C 561 27.89 0.18 -2.69
C ALA C 561 28.47 1.45 -3.34
N ASP C 562 29.61 1.92 -2.84
CA ASP C 562 30.32 3.03 -3.48
C ASP C 562 31.15 2.47 -4.63
N VAL C 563 31.33 3.26 -5.68
CA VAL C 563 32.21 2.93 -6.80
C VAL C 563 33.52 3.62 -6.48
N ILE C 564 34.48 2.87 -5.98
CA ILE C 564 35.75 3.52 -5.62
C ILE C 564 36.65 3.61 -6.81
N ASP C 565 36.93 4.85 -7.20
CA ASP C 565 37.74 5.13 -8.38
C ASP C 565 39.23 5.13 -8.05
N ALA C 566 39.63 5.78 -6.99
CA ALA C 566 41.05 5.87 -6.75
C ALA C 566 41.28 5.83 -5.27
N ILE C 567 42.44 5.32 -4.88
CA ILE C 567 42.83 5.39 -3.50
C ILE C 567 44.21 6.04 -3.41
N ALA C 568 44.46 6.70 -2.28
CA ALA C 568 45.72 7.37 -2.03
C ALA C 568 46.84 6.34 -2.05
N ASP C 569 48.09 6.77 -2.29
CA ASP C 569 49.21 5.84 -2.44
C ASP C 569 49.47 5.02 -1.19
N ASP C 570 49.21 5.58 -0.02
CA ASP C 570 49.44 4.86 1.24
C ASP C 570 48.16 4.15 1.78
N THR C 571 47.12 4.13 0.94
CA THR C 571 45.91 3.35 1.20
C THR C 571 46.16 1.88 0.94
N THR C 572 45.76 1.05 1.89
CA THR C 572 45.85 -0.39 1.73
C THR C 572 44.46 -1.00 1.54
N VAL C 573 44.36 -1.93 0.60
CA VAL C 573 43.07 -2.57 0.30
C VAL C 573 42.98 -3.89 1.01
N LEU C 574 41.99 -4.02 1.89
CA LEU C 574 41.77 -5.25 2.65
C LEU C 574 40.86 -6.23 1.97
N ALA C 575 39.84 -5.73 1.26
CA ALA C 575 38.89 -6.60 0.53
C ALA C 575 38.43 -5.92 -0.77
N THR C 576 38.11 -6.70 -1.78
CA THR C 576 37.60 -6.18 -3.05
C THR C 576 36.26 -6.78 -3.37
N PHE C 577 35.50 -6.06 -4.17
CA PHE C 577 34.25 -6.63 -4.68
C PHE C 577 34.56 -7.69 -5.68
N GLU C 578 33.67 -8.67 -5.73
CA GLU C 578 33.77 -9.70 -6.72
C GLU C 578 32.46 -9.73 -7.48
N ALA C 579 32.55 -9.38 -8.75
CA ALA C 579 31.35 -9.28 -9.54
C ALA C 579 31.61 -9.79 -10.92
N ASP C 580 30.50 -9.92 -11.66
CA ASP C 580 30.52 -10.15 -13.08
C ASP C 580 31.25 -8.96 -13.68
N PRO C 581 32.27 -9.24 -14.48
CA PRO C 581 33.07 -8.12 -14.99
C PRO C 581 32.26 -7.06 -15.71
N ALA C 582 31.18 -7.42 -16.40
CA ALA C 582 30.46 -6.44 -17.23
C ALA C 582 29.87 -5.34 -16.37
N THR C 583 29.87 -5.57 -15.06
CA THR C 583 29.30 -4.62 -14.09
C THR C 583 30.24 -3.45 -13.79
N GLY C 584 31.52 -3.66 -14.09
CA GLY C 584 32.49 -2.64 -13.85
C GLY C 584 32.85 -2.50 -12.40
N MET C 585 32.42 -3.48 -11.59
CA MET C 585 32.74 -3.50 -10.15
C MET C 585 33.74 -4.61 -9.76
N ASP C 586 33.98 -5.56 -10.64
CA ASP C 586 34.80 -6.68 -10.28
C ASP C 586 36.23 -6.19 -9.96
N GLY C 587 36.71 -6.58 -8.79
CA GLY C 587 38.04 -6.26 -8.33
C GLY C 587 38.20 -4.88 -7.73
N ARG C 588 37.14 -4.11 -7.75
CA ARG C 588 37.14 -2.80 -7.13
C ARG C 588 37.37 -2.87 -5.62
N ALA C 589 37.75 -1.76 -5.03
CA ALA C 589 38.01 -1.71 -3.59
C ALA C 589 36.71 -1.64 -2.76
N ALA C 590 36.64 -2.48 -1.72
CA ALA C 590 35.43 -2.65 -0.87
C ALA C 590 35.68 -2.30 0.62
N ILE C 591 36.83 -2.71 1.15
CA ILE C 591 37.24 -2.31 2.48
C ILE C 591 38.70 -1.87 2.42
N THR C 592 38.96 -0.65 2.87
CA THR C 592 40.33 -0.09 2.84
C THR C 592 40.70 0.45 4.19
N VAL C 593 42.01 0.56 4.40
CA VAL C 593 42.51 1.19 5.58
C VAL C 593 43.63 2.13 5.20
N HIS C 594 43.69 3.27 5.86
CA HIS C 594 44.58 4.34 5.44
C HIS C 594 45.15 5.13 6.61
N PRO C 595 46.49 5.20 6.70
CA PRO C 595 47.13 6.00 7.76
C PRO C 595 47.07 7.52 7.53
N TYR C 596 46.80 8.29 8.59
CA TYR C 596 46.84 9.76 8.53
C TYR C 596 47.46 10.33 9.79
N HIS C 597 48.74 10.64 9.66
CA HIS C 597 49.62 11.01 10.76
C HIS C 597 49.58 9.86 11.76
N GLU C 598 49.12 10.09 12.98
CA GLU C 598 49.13 9.01 13.99
C GLU C 598 47.93 8.00 13.99
N GLY C 599 46.74 8.40 13.53
CA GLY C 599 45.67 7.43 13.23
C GLY C 599 45.90 6.89 11.82
N GLY C 600 44.90 6.31 11.13
CA GLY C 600 43.75 5.66 11.73
C GLY C 600 42.42 5.74 10.96
N VAL C 601 42.32 5.38 9.68
CA VAL C 601 40.97 5.33 9.03
C VAL C 601 40.67 4.15 8.14
N ALA C 602 39.62 3.40 8.47
CA ALA C 602 39.14 2.28 7.65
C ALA C 602 37.87 2.68 6.94
N TYR C 603 37.77 2.31 5.67
CA TYR C 603 36.60 2.67 4.87
C TYR C 603 35.83 1.40 4.47
N ILE C 604 34.51 1.46 4.66
CA ILE C 604 33.61 0.34 4.38
C ILE C 604 32.57 0.75 3.33
N ALA C 605 32.80 0.27 2.10
CA ALA C 605 32.23 0.91 0.92
C ALA C 605 30.87 0.34 0.52
N GLY C 606 30.11 -0.11 1.52
CA GLY C 606 28.78 -0.66 1.33
C GLY C 606 28.11 -1.18 2.59
N LYS C 607 26.80 -1.40 2.51
CA LYS C 607 26.05 -1.97 3.62
C LYS C 607 26.34 -3.46 3.70
N LEU C 608 26.97 -3.85 4.80
CA LEU C 608 27.37 -5.23 5.07
C LEU C 608 26.39 -5.98 5.96
N GLY C 609 25.67 -5.20 6.79
CA GLY C 609 24.84 -5.74 7.86
C GLY C 609 25.59 -6.05 9.17
N ARG C 610 24.86 -6.24 10.26
CA ARG C 610 25.46 -6.74 11.51
C ARG C 610 26.53 -7.82 11.27
N ASP C 611 26.18 -8.85 10.51
CA ASP C 611 27.00 -10.04 10.40
C ASP C 611 28.20 -9.86 9.49
N GLY C 612 28.05 -8.95 8.53
CA GLY C 612 29.13 -8.64 7.60
C GLY C 612 30.19 -7.77 8.22
N ILE C 613 29.75 -6.76 8.93
CA ILE C 613 30.62 -5.98 9.77
C ILE C 613 31.34 -6.87 10.81
N SER C 614 30.59 -7.74 11.44
CA SER C 614 31.10 -8.52 12.55
C SER C 614 32.09 -9.51 12.01
N GLN C 615 31.86 -9.94 10.80
CA GLN C 615 32.78 -10.92 10.28
C GLN C 615 34.03 -10.23 9.75
N SER C 616 33.94 -8.95 9.43
CA SER C 616 35.10 -8.22 8.89
C SER C 616 35.95 -7.57 9.98
N LEU C 617 35.37 -7.47 11.17
CA LEU C 617 35.89 -6.60 12.20
C LEU C 617 37.31 -7.01 12.59
N PRO C 618 37.54 -8.31 12.71
CA PRO C 618 38.89 -8.70 13.09
C PRO C 618 39.96 -8.12 12.17
N GLU C 619 39.85 -8.33 10.88
CA GLU C 619 40.83 -7.85 9.90
C GLU C 619 40.93 -6.31 9.88
N ILE C 620 39.81 -5.62 9.98
CA ILE C 620 39.88 -4.18 9.99
C ILE C 620 40.63 -3.62 11.23
N CYS C 621 40.26 -4.15 12.37
CA CYS C 621 40.86 -3.80 13.62
C CYS C 621 42.35 -4.16 13.65
N ALA C 622 42.71 -5.32 13.13
CA ALA C 622 44.12 -5.65 13.11
C ALA C 622 44.89 -4.61 12.32
N ALA C 623 44.39 -4.20 11.16
CA ALA C 623 45.10 -3.26 10.32
C ALA C 623 45.11 -1.86 10.96
N LEU C 624 44.08 -1.54 11.75
CA LEU C 624 44.03 -0.25 12.42
C LEU C 624 44.83 -0.26 13.72
N GLY C 625 45.20 -1.44 14.18
CA GLY C 625 45.83 -1.58 15.49
C GLY C 625 44.92 -1.36 16.71
N PHE C 626 43.77 -2.03 16.70
CA PHE C 626 42.78 -2.01 17.77
C PHE C 626 42.58 -3.45 18.22
N GLU C 627 42.92 -3.78 19.47
CA GLU C 627 42.83 -5.18 19.88
C GLU C 627 41.40 -5.68 19.83
N LEU C 628 41.25 -6.92 19.42
CA LEU C 628 39.93 -7.49 19.23
C LEU C 628 40.08 -8.97 19.42
N ASP C 629 39.21 -9.56 20.24
CA ASP C 629 39.13 -11.02 20.35
C ASP C 629 38.55 -11.57 19.06
N ALA C 630 39.34 -12.40 18.38
CA ALA C 630 38.90 -12.95 17.09
C ALA C 630 37.89 -14.09 17.23
N ASP C 631 37.58 -14.47 18.45
CA ASP C 631 36.70 -15.60 18.68
C ASP C 631 35.30 -15.06 18.68
N PRO C 632 34.40 -15.80 18.02
CA PRO C 632 32.96 -15.50 18.01
C PRO C 632 32.28 -15.61 19.36
N ARG C 633 32.70 -16.56 20.21
CA ARG C 633 32.10 -16.64 21.55
C ARG C 633 32.20 -15.28 22.24
N ALA C 634 33.21 -14.48 21.88
CA ALA C 634 33.46 -13.29 22.67
C ALA C 634 32.17 -12.51 22.84
N GLY C 635 31.26 -12.60 21.86
CA GLY C 635 30.01 -11.87 21.88
C GLY C 635 28.88 -12.63 22.56
N ASP C 636 29.13 -13.89 22.96
CA ASP C 636 28.10 -14.65 23.69
C ASP C 636 27.54 -13.85 24.89
N VAL C 637 28.37 -13.17 25.66
CA VAL C 637 27.74 -12.34 26.69
C VAL C 637 28.11 -10.88 26.54
N LEU C 638 27.13 -10.02 26.77
CA LEU C 638 27.39 -8.60 26.77
C LEU C 638 27.75 -8.15 28.20
N ARG C 639 28.85 -7.41 28.33
CA ARG C 639 29.27 -6.90 29.62
C ARG C 639 29.14 -5.39 29.63
N VAL C 640 28.36 -4.91 30.58
CA VAL C 640 28.10 -3.50 30.75
C VAL C 640 28.56 -3.10 32.14
N VAL C 641 29.38 -2.06 32.22
CA VAL C 641 30.06 -1.64 33.46
C VAL C 641 29.79 -0.17 33.86
N ARG C 642 29.40 0.00 35.13
CA ARG C 642 29.15 1.31 35.70
C ARG C 642 30.18 1.51 36.82
N GLU C 643 30.67 2.73 36.96
CA GLU C 643 31.77 3.03 37.89
C GLU C 643 31.43 4.21 38.79
N GLN C 644 31.58 4.05 40.11
CA GLN C 644 31.47 5.16 41.09
C GLN C 644 32.77 5.99 41.12
N GLU C 645 32.65 7.28 41.46
CA GLU C 645 33.83 8.11 41.66
C GLU C 645 34.78 7.50 42.67
N ASP C 646 34.22 6.91 43.73
CA ASP C 646 34.98 6.22 44.79
C ASP C 646 35.73 4.92 44.41
N GLY C 647 35.49 4.36 43.24
CA GLY C 647 36.21 3.18 42.80
C GLY C 647 35.36 1.92 42.82
N ALA C 648 34.14 2.04 43.33
CA ALA C 648 33.19 0.94 43.22
C ALA C 648 32.86 0.66 41.73
N ILE C 649 32.82 -0.62 41.37
CA ILE C 649 32.45 -1.07 40.03
C ILE C 649 31.26 -2.06 40.03
N PHE C 650 30.23 -1.71 39.28
CA PHE C 650 29.09 -2.58 39.08
C PHE C 650 29.13 -3.14 37.66
N GLU C 651 29.36 -4.46 37.54
CA GLU C 651 29.43 -5.13 36.25
C GLU C 651 28.23 -6.05 36.03
N PHE C 652 27.41 -5.76 35.02
CA PHE C 652 26.31 -6.64 34.64
C PHE C 652 26.73 -7.46 33.42
N LEU C 653 26.38 -8.75 33.45
CA LEU C 653 26.59 -9.70 32.35
C LEU C 653 25.24 -10.11 31.81
N PHE C 654 25.07 -10.16 30.48
CA PHE C 654 23.80 -10.54 29.86
C PHE C 654 24.00 -11.59 28.77
N ASN C 655 23.24 -12.68 28.81
CA ASN C 655 23.24 -13.66 27.71
C ASN C 655 22.60 -13.11 26.43
N ARG C 656 23.37 -13.10 25.35
CA ARG C 656 22.94 -12.59 24.06
C ARG C 656 22.41 -13.68 23.15
N THR C 657 22.56 -14.94 23.56
CA THR C 657 22.25 -16.07 22.75
C THR C 657 20.99 -16.86 23.23
N ARG C 658 20.72 -17.97 22.55
CA ARG C 658 19.53 -18.75 22.81
C ARG C 658 19.88 -20.08 23.36
N ASN C 659 21.13 -20.21 23.76
CA ASN C 659 21.60 -21.42 24.41
C ASN C 659 22.33 -21.00 25.71
N THR C 660 22.50 -21.94 26.63
CA THR C 660 23.17 -21.60 27.86
C THR C 660 24.63 -21.23 27.61
N VAL C 661 25.09 -20.20 28.32
CA VAL C 661 26.46 -19.76 28.20
C VAL C 661 27.15 -19.73 29.55
N THR C 662 28.45 -19.85 29.43
CA THR C 662 29.36 -19.86 30.54
C THR C 662 30.35 -18.75 30.34
N ALA C 663 30.59 -17.93 31.36
CA ALA C 663 31.60 -16.85 31.32
C ALA C 663 32.52 -16.79 32.54
N ASP C 664 33.67 -16.14 32.34
CA ASP C 664 34.56 -15.85 33.47
C ASP C 664 33.78 -15.06 34.53
N ARG C 665 33.89 -15.45 35.79
CA ARG C 665 33.18 -14.76 36.83
C ARG C 665 33.84 -13.42 37.19
N PRO C 666 33.10 -12.32 37.25
CA PRO C 666 33.81 -11.14 37.75
C PRO C 666 34.17 -11.23 39.24
N ALA C 667 35.13 -10.44 39.68
CA ALA C 667 35.43 -10.40 41.10
C ALA C 667 34.39 -9.53 41.77
N GLY C 668 34.17 -9.74 43.05
CA GLY C 668 33.25 -8.91 43.81
C GLY C 668 32.07 -9.69 44.34
N ASP C 669 31.09 -8.98 44.87
CA ASP C 669 29.95 -9.61 45.47
C ASP C 669 28.84 -9.65 44.48
N MET C 670 28.22 -10.82 44.33
CA MET C 670 27.06 -11.00 43.45
C MET C 670 25.76 -10.31 43.98
N LEU C 671 25.12 -9.46 43.18
CA LEU C 671 24.04 -8.64 43.70
C LEU C 671 22.67 -9.10 43.21
N ILE C 672 22.65 -9.67 42.02
CA ILE C 672 21.43 -9.89 41.26
C ILE C 672 21.68 -11.08 40.38
N CYS C 673 20.70 -11.97 40.29
CA CYS C 673 20.75 -13.00 39.25
C CYS C 673 19.35 -13.44 38.83
N SER C 674 19.13 -13.45 37.51
CA SER C 674 17.88 -13.93 36.94
C SER C 674 18.25 -14.90 35.85
N LEU C 675 17.69 -16.08 35.90
CA LEU C 675 18.04 -17.15 34.97
C LEU C 675 19.55 -17.33 34.90
N ALA C 676 20.22 -17.31 36.04
CA ALA C 676 21.67 -17.45 36.04
C ALA C 676 22.23 -17.96 37.35
N THR C 677 23.39 -18.57 37.26
CA THR C 677 23.96 -19.26 38.37
C THR C 677 25.33 -18.75 38.65
N ASP C 678 25.50 -18.17 39.82
CA ASP C 678 26.82 -17.87 40.32
C ASP C 678 27.50 -19.14 40.68
N SER C 679 28.79 -19.25 40.41
CA SER C 679 29.62 -20.27 41.04
C SER C 679 30.92 -19.56 41.36
N THR C 680 31.86 -20.26 41.97
CA THR C 680 33.04 -19.57 42.46
C THR C 680 34.07 -19.53 41.33
N ASP C 681 34.01 -20.49 40.42
CA ASP C 681 34.91 -20.54 39.26
C ASP C 681 34.43 -19.59 38.16
N LYS C 682 33.30 -19.97 37.58
CA LYS C 682 32.78 -19.38 36.37
C LYS C 682 31.30 -19.19 36.58
N VAL C 683 30.68 -18.45 35.68
CA VAL C 683 29.28 -18.10 35.82
C VAL C 683 28.43 -18.78 34.71
N THR C 684 27.16 -19.07 34.99
CA THR C 684 26.30 -19.74 34.02
C THR C 684 25.06 -18.91 33.79
N LEU C 685 24.78 -18.56 32.53
CA LEU C 685 23.56 -17.82 32.23
C LEU C 685 22.67 -18.60 31.30
N GLU C 686 21.38 -18.60 31.58
CA GLU C 686 20.40 -19.18 30.67
C GLU C 686 20.03 -18.18 29.61
N PRO C 687 19.28 -18.61 28.61
CA PRO C 687 18.71 -17.60 27.73
C PRO C 687 17.98 -16.57 28.55
N ASN C 688 18.17 -15.30 28.21
CA ASN C 688 17.51 -14.21 28.90
C ASN C 688 17.97 -13.95 30.35
N GLY C 689 19.09 -14.53 30.75
CA GLY C 689 19.56 -14.32 32.09
C GLY C 689 20.45 -13.11 32.21
N VAL C 690 20.47 -12.52 33.40
CA VAL C 690 21.36 -11.41 33.72
C VAL C 690 21.99 -11.63 35.09
N LEU C 691 23.25 -11.23 35.24
CA LEU C 691 23.95 -11.31 36.53
C LEU C 691 24.56 -9.96 36.79
N ALA C 692 24.72 -9.59 38.08
CA ALA C 692 25.38 -8.33 38.47
C ALA C 692 26.34 -8.50 39.64
N PHE C 693 27.52 -7.86 39.59
CA PHE C 693 28.55 -7.94 40.65
C PHE C 693 29.07 -6.56 41.09
N ARG C 694 29.37 -6.36 42.37
CA ARG C 694 30.09 -5.18 42.84
C ARG C 694 31.47 -5.55 43.27
N ARG C 695 32.43 -4.75 42.81
CA ARG C 695 33.89 -4.96 42.88
C ARG C 695 34.45 -3.58 43.10
C1 GAL D . -24.47 -6.94 -6.50
C2 GAL D . -25.50 -5.82 -6.78
C3 GAL D . -25.91 -5.85 -8.26
C4 GAL D . -24.66 -5.91 -9.13
C5 GAL D . -23.87 -7.14 -8.71
C6 GAL D . -22.56 -7.46 -9.39
O1 GAL D . -23.76 -6.78 -5.29
O2 GAL D . -26.67 -5.94 -6.00
O3 GAL D . -26.77 -4.77 -8.63
O4 GAL D . -23.97 -4.72 -8.81
O5 GAL D . -23.41 -6.89 -7.41
O6 GAL D . -21.83 -8.43 -8.62
H1 GAL D . -24.95 -7.92 -6.53
H2 GAL D . -25.03 -4.86 -6.57
H3 GAL D . -26.40 -6.80 -8.47
H4 GAL D . -24.97 -5.88 -10.18
H5 GAL D . -24.52 -8.02 -8.80
H61 GAL D . -21.98 -6.55 -9.50
H62 GAL D . -22.75 -7.87 -10.38
HO1 GAL D . -24.07 -5.95 -4.85
HO2 GAL D . -26.60 -6.73 -5.42
HO3 GAL D . -26.93 -4.21 -7.85
HO4 GAL D . -24.49 -4.21 -8.14
HO6 GAL D . -22.36 -8.67 -7.82
C1 PGE E . -10.48 -18.07 3.60
O1 PGE E . -9.62 -17.24 4.45
C2 PGE E . -11.87 -17.47 3.28
O2 PGE E . -11.82 -16.36 2.37
C3 PGE E . -13.04 -16.05 1.73
C4 PGE E . -13.00 -14.66 1.09
O4 PGE E . -10.09 -11.21 1.21
C6 PGE E . -11.00 -11.71 2.20
C5 PGE E . -12.15 -12.47 1.52
O3 PGE E . -11.97 -13.87 1.70
H1 PGE E . -10.48 -12.37 2.89
H12 PGE E . -11.41 -10.88 2.78
HO1 PGE E . -9.38 -10.73 1.66
H2 PGE E . -13.11 -12.17 1.94
H22 PGE E . -12.16 -12.25 0.46
H3 PGE E . -13.97 -14.16 1.20
H32 PGE E . -12.79 -14.75 0.02
H4 PGE E . -13.85 -16.08 2.46
H42 PGE E . -13.25 -16.80 0.96
HO4 PGE E . -8.77 -17.69 4.59
H6 PGE E . -10.62 -19.03 4.10
H62 PGE E . -9.96 -18.26 2.67
H5 PGE E . -12.35 -17.15 4.22
H52 PGE E . -12.51 -18.25 2.85
C1 PGE F . -51.47 -6.39 -16.08
O1 PGE F . -52.22 -6.90 -17.20
C2 PGE F . -50.03 -6.14 -16.51
O2 PGE F . -50.03 -4.91 -17.23
C3 PGE F . -48.70 -4.39 -17.46
C4 PGE F . -48.81 -2.86 -17.57
O4 PGE F . -50.01 -0.84 -14.06
C6 PGE F . -49.57 -0.09 -15.23
C5 PGE F . -49.73 -0.92 -16.50
O3 PGE F . -49.18 -2.24 -16.32
H1 PGE F . -50.15 0.82 -15.31
H12 PGE F . -48.51 0.18 -15.11
HO1 PGE F . -49.90 -0.31 -13.28
H2 PGE F . -50.80 -0.99 -16.76
H22 PGE F . -49.23 -0.42 -17.32
H3 PGE F . -49.56 -2.61 -18.34
H32 PGE F . -47.86 -2.46 -17.90
H4 PGE F . -48.29 -4.81 -18.37
H42 PGE F . -48.05 -4.66 -16.63
HO4 PGE F . -53.14 -7.06 -16.92
H6 PGE F . -51.50 -7.10 -15.25
H62 PGE F . -51.92 -5.45 -15.74
H5 PGE F . -49.68 -6.95 -17.14
H52 PGE F . -49.38 -6.06 -15.62
C1 PGE G . -7.64 -22.42 37.56
O1 PGE G . -7.90 -23.09 38.81
C2 PGE G . -8.74 -22.69 36.53
O2 PGE G . -9.56 -21.54 36.44
C3 PGE G . -10.91 -21.92 36.19
C4 PGE G . -11.77 -21.46 37.37
O4 PGE G . -14.35 -20.73 39.63
C6 PGE G . -14.34 -19.92 38.43
C5 PGE G . -12.89 -19.53 38.13
O3 PGE G . -12.36 -20.22 36.99
H1 PGE G . -14.76 -20.48 37.60
H12 PGE G . -14.95 -19.02 38.58
HO1 PGE G . -15.26 -20.98 39.84
H2 PGE G . -12.84 -18.45 37.95
H22 PGE G . -12.28 -19.75 39.00
H3 PGE G . -11.15 -21.33 38.26
H32 PGE G . -12.55 -22.19 37.58
H4 PGE G . -10.98 -23.00 36.08
H42 PGE G . -11.26 -21.45 35.27
HO4 PGE G . -7.20 -22.90 39.43
H6 PGE G . -6.67 -22.77 37.16
H62 PGE G . -7.55 -21.35 37.73
H5 PGE G . -9.33 -23.56 36.84
H52 PGE G . -8.29 -22.92 35.55
C1 PEG H . -35.79 -23.24 13.81
O1 PEG H . -36.38 -22.29 14.70
C2 PEG H . -34.33 -23.39 14.20
O2 PEG H . -34.11 -24.57 14.97
C3 PEG H . -34.01 -24.29 16.37
C4 PEG H . -34.30 -25.59 17.15
O4 PEG H . -35.54 -25.63 17.92
H11 PEG H . -33.48 -25.78 17.83
H12 PEG H . -34.31 -26.42 16.44
HO1 PEG H . -35.62 -26.48 18.36
H21 PEG H . -34.73 -23.52 16.65
H22 PEG H . -33.01 -23.93 16.62
H31 PEG H . -34.01 -22.52 14.78
H32 PEG H . -33.71 -23.43 13.30
H41 PEG H . -35.87 -22.88 12.79
H42 PEG H . -36.30 -24.20 13.90
HO4 PEG H . -37.31 -22.17 14.49
C1 PEG I . -35.51 19.78 -1.94
O1 PEG I . -35.53 20.08 -0.52
C2 PEG I . -36.19 18.40 -2.19
O2 PEG I . -37.61 18.53 -2.19
C3 PEG I . -38.29 17.68 -3.11
C4 PEG I . -39.76 17.62 -2.69
O4 PEG I . -40.41 18.81 -3.18
H11 PEG I . -39.84 17.58 -1.61
H12 PEG I . -40.23 16.74 -3.12
HO1 PEG I . -41.35 18.79 -2.91
H21 PEG I . -37.85 16.68 -3.08
H22 PEG I . -38.20 18.06 -4.13
H31 PEG I . -35.89 17.70 -1.42
H32 PEG I . -35.86 18.01 -3.16
H41 PEG I . -34.48 19.75 -2.29
H42 PEG I . -36.04 20.55 -2.50
HO4 PEG I . -35.12 20.94 -0.37
C1 GOL J . -19.41 -6.56 -3.29
O1 GOL J . -18.43 -5.83 -4.12
C2 GOL J . -20.58 -7.13 -4.16
O2 GOL J . -20.85 -6.42 -5.42
C3 GOL J . -21.80 -7.28 -3.22
O3 GOL J . -22.34 -8.64 -3.09
H11 GOL J . -22.59 -6.62 -3.58
H12 GOL J . -21.51 -6.92 -2.22
HO1 GOL J . -23.06 -8.65 -2.42
H2 GOL J . -20.28 -8.14 -4.43
HO2 GOL J . -21.09 -5.49 -5.21
H31 GOL J . -19.82 -5.89 -2.53
H32 GOL J . -18.91 -7.37 -2.77
HO3 GOL J . -17.63 -5.63 -3.58
C1 GAL K . 13.32 14.67 -17.91
C2 GAL K . 12.91 16.12 -17.62
C3 GAL K . 14.20 16.75 -17.10
C4 GAL K . 14.64 15.92 -15.91
C5 GAL K . 14.81 14.43 -16.23
C6 GAL K . 15.20 13.62 -15.00
O1 GAL K . 12.32 14.06 -18.67
O2 GAL K . 12.44 16.81 -18.77
O3 GAL K . 13.95 18.05 -16.67
O4 GAL K . 13.62 16.11 -14.96
O5 GAL K . 13.57 13.97 -16.72
O6 GAL K . 15.57 12.28 -15.28
H1 GAL K . 14.24 14.69 -18.49
H2 GAL K . 12.14 16.11 -16.86
H3 GAL K . 14.92 16.76 -17.91
H4 GAL K . 15.57 16.33 -15.53
H5 GAL K . 15.59 14.33 -16.97
H61 GAL K . 14.36 13.57 -14.32
H62 GAL K . 16.02 14.13 -14.48
HO1 GAL K . 11.60 14.71 -18.83
HO2 GAL K . 12.47 16.20 -19.55
HO3 GAL K . 13.01 18.26 -16.80
HO4 GAL K . 12.94 16.70 -15.32
HO6 GAL K . 15.51 12.11 -16.24
C1 PGE L . 7.57 -5.25 -17.63
O1 PGE L . 7.09 -6.53 -18.06
C2 PGE L . 8.97 -5.02 -18.18
O2 PGE L . 8.96 -3.68 -18.68
C3 PGE L . 10.07 -2.86 -18.30
C4 PGE L . 9.61 -1.40 -18.03
O4 PGE L . 7.05 -0.97 -14.51
C6 PGE L . 7.63 0.19 -15.17
C5 PGE L . 8.14 -0.06 -16.63
O3 PGE L . 8.93 -1.26 -16.77
H1 PGE L . 6.87 0.99 -15.19
H12 PGE L . 8.46 0.56 -14.57
HO1 PGE L . 6.76 -0.73 -13.62
H2 PGE L . 7.28 -0.13 -17.30
H22 PGE L . 8.74 0.79 -16.94
H3 PGE L . 8.94 -1.07 -18.82
H32 PGE L . 10.48 -0.75 -18.03
H4 PGE L . 10.81 -2.85 -19.11
H42 PGE L . 10.54 -3.26 -17.41
HO4 PGE L . 6.20 -6.68 -17.71
H6 PGE L . 7.59 -5.22 -16.53
H62 PGE L . 6.89 -4.47 -17.98
H5 PGE L . 9.19 -5.72 -18.99
H52 PGE L . 9.72 -5.13 -17.39
C1 PEG M . -16.40 -16.92 -36.80
O1 PEG M . -17.62 -17.54 -36.36
C2 PEG M . -15.33 -17.56 -35.86
O2 PEG M . -15.15 -18.98 -36.08
C3 PEG M . -15.59 -19.92 -35.09
C4 PEG M . -15.99 -21.23 -35.76
O4 PEG M . -17.07 -20.89 -36.66
H11 PEG M . -16.34 -21.96 -35.02
H12 PEG M . -15.15 -21.67 -36.31
HO1 PEG M . -17.37 -21.68 -37.13
H21 PEG M . -16.43 -19.51 -34.54
H22 PEG M . -14.78 -20.11 -34.38
H31 PEG M . -15.62 -17.39 -34.83
H32 PEG M . -14.37 -17.05 -36.03
H41 PEG M . -16.44 -15.84 -36.67
H42 PEG M . -16.21 -17.16 -37.84
HO4 PEG M . -18.36 -17.20 -36.88
C1 GAL N . 3.93 5.81 25.64
C2 GAL N . 2.90 6.90 25.95
C3 GAL N . 1.90 6.23 26.92
C4 GAL N . 1.32 5.04 26.18
C5 GAL N . 2.48 4.09 25.80
C6 GAL N . 2.11 2.75 25.18
O1 GAL N . 5.00 6.25 24.89
O2 GAL N . 3.54 8.06 26.48
O3 GAL N . 0.80 7.00 27.39
O4 GAL N . 0.63 5.53 25.04
O5 GAL N . 3.29 4.80 24.90
O6 GAL N . 3.29 2.04 24.85
H1 GAL N . 4.28 5.39 26.57
H2 GAL N . 2.39 7.17 25.03
H3 GAL N . 2.46 5.84 27.76
H4 GAL N . 0.62 4.53 26.84
H5 GAL N . 3.07 3.90 26.70
H61 GAL N . 1.49 2.92 24.30
H62 GAL N . 1.52 2.17 25.89
HO1 GAL N . 4.90 7.21 24.70
HO2 GAL N . 4.51 7.89 26.53
HO3 GAL N . 0.85 7.90 27.01
HO4 GAL N . 0.70 6.51 25.01
HO6 GAL N . 4.08 2.57 25.09
ZN ZN O . -7.44 13.82 1.13
C1 PEG P . 41.86 12.63 -2.10
O1 PEG P . 40.86 13.56 -1.67
C2 PEG P . 41.31 11.21 -1.94
O2 PEG P . 41.50 10.51 -3.15
C3 PEG P . 42.73 9.77 -3.26
C4 PEG P . 43.02 9.69 -4.77
O4 PEG P . 44.40 9.35 -4.99
H11 PEG P . 42.80 10.65 -5.25
H12 PEG P . 42.39 8.93 -5.23
HO1 PEG P . 44.56 9.31 -5.94
H21 PEG P . 42.62 8.77 -2.84
H22 PEG P . 43.54 10.28 -2.75
H31 PEG P . 40.26 11.24 -1.68
H32 PEG P . 41.85 10.69 -1.12
H41 PEG P . 42.76 12.75 -1.49
H42 PEG P . 42.12 12.81 -3.14
HO4 PEG P . 41.19 14.47 -1.77
C1 PGE Q . 15.47 -3.22 11.55
O1 PGE Q . 16.38 -3.27 10.43
C2 PGE Q . 16.19 -3.77 12.80
O2 PGE Q . 15.88 -2.88 13.85
C3 PGE Q . 14.66 -3.19 14.50
C4 PGE Q . 13.91 -1.89 14.76
O4 PGE Q . 10.41 -0.85 11.93
C6 PGE Q . 11.84 -0.61 11.91
C5 PGE Q . 12.47 -0.45 13.31
O3 PGE Q . 12.93 -1.77 13.70
H1 PGE Q . 12.32 -1.43 11.39
H12 PGE Q . 12.03 0.30 11.34
HO1 PGE Q . 10.08 -0.94 11.03
H2 PGE Q . 13.32 0.23 13.27
H22 PGE Q . 11.74 -0.08 14.03
H3 PGE Q . 14.59 -1.04 14.73
H32 PGE Q . 13.42 -1.92 15.73
H4 PGE Q . 14.86 -3.69 15.44
H42 PGE Q . 14.06 -3.84 13.87
HO4 PGE Q . 15.95 -2.92 9.64
H6 PGE Q . 14.59 -3.83 11.34
H62 PGE Q . 15.15 -2.20 11.73
H5 PGE Q . 17.27 -3.81 12.63
H52 PGE Q . 15.84 -4.79 13.03
C1 PEG R . -2.82 19.02 48.86
O1 PEG R . -2.93 19.96 47.76
C2 PEG R . -2.66 17.55 48.39
O2 PEG R . -2.33 16.77 49.55
C3 PEG R . -1.48 15.63 49.35
C4 PEG R . -0.85 15.23 50.68
O4 PEG R . 0.46 15.80 50.78
H11 PEG R . -0.79 14.14 50.74
H12 PEG R . -1.47 15.59 51.51
HO1 PEG R . 0.86 15.54 51.62
H21 PEG R . -0.70 15.86 48.64
H22 PEG R . -2.07 14.79 48.96
H31 PEG R . -1.86 17.48 47.65
H32 PEG R . -3.59 17.19 47.96
H41 PEG R . -3.70 19.11 49.48
H42 PEG R . -1.96 19.30 49.47
HO4 PEG R . -3.03 20.85 48.11
C1 PEG S . -7.37 32.75 28.85
O1 PEG S . -8.65 33.31 29.24
C2 PEG S . -7.67 31.66 27.82
O2 PEG S . -8.92 31.96 27.18
C3 PEG S . -9.04 31.21 25.99
C4 PEG S . -9.41 32.19 24.89
O4 PEG S . -8.42 32.01 23.89
H11 PEG S . -9.40 33.22 25.26
H12 PEG S . -10.40 31.97 24.49
HO1 PEG S . -8.59 32.60 23.15
H21 PEG S . -9.82 30.46 26.10
H22 PEG S . -8.10 30.71 25.76
H31 PEG S . -7.72 30.69 28.31
H32 PEG S . -6.87 31.63 27.08
H41 PEG S . -6.87 32.32 29.72
H42 PEG S . -6.75 33.52 28.42
HO4 PEG S . -8.51 34.01 29.89
C1 PGE T . 48.68 -2.39 9.13
O1 PGE T . 49.10 -3.67 9.63
C2 PGE T . 48.41 -2.45 7.60
O2 PGE T . 47.76 -1.27 7.10
C3 PGE T . 48.33 -0.09 7.72
C4 PGE T . 47.49 1.20 7.56
O4 PGE T . 47.94 3.14 11.73
C6 PGE T . 46.86 2.62 10.95
C5 PGE T . 47.41 1.52 10.02
O3 PGE T . 46.72 1.53 8.75
H1 PGE T . 46.09 2.20 11.60
H12 PGE T . 46.41 3.42 10.35
HO1 PGE T . 47.61 3.83 12.31
H2 PGE T . 48.48 1.68 9.86
H22 PGE T . 47.28 0.55 10.49
H3 PGE T . 46.81 1.07 6.73
H32 PGE T . 48.16 2.03 7.33
H4 PGE T . 49.33 0.09 7.29
H42 PGE T . 48.47 -0.28 8.79
HO4 PGE T . 49.26 -3.62 10.58
H6 PGE T . 49.46 -1.65 9.33
H62 PGE T . 47.78 -2.08 9.65
H5 PGE T . 47.78 -3.33 7.38
H52 PGE T . 49.36 -2.59 7.08
#